data_5FPY
#
_entry.id   5FPY
#
_cell.length_a   90.902
_cell.length_b   109.773
_cell.length_c   142.004
_cell.angle_alpha   90.00
_cell.angle_beta   90.00
_cell.angle_gamma   90.00
#
_symmetry.space_group_name_H-M   'P 21 21 21'
#
loop_
_entity.id
_entity.type
_entity.pdbx_description
1 polymer 'SERINE PROTEASE NS3'
2 non-polymer '5-bromo-1-methyl-1H-indole-2-carboxylic acid'
3 water water
#
_entity_poly.entity_id   1
_entity_poly.type   'polypeptide(L)'
_entity_poly.pdbx_seq_one_letter_code
;MGSSHHHHHHSSGLVPRGSHMGSVVIVGRIILSGSGSITAYSQQTRGLLGCIITSLTGRDKNQVEGEVQVVSTATQSFLA
TCVNGVCWTVYHGAGSKTLAGPKGPITQMYTNVDQDLVGWQAPPGARSLTPCTCGSSDLYLVTRHADVIPVRRRGDSRGS
LLSPRPVSYLKGSSGGPLLCPSGHAVGIFRAAVCTRGVAKAVDFVPVESMETTMRSPVFTDNSSPPAVPQSFQVAHLHAP
TGSGKSTKVPAAYAAQGYKVLVLNPSVAATLGFGAYMSKAHGIDPNIRTGVRTITTGAPVTYSTYGKFLADGGCSGGAYD
IIICDECHSTDSTTILGIGTVLDQAETAGARLVVLATATPPGSVTVPHPNIEEVALSNTGEIPFYGKAIPIEAIRGGRHL
IFCHSKKKCDELAAKLSGLGINAVAYYRGLDVSVIPTIGDVVVVATDALMTGYTGDFDSVIDCNTCVTQTVDFSLDPTFT
IETTTVPQDAVSRSQRRGRTGRGRRGIYRFVTPGERPSGMFDSSVLCECYDAGCAWYELTPAETSVRLRAYLNTPGLPVC
QDHLEFWESVFTGLTHIDAHFLSQTKQAGDNFPYLVAYQATVCARAQAPPPSWDQMWKCLIRLKPTLHGPTPLLYRLGAV
QNEVTLTHPITKYIMACMSADLEVVT
;
_entity_poly.pdbx_strand_id   A,B
#
loop_
_chem_comp.id
_chem_comp.type
_chem_comp.name
_chem_comp.formula
R2N non-polymer '5-bromo-1-methyl-1H-indole-2-carboxylic acid' 'C10 H8 Br N O2'
#
# COMPACT_ATOMS: atom_id res chain seq x y z
N GLY A 22 -13.21 17.47 -0.85
CA GLY A 22 -12.51 18.43 -1.69
C GLY A 22 -12.54 18.17 -3.20
N SER A 23 -11.94 19.07 -3.99
CA SER A 23 -11.88 18.99 -5.45
C SER A 23 -10.71 18.10 -5.93
N VAL A 24 -10.73 17.73 -7.23
CA VAL A 24 -9.61 17.16 -7.98
C VAL A 24 -8.72 18.31 -8.42
N VAL A 25 -7.41 18.16 -8.26
CA VAL A 25 -6.44 19.24 -8.48
C VAL A 25 -5.40 18.82 -9.53
N ILE A 26 -5.16 19.69 -10.53
CA ILE A 26 -4.10 19.48 -11.52
C ILE A 26 -2.80 19.76 -10.80
N VAL A 27 -1.90 18.77 -10.74
CA VAL A 27 -0.64 18.86 -9.98
C VAL A 27 0.56 18.86 -10.94
N GLY A 28 0.28 18.60 -12.21
CA GLY A 28 1.30 18.60 -13.26
C GLY A 28 0.72 18.31 -14.61
N ARG A 29 1.57 17.86 -15.56
CA ARG A 29 1.17 17.58 -16.96
C ARG A 29 2.15 16.65 -17.70
N ILE A 30 1.65 15.86 -18.67
CA ILE A 30 2.49 15.09 -19.61
C ILE A 30 2.49 15.87 -20.93
N ILE A 31 3.68 16.39 -21.34
CA ILE A 31 3.91 17.07 -22.61
C ILE A 31 4.28 16.07 -23.68
N LEU A 32 3.49 16.02 -24.78
CA LEU A 32 3.67 15.09 -25.89
C LEU A 32 4.54 15.72 -26.93
N SER A 33 5.31 14.91 -27.69
CA SER A 33 6.12 15.42 -28.81
C SER A 33 5.19 16.03 -29.89
N GLY A 34 5.69 17.03 -30.59
CA GLY A 34 4.92 17.67 -31.64
C GLY A 34 5.15 17.03 -32.99
N SER A 35 6.34 16.44 -33.19
CA SER A 35 6.79 15.86 -34.46
C SER A 35 7.51 14.50 -34.25
N GLY A 36 7.80 13.81 -35.35
CA GLY A 36 8.48 12.52 -35.36
C GLY A 36 7.77 11.47 -34.53
N SER A 37 8.54 10.52 -33.97
CA SER A 37 8.02 9.48 -33.08
C SER A 37 7.40 10.09 -31.83
N ILE A 38 6.25 9.51 -31.35
CA ILE A 38 5.52 9.92 -30.14
C ILE A 38 6.42 9.68 -28.90
N THR A 39 6.90 10.78 -28.29
CA THR A 39 7.61 10.80 -27.01
C THR A 39 6.90 11.80 -26.09
N ALA A 40 7.27 11.82 -24.79
CA ALA A 40 6.53 12.53 -23.75
C ALA A 40 7.43 12.84 -22.57
N TYR A 41 7.20 13.98 -21.89
CA TYR A 41 7.84 14.30 -20.61
C TYR A 41 6.86 14.86 -19.59
N SER A 42 7.14 14.71 -18.29
CA SER A 42 6.33 15.32 -17.24
C SER A 42 6.77 16.73 -16.81
N GLN A 43 5.82 17.54 -16.32
CA GLN A 43 6.05 18.87 -15.69
C GLN A 43 5.34 18.89 -14.34
N GLN A 44 6.06 18.89 -13.20
CA GLN A 44 5.36 18.98 -11.91
C GLN A 44 5.07 20.44 -11.54
N THR A 45 3.76 20.80 -11.38
CA THR A 45 3.33 22.18 -11.15
C THR A 45 2.96 22.49 -9.67
N ARG A 46 2.70 21.46 -8.85
CA ARG A 46 2.30 21.65 -7.47
C ARG A 46 2.94 20.63 -6.59
N GLY A 47 3.21 21.01 -5.34
CA GLY A 47 3.62 20.06 -4.31
C GLY A 47 2.43 19.55 -3.53
N LEU A 48 2.71 18.82 -2.43
CA LEU A 48 1.69 18.22 -1.57
C LEU A 48 0.84 19.30 -0.89
N LEU A 49 1.50 20.29 -0.27
CA LEU A 49 0.82 21.41 0.40
C LEU A 49 -0.05 22.18 -0.58
N GLY A 50 0.53 22.58 -1.71
CA GLY A 50 -0.17 23.21 -2.82
C GLY A 50 -1.42 22.46 -3.29
N CYS A 51 -1.31 21.11 -3.48
CA CYS A 51 -2.41 20.21 -3.82
C CYS A 51 -3.57 20.33 -2.80
N ILE A 52 -3.27 20.24 -1.48
CA ILE A 52 -4.27 20.19 -0.40
C ILE A 52 -4.98 21.55 -0.19
N ILE A 53 -4.28 22.68 -0.39
CA ILE A 53 -4.97 23.98 -0.32
C ILE A 53 -5.98 24.13 -1.49
N THR A 54 -5.55 23.76 -2.72
CA THR A 54 -6.38 23.85 -3.94
C THR A 54 -7.58 22.89 -3.88
N SER A 55 -7.43 21.74 -3.20
CA SER A 55 -8.47 20.74 -2.99
C SER A 55 -9.58 21.28 -2.11
N LEU A 56 -9.21 22.04 -1.05
CA LEU A 56 -10.16 22.61 -0.09
C LEU A 56 -10.85 23.81 -0.67
N THR A 57 -10.11 24.69 -1.35
CA THR A 57 -10.74 25.95 -1.81
C THR A 57 -11.46 25.78 -3.14
N GLY A 58 -11.06 24.76 -3.90
CA GLY A 58 -11.51 24.56 -5.28
C GLY A 58 -11.05 25.63 -6.23
N ARG A 59 -10.11 26.49 -5.79
CA ARG A 59 -9.66 27.64 -6.56
C ARG A 59 -8.22 27.42 -7.04
N ASP A 60 -8.05 27.26 -8.36
CA ASP A 60 -6.78 27.03 -9.04
C ASP A 60 -6.55 28.11 -10.11
N LYS A 61 -5.73 29.11 -9.73
CA LYS A 61 -5.42 30.26 -10.58
C LYS A 61 -4.29 29.94 -11.56
N ASN A 62 -3.61 28.77 -11.40
CA ASN A 62 -2.58 28.32 -12.34
C ASN A 62 -3.20 28.03 -13.71
N GLN A 63 -2.44 28.34 -14.78
CA GLN A 63 -2.88 28.18 -16.16
C GLN A 63 -2.90 26.71 -16.59
N VAL A 64 -3.90 26.33 -17.38
CA VAL A 64 -4.02 24.98 -17.91
C VAL A 64 -3.32 24.92 -19.27
N GLU A 65 -2.14 24.30 -19.27
CA GLU A 65 -1.33 23.97 -20.43
C GLU A 65 -1.39 22.45 -20.59
N GLY A 66 -1.31 22.01 -21.83
CA GLY A 66 -1.19 20.60 -22.15
C GLY A 66 -2.53 19.92 -22.25
N GLU A 67 -2.55 18.79 -22.96
CA GLU A 67 -3.74 17.97 -23.17
C GLU A 67 -3.92 17.01 -21.99
N VAL A 68 -2.80 16.42 -21.51
CA VAL A 68 -2.80 15.37 -20.48
C VAL A 68 -2.38 15.98 -19.15
N GLN A 69 -3.29 15.98 -18.18
CA GLN A 69 -3.04 16.53 -16.86
C GLN A 69 -2.76 15.39 -15.93
N VAL A 70 -1.94 15.66 -14.93
CA VAL A 70 -1.77 14.74 -13.83
C VAL A 70 -2.59 15.37 -12.75
N VAL A 71 -3.63 14.67 -12.34
CA VAL A 71 -4.60 15.19 -11.39
C VAL A 71 -4.44 14.39 -10.09
N SER A 72 -4.90 14.95 -8.97
CA SER A 72 -4.82 14.24 -7.70
C SER A 72 -5.98 14.57 -6.78
N THR A 73 -6.38 13.60 -5.98
CA THR A 73 -7.27 13.82 -4.84
C THR A 73 -6.40 13.71 -3.59
N ALA A 74 -7.00 13.84 -2.40
CA ALA A 74 -6.28 13.65 -1.14
C ALA A 74 -5.75 12.20 -0.96
N THR A 75 -6.24 11.25 -1.75
CA THR A 75 -5.91 9.84 -1.52
C THR A 75 -5.24 9.18 -2.74
N GLN A 76 -5.85 9.25 -3.93
CA GLN A 76 -5.24 8.73 -5.14
C GLN A 76 -4.70 9.83 -6.07
N SER A 77 -3.96 9.43 -7.10
CA SER A 77 -3.46 10.28 -8.16
C SER A 77 -3.51 9.51 -9.48
N PHE A 78 -3.91 10.21 -10.55
CA PHE A 78 -4.23 9.57 -11.82
C PHE A 78 -4.10 10.62 -12.91
N LEU A 79 -4.61 10.34 -14.13
CA LEU A 79 -4.45 11.20 -15.29
C LEU A 79 -5.80 11.72 -15.79
N ALA A 80 -5.79 12.84 -16.55
CA ALA A 80 -6.98 13.32 -17.22
C ALA A 80 -6.56 13.84 -18.58
N THR A 81 -7.35 13.58 -19.64
CA THR A 81 -7.05 14.01 -21.01
C THR A 81 -8.17 14.91 -21.54
N CYS A 82 -7.85 16.18 -21.96
CA CYS A 82 -8.82 17.02 -22.69
C CYS A 82 -8.99 16.52 -24.12
N VAL A 83 -10.22 16.11 -24.47
CA VAL A 83 -10.63 15.77 -25.83
C VAL A 83 -11.90 16.60 -26.09
N ASN A 84 -11.81 17.57 -27.03
CA ASN A 84 -12.90 18.40 -27.59
C ASN A 84 -13.48 19.46 -26.62
N GLY A 85 -12.62 20.05 -25.80
CA GLY A 85 -13.00 21.04 -24.79
C GLY A 85 -13.43 20.47 -23.45
N VAL A 86 -13.54 19.13 -23.35
CA VAL A 86 -13.86 18.45 -22.09
C VAL A 86 -12.61 17.74 -21.53
N CYS A 87 -12.26 18.02 -20.26
CA CYS A 87 -11.24 17.29 -19.50
C CYS A 87 -11.87 15.99 -18.96
N TRP A 88 -11.53 14.86 -19.60
CA TRP A 88 -12.00 13.50 -19.33
C TRP A 88 -11.10 12.76 -18.38
N THR A 89 -11.70 11.96 -17.51
CA THR A 89 -11.02 11.03 -16.62
C THR A 89 -11.95 9.92 -16.19
N VAL A 90 -11.46 9.04 -15.32
CA VAL A 90 -12.22 7.87 -14.87
C VAL A 90 -13.08 8.26 -13.70
N TYR A 91 -14.32 7.76 -13.68
CA TYR A 91 -15.19 7.78 -12.49
C TYR A 91 -14.53 7.14 -11.27
N HIS A 92 -13.86 5.98 -11.40
CA HIS A 92 -13.24 5.30 -10.24
C HIS A 92 -12.07 6.10 -9.56
N GLY A 93 -11.56 7.16 -10.22
CA GLY A 93 -10.61 8.08 -9.59
C GLY A 93 -11.26 9.35 -9.07
N ALA A 94 -11.96 10.06 -9.97
CA ALA A 94 -12.55 11.37 -9.74
C ALA A 94 -13.90 11.34 -8.98
N GLY A 95 -14.56 10.16 -8.94
CA GLY A 95 -15.93 10.08 -8.44
C GLY A 95 -16.81 11.13 -9.09
N SER A 96 -17.57 11.86 -8.27
CA SER A 96 -18.42 12.96 -8.75
C SER A 96 -17.84 14.30 -8.33
N LYS A 97 -16.54 14.30 -7.95
CA LYS A 97 -15.83 15.48 -7.43
C LYS A 97 -15.68 16.55 -8.47
N THR A 98 -15.71 17.79 -8.03
CA THR A 98 -15.41 18.99 -8.83
C THR A 98 -13.89 19.05 -9.16
N LEU A 99 -13.55 19.88 -10.15
CA LEU A 99 -12.18 20.17 -10.63
C LEU A 99 -11.88 21.59 -10.18
N ALA A 100 -10.72 21.82 -9.53
CA ALA A 100 -10.32 23.17 -9.14
C ALA A 100 -10.07 24.05 -10.36
N GLY A 101 -10.71 25.20 -10.39
CA GLY A 101 -10.61 26.09 -11.53
C GLY A 101 -10.34 27.52 -11.15
N PRO A 102 -10.28 28.40 -12.17
CA PRO A 102 -9.93 29.82 -11.90
C PRO A 102 -10.91 30.60 -11.02
N LYS A 103 -12.21 30.60 -11.34
CA LYS A 103 -13.25 31.28 -10.55
C LYS A 103 -14.01 30.31 -9.62
N GLY A 104 -13.26 29.38 -9.00
CA GLY A 104 -13.79 28.40 -8.06
C GLY A 104 -13.89 27.01 -8.64
N PRO A 105 -14.55 26.06 -7.91
CA PRO A 105 -14.66 24.67 -8.42
C PRO A 105 -15.56 24.52 -9.65
N ILE A 106 -15.17 23.64 -10.61
CA ILE A 106 -15.90 23.36 -11.85
C ILE A 106 -16.66 22.07 -11.61
N THR A 107 -17.99 22.12 -11.66
CA THR A 107 -18.91 20.98 -11.58
C THR A 107 -18.75 20.12 -12.84
N GLN A 108 -18.81 18.80 -12.71
CA GLN A 108 -18.75 17.85 -13.82
C GLN A 108 -19.92 18.08 -14.75
N MET A 109 -19.62 18.08 -16.04
CA MET A 109 -20.63 18.26 -17.08
C MET A 109 -21.17 16.89 -17.52
N TYR A 110 -20.30 15.87 -17.49
CA TYR A 110 -20.66 14.49 -17.79
C TYR A 110 -20.22 13.55 -16.67
N THR A 111 -21.17 12.71 -16.17
CA THR A 111 -20.88 11.63 -15.23
C THR A 111 -21.44 10.34 -15.77
N ASN A 112 -20.58 9.44 -16.22
CA ASN A 112 -21.08 8.14 -16.70
C ASN A 112 -20.39 6.99 -15.99
N VAL A 113 -21.07 6.44 -14.99
CA VAL A 113 -20.56 5.39 -14.11
C VAL A 113 -20.39 4.10 -14.89
N ASP A 114 -21.30 3.87 -15.82
CA ASP A 114 -21.34 2.65 -16.63
C ASP A 114 -20.16 2.53 -17.60
N GLN A 115 -19.77 3.65 -18.25
CA GLN A 115 -18.62 3.75 -19.12
C GLN A 115 -17.36 3.97 -18.28
N ASP A 116 -17.51 4.38 -16.99
CA ASP A 116 -16.42 4.75 -16.06
C ASP A 116 -15.69 6.03 -16.57
N LEU A 117 -16.49 7.06 -16.93
CA LEU A 117 -16.06 8.22 -17.69
C LEU A 117 -16.70 9.45 -17.08
N VAL A 118 -15.86 10.45 -16.71
CA VAL A 118 -16.35 11.73 -16.21
C VAL A 118 -15.67 12.84 -17.02
N GLY A 119 -16.33 14.00 -17.10
CA GLY A 119 -15.83 15.13 -17.85
C GLY A 119 -16.21 16.47 -17.27
N TRP A 120 -15.23 17.40 -17.21
CA TRP A 120 -15.46 18.80 -16.86
C TRP A 120 -15.23 19.63 -18.09
N GLN A 121 -16.01 20.71 -18.27
CA GLN A 121 -15.72 21.74 -19.30
C GLN A 121 -14.33 22.32 -18.96
N ALA A 122 -13.37 22.25 -19.91
CA ALA A 122 -12.00 22.76 -19.65
C ALA A 122 -11.97 24.31 -19.62
N PRO A 123 -10.93 24.95 -19.06
CA PRO A 123 -10.82 26.42 -19.18
C PRO A 123 -10.59 26.94 -20.61
N PRO A 124 -11.20 28.11 -21.00
CA PRO A 124 -10.92 28.70 -22.32
C PRO A 124 -9.44 29.01 -22.48
N GLY A 125 -8.82 28.36 -23.47
CA GLY A 125 -7.38 28.41 -23.68
C GLY A 125 -6.66 27.12 -23.32
N ALA A 126 -7.37 26.15 -22.72
CA ALA A 126 -6.82 24.81 -22.53
C ALA A 126 -6.65 24.12 -23.88
N ARG A 127 -5.63 23.28 -23.99
CA ARG A 127 -5.32 22.53 -25.21
C ARG A 127 -6.01 21.21 -25.06
N SER A 128 -6.81 20.81 -26.07
CA SER A 128 -7.45 19.51 -26.14
C SER A 128 -6.81 18.69 -27.25
N LEU A 129 -6.71 17.37 -27.03
CA LEU A 129 -6.48 16.40 -28.08
C LEU A 129 -7.69 16.38 -28.98
N THR A 130 -7.54 15.81 -30.20
CA THR A 130 -8.67 15.60 -31.10
C THR A 130 -8.72 14.12 -31.52
N PRO A 131 -9.94 13.55 -31.80
CA PRO A 131 -10.06 12.12 -32.16
C PRO A 131 -9.18 11.60 -33.29
N CYS A 132 -8.96 10.28 -33.30
CA CYS A 132 -8.25 9.60 -34.38
C CYS A 132 -9.17 9.48 -35.61
N THR A 133 -8.90 10.28 -36.67
CA THR A 133 -9.69 10.26 -37.91
C THR A 133 -9.50 8.94 -38.71
N CYS A 134 -8.24 8.47 -38.87
CA CYS A 134 -7.86 7.35 -39.74
C CYS A 134 -8.36 5.96 -39.27
N GLY A 135 -8.36 5.74 -37.96
CA GLY A 135 -8.69 4.45 -37.36
C GLY A 135 -7.63 3.38 -37.56
N SER A 136 -6.40 3.63 -37.00
CA SER A 136 -5.27 2.71 -37.06
C SER A 136 -5.27 1.70 -35.89
N SER A 137 -4.59 0.56 -36.09
CA SER A 137 -4.43 -0.52 -35.09
C SER A 137 -3.12 -0.47 -34.28
N ASP A 138 -2.18 0.43 -34.65
CA ASP A 138 -0.97 0.67 -33.88
C ASP A 138 -1.25 1.77 -32.88
N LEU A 139 -1.39 1.39 -31.59
CA LEU A 139 -1.77 2.31 -30.51
C LEU A 139 -0.60 2.58 -29.57
N TYR A 140 -0.69 3.66 -28.78
CA TYR A 140 0.34 4.07 -27.81
C TYR A 140 -0.28 4.61 -26.52
N LEU A 141 -0.02 3.90 -25.40
CA LEU A 141 -0.46 4.33 -24.08
C LEU A 141 0.56 5.27 -23.50
N VAL A 142 0.12 6.49 -23.14
CA VAL A 142 0.93 7.50 -22.46
C VAL A 142 0.66 7.34 -20.96
N THR A 143 1.68 6.91 -20.20
CA THR A 143 1.56 6.68 -18.76
C THR A 143 1.94 7.97 -17.99
N ARG A 144 1.63 8.01 -16.68
CA ARG A 144 1.95 9.15 -15.80
C ARG A 144 3.47 9.41 -15.59
N HIS A 145 4.34 8.41 -15.85
CA HIS A 145 5.79 8.61 -15.80
C HIS A 145 6.31 9.18 -17.12
N ALA A 146 5.38 9.49 -18.06
CA ALA A 146 5.64 9.97 -19.42
C ALA A 146 6.30 8.90 -20.31
N ASP A 147 6.00 7.64 -20.04
CA ASP A 147 6.41 6.53 -20.89
C ASP A 147 5.36 6.30 -21.96
N VAL A 148 5.81 6.12 -23.20
CA VAL A 148 4.90 5.87 -24.31
C VAL A 148 5.00 4.39 -24.69
N ILE A 149 3.95 3.61 -24.43
CA ILE A 149 4.09 2.17 -24.58
C ILE A 149 3.13 1.58 -25.62
N PRO A 150 3.71 0.82 -26.60
CA PRO A 150 2.92 0.31 -27.72
C PRO A 150 1.86 -0.71 -27.31
N VAL A 151 0.67 -0.56 -27.91
CA VAL A 151 -0.52 -1.38 -27.71
C VAL A 151 -1.01 -1.78 -29.11
N ARG A 152 -1.37 -3.04 -29.32
CA ARG A 152 -2.02 -3.52 -30.55
C ARG A 152 -3.54 -3.57 -30.34
N ARG A 153 -4.30 -2.78 -31.11
CA ARG A 153 -5.73 -2.73 -30.92
C ARG A 153 -6.37 -4.06 -31.34
N ARG A 154 -7.27 -4.60 -30.49
CA ARG A 154 -7.88 -5.94 -30.63
C ARG A 154 -9.35 -5.86 -30.22
N GLY A 155 -10.01 -4.78 -30.61
CA GLY A 155 -11.39 -4.51 -30.24
C GLY A 155 -11.68 -3.03 -30.11
N ASP A 156 -12.95 -2.69 -29.94
CA ASP A 156 -13.38 -1.29 -29.83
C ASP A 156 -12.81 -0.63 -28.60
N SER A 157 -12.67 -1.42 -27.52
CA SER A 157 -12.24 -0.95 -26.21
C SER A 157 -11.05 -1.77 -25.61
N ARG A 158 -10.38 -2.57 -26.43
CA ARG A 158 -9.26 -3.42 -25.99
C ARG A 158 -8.00 -3.29 -26.84
N GLY A 159 -6.88 -3.50 -26.17
CA GLY A 159 -5.57 -3.52 -26.80
C GLY A 159 -4.60 -4.41 -26.07
N SER A 160 -3.82 -5.18 -26.84
CA SER A 160 -2.76 -6.07 -26.33
C SER A 160 -1.49 -5.24 -26.12
N LEU A 161 -0.90 -5.33 -24.92
CA LEU A 161 0.44 -4.81 -24.64
C LEU A 161 1.43 -5.57 -25.51
N LEU A 162 2.25 -4.86 -26.31
CA LEU A 162 3.31 -5.49 -27.12
C LEU A 162 4.35 -6.23 -26.27
N SER A 163 4.64 -5.70 -25.06
CA SER A 163 5.48 -6.34 -24.04
C SER A 163 4.68 -6.36 -22.74
N PRO A 164 4.28 -7.53 -22.22
CA PRO A 164 3.50 -7.54 -20.97
C PRO A 164 4.31 -7.11 -19.76
N ARG A 165 3.65 -6.49 -18.77
CA ARG A 165 4.29 -5.74 -17.68
C ARG A 165 3.60 -6.02 -16.37
N PRO A 166 4.29 -5.89 -15.19
CA PRO A 166 3.57 -5.94 -13.90
C PRO A 166 2.47 -4.86 -13.84
N VAL A 167 1.32 -5.16 -13.22
CA VAL A 167 0.16 -4.23 -13.08
C VAL A 167 0.59 -2.92 -12.43
N SER A 168 1.46 -3.00 -11.40
CA SER A 168 1.96 -1.91 -10.56
C SER A 168 2.45 -0.72 -11.37
N TYR A 169 3.11 -1.00 -12.51
CA TYR A 169 3.67 -0.04 -13.45
C TYR A 169 2.60 0.86 -14.09
N LEU A 170 1.36 0.33 -14.25
CA LEU A 170 0.25 0.98 -14.94
C LEU A 170 -0.64 1.74 -14.00
N LYS A 171 -0.42 1.52 -12.69
CA LYS A 171 -1.20 2.14 -11.64
C LYS A 171 -0.88 3.61 -11.59
N GLY A 172 -1.94 4.40 -11.49
CA GLY A 172 -1.83 5.85 -11.49
C GLY A 172 -1.95 6.44 -12.87
N SER A 173 -2.16 5.59 -13.90
CA SER A 173 -2.26 6.00 -15.31
C SER A 173 -3.67 5.94 -15.91
N SER A 174 -4.67 5.47 -15.15
CA SER A 174 -6.06 5.69 -15.55
C SER A 174 -6.32 7.17 -15.91
N GLY A 175 -7.02 7.36 -17.03
CA GLY A 175 -7.35 8.66 -17.57
C GLY A 175 -6.37 9.13 -18.61
N GLY A 176 -5.27 8.41 -18.76
CA GLY A 176 -4.28 8.67 -19.79
C GLY A 176 -4.78 8.34 -21.19
N PRO A 177 -4.21 8.92 -22.25
CA PRO A 177 -4.67 8.59 -23.60
C PRO A 177 -4.04 7.34 -24.21
N LEU A 178 -4.82 6.65 -25.08
CA LEU A 178 -4.25 5.77 -26.11
C LEU A 178 -4.19 6.66 -27.36
N LEU A 179 -3.01 6.79 -27.97
CA LEU A 179 -2.75 7.62 -29.12
C LEU A 179 -2.51 6.76 -30.37
N CYS A 180 -3.07 7.18 -31.53
CA CYS A 180 -2.80 6.55 -32.83
C CYS A 180 -1.44 7.07 -33.34
N PRO A 181 -0.80 6.47 -34.38
CA PRO A 181 0.59 6.88 -34.73
C PRO A 181 0.79 8.33 -35.19
N SER A 182 -0.27 9.15 -35.19
CA SER A 182 -0.25 10.56 -35.56
C SER A 182 -0.64 11.51 -34.39
N GLY A 183 -0.68 10.96 -33.17
CA GLY A 183 -0.89 11.73 -31.94
C GLY A 183 -2.32 12.12 -31.65
N HIS A 184 -3.28 11.39 -32.24
CA HIS A 184 -4.71 11.61 -31.99
C HIS A 184 -5.28 10.58 -31.04
N ALA A 185 -6.25 11.04 -30.20
CA ALA A 185 -6.89 10.23 -29.18
C ALA A 185 -7.79 9.16 -29.76
N VAL A 186 -7.58 7.93 -29.28
CA VAL A 186 -8.36 6.73 -29.59
C VAL A 186 -9.32 6.41 -28.42
N GLY A 187 -8.82 6.62 -27.21
CA GLY A 187 -9.60 6.43 -26.00
C GLY A 187 -8.82 6.85 -24.78
N ILE A 188 -9.42 6.64 -23.60
CA ILE A 188 -8.72 6.91 -22.36
C ILE A 188 -8.60 5.63 -21.56
N PHE A 189 -7.41 5.33 -21.07
CA PHE A 189 -7.12 4.17 -20.24
C PHE A 189 -7.99 4.10 -18.99
N ARG A 190 -8.49 2.90 -18.68
CA ARG A 190 -9.27 2.74 -17.45
C ARG A 190 -8.89 1.47 -16.65
N ALA A 191 -8.37 0.40 -17.28
CA ALA A 191 -8.06 -0.86 -16.57
C ALA A 191 -7.04 -1.73 -17.30
N ALA A 192 -6.28 -2.52 -16.54
CA ALA A 192 -5.40 -3.58 -17.06
C ALA A 192 -6.11 -4.95 -17.04
N VAL A 193 -5.78 -5.78 -18.01
CA VAL A 193 -6.23 -7.15 -18.12
C VAL A 193 -5.06 -8.01 -17.70
N CYS A 194 -5.26 -8.73 -16.59
CA CYS A 194 -4.26 -9.43 -15.82
C CYS A 194 -4.37 -10.91 -15.83
N THR A 195 -3.22 -11.55 -16.08
CA THR A 195 -2.95 -12.96 -15.82
C THR A 195 -1.91 -13.00 -14.68
N ARG A 196 -2.35 -13.35 -13.47
CA ARG A 196 -1.53 -13.63 -12.27
C ARG A 196 -0.54 -12.50 -11.93
N GLY A 197 -1.03 -11.27 -11.96
CA GLY A 197 -0.23 -10.07 -11.66
C GLY A 197 0.44 -9.39 -12.84
N VAL A 198 0.36 -9.99 -14.03
CA VAL A 198 0.96 -9.48 -15.26
C VAL A 198 -0.13 -8.89 -16.18
N ALA A 199 -0.09 -7.57 -16.40
CA ALA A 199 -0.94 -6.90 -17.35
C ALA A 199 -0.49 -7.36 -18.73
N LYS A 200 -1.42 -7.92 -19.50
CA LYS A 200 -1.13 -8.42 -20.85
C LYS A 200 -1.86 -7.57 -21.90
N ALA A 201 -2.84 -6.78 -21.44
CA ALA A 201 -3.78 -6.03 -22.25
C ALA A 201 -4.34 -4.88 -21.42
N VAL A 202 -4.90 -3.88 -22.11
CA VAL A 202 -5.46 -2.66 -21.54
C VAL A 202 -6.91 -2.48 -22.01
N ASP A 203 -7.76 -2.01 -21.10
CA ASP A 203 -9.11 -1.57 -21.39
C ASP A 203 -9.18 -0.05 -21.42
N PHE A 204 -10.00 0.48 -22.30
CA PHE A 204 -10.12 1.91 -22.41
C PHE A 204 -11.54 2.31 -22.70
N VAL A 205 -11.87 3.59 -22.48
CA VAL A 205 -13.12 4.20 -22.93
C VAL A 205 -12.88 4.74 -24.37
N PRO A 206 -13.41 4.10 -25.45
CA PRO A 206 -13.24 4.64 -26.81
C PRO A 206 -13.72 6.08 -26.98
N VAL A 207 -13.03 6.82 -27.87
CA VAL A 207 -13.33 8.22 -28.23
C VAL A 207 -14.82 8.34 -28.76
N GLU A 208 -15.37 7.28 -29.38
CA GLU A 208 -16.75 7.18 -29.87
C GLU A 208 -17.78 7.39 -28.73
N SER A 209 -17.64 6.60 -27.60
CA SER A 209 -18.37 6.77 -26.32
C SER A 209 -18.30 8.21 -25.78
N MET A 210 -17.13 8.85 -25.89
CA MET A 210 -16.98 10.26 -25.52
C MET A 210 -17.89 11.17 -26.33
N GLU A 211 -17.72 11.22 -27.69
CA GLU A 211 -18.46 12.09 -28.62
C GLU A 211 -19.99 11.84 -28.63
N THR A 212 -20.45 10.56 -28.43
CA THR A 212 -21.86 10.22 -28.13
C THR A 212 -22.32 11.17 -27.01
N THR A 213 -21.74 10.99 -25.78
CA THR A 213 -21.98 11.72 -24.53
C THR A 213 -22.06 13.23 -24.79
N MET A 214 -21.07 13.80 -25.52
CA MET A 214 -21.01 15.23 -25.81
C MET A 214 -22.17 15.77 -26.67
N ARG A 215 -22.83 14.89 -27.43
CA ARG A 215 -23.93 15.30 -28.32
C ARG A 215 -25.27 15.21 -27.56
N SER A 216 -25.23 14.51 -26.40
CA SER A 216 -26.39 14.11 -25.62
C SER A 216 -26.85 15.16 -24.55
N PRO A 217 -28.12 15.07 -24.04
CA PRO A 217 -28.50 15.88 -22.87
C PRO A 217 -27.61 15.70 -21.63
N VAL A 218 -27.09 16.84 -21.13
CA VAL A 218 -26.42 17.00 -19.84
C VAL A 218 -27.37 16.54 -18.70
N PHE A 219 -28.66 16.90 -18.81
CA PHE A 219 -29.66 16.67 -17.78
C PHE A 219 -30.72 15.61 -18.18
N THR A 220 -30.90 14.62 -17.31
CA THR A 220 -31.91 13.55 -17.46
C THR A 220 -32.89 13.61 -16.28
N ASP A 221 -34.18 13.36 -16.57
CA ASP A 221 -35.25 13.49 -15.59
C ASP A 221 -35.22 12.38 -14.47
N ASN A 222 -35.99 11.27 -14.61
CA ASN A 222 -36.06 10.14 -13.65
C ASN A 222 -36.68 10.47 -12.24
N SER A 223 -37.16 11.71 -12.00
CA SER A 223 -37.75 12.16 -10.73
C SER A 223 -39.20 11.71 -10.52
N SER A 224 -39.86 11.25 -11.58
CA SER A 224 -41.27 10.94 -11.60
C SER A 224 -41.47 9.48 -12.04
N PRO A 225 -42.49 8.74 -11.53
CA PRO A 225 -42.64 7.34 -11.95
C PRO A 225 -42.97 7.26 -13.44
N PRO A 226 -42.37 6.30 -14.15
CA PRO A 226 -42.64 6.19 -15.59
C PRO A 226 -44.07 5.85 -15.95
N ALA A 227 -44.53 6.26 -17.15
CA ALA A 227 -45.76 5.73 -17.72
C ALA A 227 -45.51 4.25 -18.06
N VAL A 228 -46.54 3.43 -17.97
CA VAL A 228 -46.44 2.02 -18.33
C VAL A 228 -46.29 1.94 -19.84
N PRO A 229 -45.19 1.35 -20.35
CA PRO A 229 -45.01 1.32 -21.82
C PRO A 229 -45.86 0.24 -22.46
N GLN A 230 -46.01 0.33 -23.79
CA GLN A 230 -46.71 -0.66 -24.61
C GLN A 230 -45.94 -2.00 -24.60
N SER A 231 -44.61 -1.96 -24.76
CA SER A 231 -43.75 -3.14 -24.66
C SER A 231 -42.73 -2.99 -23.53
N PHE A 232 -42.12 -4.11 -23.11
CA PHE A 232 -41.16 -4.18 -21.98
C PHE A 232 -40.06 -3.12 -22.04
N GLN A 233 -39.87 -2.45 -20.90
CA GLN A 233 -38.89 -1.38 -20.70
C GLN A 233 -38.40 -1.40 -19.26
N VAL A 234 -37.14 -0.98 -19.07
CA VAL A 234 -36.52 -0.79 -17.77
C VAL A 234 -36.40 0.74 -17.52
N ALA A 235 -37.00 1.19 -16.45
CA ALA A 235 -36.98 2.61 -16.15
C ALA A 235 -36.30 2.86 -14.81
N HIS A 236 -35.85 4.10 -14.57
CA HIS A 236 -35.17 4.46 -13.33
C HIS A 236 -36.00 5.47 -12.60
N LEU A 237 -36.18 5.28 -11.29
CA LEU A 237 -36.92 6.23 -10.47
C LEU A 237 -36.00 6.68 -9.36
N HIS A 238 -35.51 7.93 -9.50
CA HIS A 238 -34.68 8.62 -8.52
C HIS A 238 -35.53 9.69 -7.85
N ALA A 239 -36.04 9.36 -6.68
CA ALA A 239 -36.99 10.15 -5.93
C ALA A 239 -36.62 10.05 -4.46
N PRO A 240 -36.83 11.12 -3.64
CA PRO A 240 -36.53 11.02 -2.19
C PRO A 240 -37.19 9.85 -1.47
N THR A 241 -36.53 9.32 -0.41
CA THR A 241 -37.14 8.33 0.47
C THR A 241 -38.21 9.08 1.30
N GLY A 242 -39.48 8.79 1.01
CA GLY A 242 -40.61 9.52 1.59
C GLY A 242 -41.48 10.22 0.57
N SER A 243 -41.11 10.14 -0.72
CA SER A 243 -41.95 10.56 -1.85
C SER A 243 -42.99 9.45 -2.23
N GLY A 244 -43.04 8.40 -1.39
CA GLY A 244 -43.91 7.26 -1.52
C GLY A 244 -43.57 6.30 -2.64
N LYS A 245 -42.30 6.32 -3.10
CA LYS A 245 -41.80 5.39 -4.16
C LYS A 245 -42.21 3.93 -3.93
N SER A 246 -42.38 3.52 -2.66
CA SER A 246 -42.74 2.16 -2.32
C SER A 246 -44.19 1.99 -1.85
N THR A 247 -44.92 3.09 -1.67
CA THR A 247 -46.29 3.03 -1.21
C THR A 247 -47.20 3.67 -2.22
N LYS A 248 -47.06 5.00 -2.40
CA LYS A 248 -47.83 5.81 -3.34
C LYS A 248 -47.74 5.31 -4.79
N VAL A 249 -46.52 4.94 -5.31
CA VAL A 249 -46.37 4.67 -6.74
C VAL A 249 -46.91 3.26 -7.09
N PRO A 250 -46.72 2.14 -6.31
CA PRO A 250 -47.48 0.92 -6.65
C PRO A 250 -49.00 1.13 -6.55
N ALA A 251 -49.47 1.87 -5.52
CA ALA A 251 -50.90 2.18 -5.30
C ALA A 251 -51.51 2.92 -6.47
N ALA A 252 -50.78 3.86 -7.09
CA ALA A 252 -51.22 4.62 -8.26
C ALA A 252 -51.24 3.73 -9.51
N TYR A 253 -50.23 2.87 -9.69
CA TYR A 253 -50.19 1.85 -10.74
C TYR A 253 -51.32 0.82 -10.64
N ALA A 254 -51.66 0.40 -9.41
CA ALA A 254 -52.74 -0.56 -9.13
C ALA A 254 -54.09 0.08 -9.40
N ALA A 255 -54.23 1.40 -9.05
CA ALA A 255 -55.46 2.17 -9.28
C ALA A 255 -55.73 2.30 -10.78
N GLN A 256 -54.67 2.22 -11.61
CA GLN A 256 -54.75 2.16 -13.07
C GLN A 256 -55.07 0.76 -13.67
N GLY A 257 -55.18 -0.28 -12.83
CA GLY A 257 -55.50 -1.63 -13.28
C GLY A 257 -54.31 -2.55 -13.49
N TYR A 258 -53.08 -2.08 -13.25
CA TYR A 258 -51.90 -2.94 -13.34
C TYR A 258 -51.63 -3.78 -12.08
N LYS A 259 -51.15 -5.02 -12.27
CA LYS A 259 -50.62 -5.92 -11.22
C LYS A 259 -49.14 -5.53 -10.95
N VAL A 260 -48.81 -5.27 -9.67
CA VAL A 260 -47.49 -4.74 -9.34
C VAL A 260 -46.86 -5.51 -8.18
N LEU A 261 -45.56 -5.87 -8.37
CA LEU A 261 -44.66 -6.49 -7.41
C LEU A 261 -43.64 -5.46 -6.92
N VAL A 262 -43.53 -5.31 -5.59
CA VAL A 262 -42.63 -4.38 -4.92
C VAL A 262 -41.60 -5.13 -4.10
N LEU A 263 -40.33 -5.08 -4.58
CA LEU A 263 -39.17 -5.75 -4.01
C LEU A 263 -38.30 -4.81 -3.18
N ASN A 264 -37.93 -5.27 -1.96
CA ASN A 264 -37.16 -4.47 -1.02
C ASN A 264 -36.13 -5.32 -0.30
N PRO A 265 -34.90 -4.80 0.01
CA PRO A 265 -33.93 -5.60 0.81
C PRO A 265 -34.40 -6.12 2.17
N SER A 266 -35.12 -5.30 2.93
CA SER A 266 -35.50 -5.56 4.33
C SER A 266 -36.95 -6.11 4.52
N VAL A 267 -37.11 -7.12 5.40
CA VAL A 267 -38.41 -7.68 5.79
C VAL A 267 -39.24 -6.66 6.61
N ALA A 268 -38.55 -5.83 7.43
CA ALA A 268 -39.21 -4.76 8.20
C ALA A 268 -39.81 -3.68 7.27
N ALA A 269 -39.07 -3.28 6.23
CA ALA A 269 -39.64 -2.37 5.23
C ALA A 269 -40.77 -3.05 4.43
N THR A 270 -40.56 -4.34 3.97
CA THR A 270 -41.61 -5.12 3.30
C THR A 270 -42.92 -5.19 4.10
N LEU A 271 -42.88 -5.67 5.38
CA LEU A 271 -44.10 -5.72 6.22
C LEU A 271 -44.65 -4.32 6.49
N GLY A 272 -43.75 -3.35 6.66
CA GLY A 272 -44.06 -1.95 6.95
C GLY A 272 -44.85 -1.29 5.84
N PHE A 273 -44.37 -1.44 4.58
CA PHE A 273 -45.09 -0.96 3.39
C PHE A 273 -46.43 -1.65 3.23
N GLY A 274 -46.44 -2.98 3.32
CA GLY A 274 -47.68 -3.76 3.25
C GLY A 274 -48.77 -3.31 4.20
N ALA A 275 -48.39 -3.00 5.46
CA ALA A 275 -49.31 -2.55 6.51
C ALA A 275 -49.80 -1.15 6.24
N TYR A 276 -48.90 -0.24 5.80
CA TYR A 276 -49.25 1.10 5.35
C TYR A 276 -50.29 1.11 4.24
N MET A 277 -50.20 0.19 3.26
CA MET A 277 -51.13 0.16 2.12
C MET A 277 -52.58 -0.07 2.55
N SER A 278 -52.79 -1.06 3.44
CA SER A 278 -54.11 -1.38 4.01
C SER A 278 -54.66 -0.18 4.80
N LYS A 279 -53.81 0.42 5.65
CA LYS A 279 -54.12 1.58 6.47
C LYS A 279 -54.49 2.77 5.58
N ALA A 280 -53.53 3.30 4.78
CA ALA A 280 -53.81 4.38 3.84
C ALA A 280 -54.50 3.90 2.53
N HIS A 281 -53.70 3.54 1.49
CA HIS A 281 -54.09 3.46 0.08
C HIS A 281 -55.23 2.46 -0.32
N GLY A 282 -55.87 1.78 0.65
CA GLY A 282 -57.07 0.95 0.44
C GLY A 282 -56.91 -0.43 -0.20
N ILE A 283 -55.69 -1.01 -0.15
CA ILE A 283 -55.39 -2.33 -0.72
C ILE A 283 -54.82 -3.21 0.42
N ASP A 284 -55.43 -4.39 0.70
CA ASP A 284 -54.78 -5.41 1.52
C ASP A 284 -53.81 -6.18 0.59
N PRO A 285 -52.50 -5.83 0.49
CA PRO A 285 -51.66 -6.47 -0.52
C PRO A 285 -51.23 -7.87 -0.11
N ASN A 286 -50.81 -8.69 -1.09
CA ASN A 286 -50.03 -9.91 -0.81
C ASN A 286 -48.70 -9.58 -0.15
N ILE A 287 -48.34 -10.37 0.89
CA ILE A 287 -47.04 -10.27 1.55
C ILE A 287 -46.30 -11.57 1.30
N ARG A 288 -45.03 -11.49 0.93
CA ARG A 288 -44.17 -12.64 0.76
C ARG A 288 -42.81 -12.33 1.44
N THR A 289 -42.61 -12.90 2.63
CA THR A 289 -41.34 -12.87 3.37
C THR A 289 -41.17 -14.28 3.99
N GLY A 290 -39.97 -14.59 4.47
CA GLY A 290 -39.74 -15.80 5.25
C GLY A 290 -40.60 -15.93 6.49
N VAL A 291 -40.76 -14.84 7.26
CA VAL A 291 -41.46 -14.83 8.55
C VAL A 291 -42.97 -14.73 8.37
N ARG A 292 -43.42 -14.05 7.31
CA ARG A 292 -44.84 -13.75 7.13
C ARG A 292 -45.16 -13.73 5.64
N THR A 293 -46.03 -14.65 5.20
CA THR A 293 -46.56 -14.77 3.85
C THR A 293 -48.10 -14.73 3.92
N ILE A 294 -48.73 -13.83 3.12
CA ILE A 294 -50.20 -13.71 2.99
C ILE A 294 -50.60 -13.68 1.50
N THR A 295 -51.66 -14.43 1.14
CA THR A 295 -52.26 -14.37 -0.19
C THR A 295 -53.73 -13.90 -0.05
N THR A 296 -53.96 -12.60 -0.35
CA THR A 296 -55.26 -11.94 -0.38
C THR A 296 -55.86 -11.96 -1.81
N GLY A 297 -55.00 -12.11 -2.83
CA GLY A 297 -55.42 -12.06 -4.22
C GLY A 297 -55.48 -10.64 -4.77
N ALA A 298 -54.91 -9.66 -4.03
CA ALA A 298 -54.83 -8.26 -4.39
C ALA A 298 -53.90 -8.05 -5.59
N PRO A 299 -54.01 -6.91 -6.33
CA PRO A 299 -53.09 -6.69 -7.46
C PRO A 299 -51.68 -6.22 -7.06
N VAL A 300 -51.45 -5.96 -5.75
CA VAL A 300 -50.14 -5.55 -5.22
C VAL A 300 -49.57 -6.65 -4.30
N THR A 301 -48.26 -6.90 -4.44
CA THR A 301 -47.48 -7.87 -3.70
C THR A 301 -46.24 -7.17 -3.23
N TYR A 302 -46.04 -7.17 -1.92
CA TYR A 302 -44.79 -6.77 -1.33
C TYR A 302 -43.97 -8.01 -1.02
N SER A 303 -42.70 -7.98 -1.38
CA SER A 303 -41.80 -9.12 -1.23
C SER A 303 -40.38 -8.59 -0.94
N THR A 304 -39.55 -9.41 -0.24
CA THR A 304 -38.09 -9.20 -0.12
C THR A 304 -37.44 -9.83 -1.36
N TYR A 305 -36.23 -9.38 -1.75
CA TYR A 305 -35.45 -10.04 -2.83
C TYR A 305 -35.11 -11.50 -2.50
N GLY A 306 -34.90 -11.77 -1.20
CA GLY A 306 -34.67 -13.09 -0.66
C GLY A 306 -35.80 -14.05 -0.91
N LYS A 307 -37.03 -13.63 -0.51
CA LYS A 307 -38.22 -14.47 -0.70
C LYS A 307 -38.55 -14.64 -2.20
N PHE A 308 -38.33 -13.57 -3.01
CA PHE A 308 -38.51 -13.61 -4.45
C PHE A 308 -37.65 -14.72 -5.04
N LEU A 309 -36.34 -14.75 -4.66
CA LEU A 309 -35.33 -15.72 -5.13
C LEU A 309 -35.59 -17.14 -4.61
N ALA A 310 -36.05 -17.25 -3.35
CA ALA A 310 -36.53 -18.47 -2.71
C ALA A 310 -37.75 -19.02 -3.46
N ASP A 311 -38.67 -18.14 -3.96
CA ASP A 311 -39.82 -18.58 -4.79
C ASP A 311 -39.43 -18.98 -6.24
N GLY A 312 -38.16 -18.81 -6.61
CA GLY A 312 -37.64 -19.12 -7.93
C GLY A 312 -37.95 -18.05 -8.95
N GLY A 313 -37.82 -16.79 -8.56
CA GLY A 313 -37.96 -15.66 -9.47
C GLY A 313 -39.36 -15.34 -9.99
N CYS A 314 -39.43 -14.92 -11.27
CA CYS A 314 -40.66 -14.43 -11.91
C CYS A 314 -41.67 -15.54 -12.19
N SER A 315 -42.91 -15.36 -11.70
CA SER A 315 -44.01 -16.24 -12.05
C SER A 315 -44.76 -15.66 -13.27
N GLY A 316 -44.88 -16.47 -14.33
CA GLY A 316 -45.40 -16.09 -15.63
C GLY A 316 -46.80 -15.49 -15.61
N GLY A 317 -46.90 -14.27 -16.11
CA GLY A 317 -48.16 -13.55 -16.24
C GLY A 317 -48.72 -12.95 -14.97
N ALA A 318 -48.03 -13.10 -13.82
CA ALA A 318 -48.52 -12.60 -12.54
C ALA A 318 -48.38 -11.08 -12.37
N TYR A 319 -47.30 -10.46 -12.88
CA TYR A 319 -47.07 -9.03 -12.66
C TYR A 319 -46.84 -8.26 -13.94
N ASP A 320 -47.48 -7.09 -14.04
CA ASP A 320 -47.30 -6.20 -15.18
C ASP A 320 -46.10 -5.30 -14.90
N ILE A 321 -45.95 -4.90 -13.61
CA ILE A 321 -44.91 -3.99 -13.10
C ILE A 321 -44.17 -4.60 -11.91
N ILE A 322 -42.81 -4.52 -11.97
CA ILE A 322 -41.88 -4.84 -10.89
C ILE A 322 -41.12 -3.57 -10.45
N ILE A 323 -41.36 -3.11 -9.20
CA ILE A 323 -40.57 -2.07 -8.56
C ILE A 323 -39.45 -2.74 -7.74
N CYS A 324 -38.21 -2.54 -8.21
CA CYS A 324 -37.00 -2.87 -7.49
C CYS A 324 -36.57 -1.68 -6.67
N ASP A 325 -37.05 -1.62 -5.44
CA ASP A 325 -36.74 -0.54 -4.53
C ASP A 325 -35.38 -0.77 -3.87
N GLU A 326 -34.76 0.34 -3.41
CA GLU A 326 -33.41 0.40 -2.82
C GLU A 326 -32.38 -0.26 -3.71
N CYS A 327 -32.49 0.04 -5.01
CA CYS A 327 -31.71 -0.61 -6.05
C CYS A 327 -30.18 -0.15 -6.06
N HIS A 328 -29.84 0.78 -5.14
CA HIS A 328 -28.50 1.18 -4.77
C HIS A 328 -27.80 0.14 -3.88
N SER A 329 -28.57 -0.77 -3.20
CA SER A 329 -28.03 -1.81 -2.31
C SER A 329 -27.17 -2.81 -3.08
N THR A 330 -25.99 -3.05 -2.55
CA THR A 330 -24.98 -3.92 -3.18
C THR A 330 -24.74 -5.08 -2.30
N ASP A 331 -25.75 -5.44 -1.49
CA ASP A 331 -25.74 -6.77 -0.88
C ASP A 331 -26.00 -7.85 -1.95
N SER A 332 -25.59 -9.09 -1.66
CA SER A 332 -25.61 -10.17 -2.62
C SER A 332 -27.06 -10.56 -3.01
N THR A 333 -27.99 -10.50 -2.07
CA THR A 333 -29.38 -10.93 -2.32
C THR A 333 -30.12 -9.92 -3.20
N THR A 334 -29.87 -8.58 -3.02
CA THR A 334 -30.45 -7.51 -3.84
C THR A 334 -29.97 -7.59 -5.30
N ILE A 335 -28.63 -7.68 -5.52
CA ILE A 335 -27.96 -7.88 -6.81
C ILE A 335 -28.47 -9.12 -7.50
N LEU A 336 -28.48 -10.26 -6.79
CA LEU A 336 -29.04 -11.53 -7.31
C LEU A 336 -30.52 -11.38 -7.64
N GLY A 337 -31.27 -10.76 -6.73
CA GLY A 337 -32.68 -10.41 -6.92
C GLY A 337 -32.99 -9.60 -8.17
N ILE A 338 -32.34 -8.43 -8.34
CA ILE A 338 -32.50 -7.50 -9.49
C ILE A 338 -32.08 -8.16 -10.80
N GLY A 339 -30.91 -8.82 -10.79
CA GLY A 339 -30.38 -9.60 -11.89
C GLY A 339 -31.33 -10.66 -12.40
N THR A 340 -31.98 -11.39 -11.49
CA THR A 340 -33.08 -12.30 -11.82
C THR A 340 -34.28 -11.58 -12.53
N VAL A 341 -34.91 -10.57 -11.88
CA VAL A 341 -35.93 -9.67 -12.49
C VAL A 341 -35.49 -9.23 -13.90
N LEU A 342 -34.28 -8.65 -14.05
CA LEU A 342 -33.82 -8.21 -15.38
C LEU A 342 -33.74 -9.31 -16.44
N ASP A 343 -33.36 -10.53 -16.04
CA ASP A 343 -33.28 -11.68 -16.91
C ASP A 343 -34.63 -12.33 -17.20
N GLN A 344 -35.58 -12.32 -16.25
CA GLN A 344 -36.85 -13.04 -16.40
C GLN A 344 -38.09 -12.19 -16.72
N ALA A 345 -38.11 -10.90 -16.35
CA ALA A 345 -39.33 -10.10 -16.42
C ALA A 345 -39.99 -10.00 -17.84
N GLU A 346 -39.19 -9.81 -18.91
CA GLU A 346 -39.76 -9.70 -20.27
C GLU A 346 -40.47 -11.00 -20.67
N THR A 347 -39.78 -12.15 -20.54
CA THR A 347 -40.33 -13.48 -20.83
C THR A 347 -41.54 -13.82 -19.93
N ALA A 348 -41.62 -13.29 -18.73
CA ALA A 348 -42.75 -13.56 -17.82
C ALA A 348 -43.96 -12.63 -18.11
N GLY A 349 -43.82 -11.79 -19.15
CA GLY A 349 -44.89 -10.94 -19.64
C GLY A 349 -45.07 -9.63 -18.89
N ALA A 350 -44.04 -9.16 -18.18
CA ALA A 350 -44.13 -7.85 -17.55
C ALA A 350 -43.91 -6.75 -18.61
N ARG A 351 -44.41 -5.55 -18.34
CA ARG A 351 -44.29 -4.43 -19.27
C ARG A 351 -43.21 -3.47 -18.77
N LEU A 352 -42.93 -3.52 -17.46
CA LEU A 352 -42.15 -2.46 -16.83
C LEU A 352 -41.37 -2.92 -15.60
N VAL A 353 -40.04 -2.59 -15.58
CA VAL A 353 -39.17 -2.74 -14.42
C VAL A 353 -38.75 -1.35 -13.99
N VAL A 354 -39.07 -0.99 -12.75
CA VAL A 354 -38.67 0.29 -12.17
C VAL A 354 -37.54 0.07 -11.22
N LEU A 355 -36.36 0.65 -11.52
CA LEU A 355 -35.23 0.61 -10.60
C LEU A 355 -35.27 1.88 -9.76
N ALA A 356 -35.64 1.71 -8.49
CA ALA A 356 -35.98 2.78 -7.58
C ALA A 356 -34.95 2.96 -6.47
N THR A 357 -34.40 4.18 -6.34
CA THR A 357 -33.49 4.57 -5.25
C THR A 357 -33.55 6.08 -4.98
N ALA A 358 -33.31 6.51 -3.72
CA ALA A 358 -33.04 7.92 -3.44
C ALA A 358 -31.62 8.32 -3.83
N THR A 359 -30.66 7.37 -3.80
CA THR A 359 -29.23 7.60 -4.02
C THR A 359 -28.67 6.72 -5.15
N PRO A 360 -28.87 7.14 -6.44
CA PRO A 360 -28.34 6.33 -7.56
C PRO A 360 -26.80 6.39 -7.72
N PRO A 361 -26.18 5.53 -8.58
CA PRO A 361 -24.74 5.68 -8.84
C PRO A 361 -24.35 7.10 -9.29
N GLY A 362 -23.26 7.64 -8.71
CA GLY A 362 -22.82 9.00 -8.99
C GLY A 362 -23.49 10.10 -8.19
N SER A 363 -24.44 9.74 -7.31
CA SER A 363 -25.16 10.71 -6.48
C SER A 363 -24.28 11.23 -5.37
N VAL A 364 -24.71 12.33 -4.79
CA VAL A 364 -23.89 13.08 -3.87
C VAL A 364 -24.77 13.64 -2.77
N THR A 365 -24.25 13.69 -1.52
CA THR A 365 -24.98 14.20 -0.37
C THR A 365 -25.06 15.71 -0.43
N VAL A 366 -26.25 16.21 -0.70
CA VAL A 366 -26.54 17.65 -0.71
C VAL A 366 -27.38 18.00 0.55
N PRO A 367 -27.47 19.28 0.98
CA PRO A 367 -28.25 19.59 2.19
C PRO A 367 -29.74 19.25 2.13
N HIS A 368 -30.27 18.79 3.28
CA HIS A 368 -31.69 18.54 3.58
C HIS A 368 -32.27 19.75 4.42
N PRO A 369 -33.53 20.21 4.22
CA PRO A 369 -34.00 21.41 4.95
C PRO A 369 -34.31 21.20 6.43
N ASN A 370 -34.72 19.97 6.78
CA ASN A 370 -35.11 19.55 8.14
C ASN A 370 -33.93 19.13 9.01
N ILE A 371 -32.73 18.93 8.43
CA ILE A 371 -31.60 18.34 9.16
C ILE A 371 -30.48 19.38 9.37
N GLU A 372 -30.20 19.71 10.65
CA GLU A 372 -29.06 20.54 11.02
C GLU A 372 -27.80 19.67 11.10
N GLU A 373 -26.74 20.05 10.35
CA GLU A 373 -25.49 19.27 10.30
C GLU A 373 -24.34 19.97 11.05
N VAL A 374 -23.83 19.26 12.06
CA VAL A 374 -22.94 19.76 13.11
C VAL A 374 -21.72 18.83 13.20
N ALA A 375 -20.51 19.38 12.99
CA ALA A 375 -19.27 18.62 13.19
C ALA A 375 -19.00 18.40 14.67
N LEU A 376 -18.57 17.18 15.02
CA LEU A 376 -18.16 16.86 16.39
C LEU A 376 -16.83 17.56 16.67
N SER A 377 -16.66 18.08 17.89
CA SER A 377 -15.39 18.68 18.35
C SER A 377 -14.58 17.64 19.18
N ASN A 378 -13.44 18.05 19.76
CA ASN A 378 -12.78 17.24 20.79
C ASN A 378 -13.41 17.43 22.21
N THR A 379 -14.19 18.52 22.41
CA THR A 379 -14.84 18.81 23.70
C THR A 379 -16.18 18.05 23.83
N GLY A 380 -16.32 17.33 24.94
CA GLY A 380 -17.41 16.41 25.20
C GLY A 380 -16.96 15.25 26.09
N GLU A 381 -17.89 14.75 26.91
CA GLU A 381 -17.69 13.69 27.91
C GLU A 381 -17.51 12.31 27.31
N ILE A 382 -18.15 12.05 26.15
CA ILE A 382 -18.16 10.72 25.53
C ILE A 382 -17.13 10.63 24.39
N PRO A 383 -16.01 9.88 24.56
CA PRO A 383 -15.09 9.67 23.42
C PRO A 383 -15.73 8.90 22.27
N PHE A 384 -15.62 9.47 21.06
CA PHE A 384 -16.21 8.88 19.87
C PHE A 384 -15.32 9.09 18.64
N TYR A 385 -14.65 8.00 18.21
CA TYR A 385 -13.85 7.92 16.98
C TYR A 385 -12.82 9.10 16.78
N GLY A 386 -12.16 9.51 17.85
CA GLY A 386 -11.14 10.56 17.78
C GLY A 386 -11.65 11.94 18.12
N LYS A 387 -12.98 12.08 18.20
CA LYS A 387 -13.64 13.31 18.63
C LYS A 387 -14.52 12.98 19.87
N ALA A 388 -15.49 13.85 20.22
CA ALA A 388 -16.30 13.61 21.41
C ALA A 388 -17.76 14.02 21.28
N ILE A 389 -18.67 13.19 21.84
CA ILE A 389 -20.11 13.50 21.95
C ILE A 389 -20.36 14.24 23.28
N PRO A 390 -20.89 15.49 23.26
CA PRO A 390 -21.28 16.13 24.55
C PRO A 390 -22.46 15.37 25.15
N ILE A 391 -22.33 14.95 26.44
CA ILE A 391 -23.32 14.18 27.18
C ILE A 391 -24.72 14.78 27.12
N GLU A 392 -24.82 16.12 27.17
CA GLU A 392 -26.07 16.90 27.05
C GLU A 392 -26.82 16.70 25.72
N ALA A 393 -26.09 16.46 24.61
CA ALA A 393 -26.68 16.22 23.27
C ALA A 393 -27.52 14.94 23.20
N ILE A 394 -27.15 13.90 23.98
CA ILE A 394 -27.85 12.60 24.00
C ILE A 394 -28.77 12.43 25.24
N ARG A 395 -28.78 13.41 26.16
CA ARG A 395 -29.66 13.38 27.34
C ARG A 395 -31.13 13.63 26.96
N GLY A 396 -31.34 14.43 25.91
CA GLY A 396 -32.66 14.90 25.50
C GLY A 396 -33.35 14.14 24.38
N GLY A 397 -33.82 12.92 24.68
CA GLY A 397 -34.81 12.24 23.85
C GLY A 397 -34.47 10.86 23.31
N ARG A 398 -34.71 10.70 21.99
CA ARG A 398 -34.50 9.48 21.22
C ARG A 398 -33.44 9.73 20.14
N HIS A 399 -32.28 9.05 20.27
CA HIS A 399 -31.10 9.30 19.43
C HIS A 399 -30.47 8.05 18.89
N LEU A 400 -29.96 8.13 17.67
CA LEU A 400 -29.27 6.99 17.04
C LEU A 400 -27.79 7.27 16.78
N ILE A 401 -26.93 6.35 17.27
CA ILE A 401 -25.47 6.44 17.12
C ILE A 401 -24.96 5.28 16.26
N PHE A 402 -24.46 5.62 15.06
CA PHE A 402 -23.84 4.66 14.14
C PHE A 402 -22.40 4.40 14.49
N CYS A 403 -22.10 3.12 14.78
CA CYS A 403 -20.74 2.58 14.99
C CYS A 403 -20.43 1.50 13.97
N HIS A 404 -19.15 1.36 13.59
CA HIS A 404 -18.71 0.46 12.51
C HIS A 404 -18.78 -1.05 12.87
N SER A 405 -18.64 -1.39 14.18
CA SER A 405 -18.58 -2.76 14.70
C SER A 405 -19.46 -2.98 15.93
N LYS A 406 -19.88 -4.24 16.15
CA LYS A 406 -20.54 -4.81 17.34
C LYS A 406 -19.77 -4.44 18.61
N LYS A 407 -18.43 -4.65 18.61
CA LYS A 407 -17.51 -4.29 19.72
C LYS A 407 -17.67 -2.84 20.15
N LYS A 408 -17.42 -1.87 19.23
CA LYS A 408 -17.63 -0.44 19.46
C LYS A 408 -19.03 -0.10 20.01
N CYS A 409 -20.10 -0.77 19.53
CA CYS A 409 -21.49 -0.60 19.99
C CYS A 409 -21.68 -0.97 21.45
N ASP A 410 -21.24 -2.20 21.80
CA ASP A 410 -21.29 -2.75 23.15
C ASP A 410 -20.47 -1.91 24.13
N GLU A 411 -19.20 -1.59 23.76
CA GLU A 411 -18.31 -0.72 24.54
C GLU A 411 -18.88 0.71 24.75
N LEU A 412 -19.64 1.23 23.76
CA LEU A 412 -20.23 2.56 23.87
C LEU A 412 -21.52 2.58 24.68
N ALA A 413 -22.40 1.56 24.51
CA ALA A 413 -23.66 1.41 25.25
C ALA A 413 -23.41 1.12 26.73
N ALA A 414 -22.25 0.48 27.05
CA ALA A 414 -21.75 0.23 28.41
C ALA A 414 -21.25 1.51 29.10
N LYS A 415 -20.60 2.41 28.33
CA LYS A 415 -20.11 3.71 28.82
C LYS A 415 -21.29 4.67 29.12
N LEU A 416 -22.26 4.75 28.19
CA LEU A 416 -23.49 5.55 28.35
C LEU A 416 -24.39 4.99 29.47
N SER A 417 -24.39 3.64 29.65
CA SER A 417 -25.05 2.97 30.78
C SER A 417 -24.48 3.46 32.14
N GLY A 418 -23.16 3.64 32.21
CA GLY A 418 -22.47 4.20 33.37
C GLY A 418 -22.82 5.65 33.64
N LEU A 419 -22.88 6.46 32.57
CA LEU A 419 -23.16 7.90 32.58
C LEU A 419 -24.65 8.24 32.83
N GLY A 420 -25.45 7.23 33.17
CA GLY A 420 -26.87 7.40 33.51
C GLY A 420 -27.77 7.63 32.32
N ILE A 421 -27.43 7.02 31.17
CA ILE A 421 -28.17 7.12 29.90
C ILE A 421 -28.65 5.70 29.53
N ASN A 422 -29.96 5.56 29.20
CA ASN A 422 -30.53 4.31 28.72
C ASN A 422 -30.04 4.07 27.27
N ALA A 423 -28.92 3.35 27.16
CA ALA A 423 -28.32 2.98 25.89
C ALA A 423 -28.55 1.50 25.63
N VAL A 424 -28.90 1.17 24.39
CA VAL A 424 -29.08 -0.21 23.97
C VAL A 424 -28.30 -0.49 22.69
N ALA A 425 -27.77 -1.71 22.56
CA ALA A 425 -26.95 -2.09 21.41
C ALA A 425 -27.77 -2.85 20.38
N TYR A 426 -27.64 -2.48 19.10
CA TYR A 426 -28.27 -3.24 18.02
C TYR A 426 -27.31 -3.60 16.90
N TYR A 427 -27.21 -4.91 16.62
CA TYR A 427 -26.39 -5.48 15.56
C TYR A 427 -26.98 -6.83 15.09
N ARG A 428 -26.46 -7.41 13.97
CA ARG A 428 -26.95 -8.68 13.41
C ARG A 428 -26.82 -9.82 14.43
N GLY A 429 -27.95 -10.45 14.73
CA GLY A 429 -28.05 -11.47 15.77
C GLY A 429 -28.87 -11.07 16.99
N LEU A 430 -29.19 -9.76 17.11
CA LEU A 430 -30.08 -9.25 18.15
C LEU A 430 -31.52 -9.20 17.65
N ASP A 431 -32.48 -9.29 18.58
CA ASP A 431 -33.88 -9.05 18.29
C ASP A 431 -34.11 -7.54 18.28
N VAL A 432 -34.94 -7.05 17.33
CA VAL A 432 -35.23 -5.61 17.22
C VAL A 432 -36.10 -5.11 18.38
N SER A 433 -36.80 -6.06 19.07
CA SER A 433 -37.57 -5.83 20.30
C SER A 433 -36.69 -5.35 21.47
N VAL A 434 -35.35 -5.57 21.38
CA VAL A 434 -34.34 -5.01 22.29
C VAL A 434 -34.33 -3.48 22.23
N ILE A 435 -34.66 -2.90 21.06
CA ILE A 435 -34.80 -1.46 20.86
C ILE A 435 -36.27 -1.04 21.09
N PRO A 436 -36.54 -0.03 21.94
CA PRO A 436 -37.94 0.38 22.18
C PRO A 436 -38.48 1.40 21.17
N THR A 437 -39.81 1.64 21.19
CA THR A 437 -40.48 2.61 20.32
C THR A 437 -40.95 3.86 21.08
N ILE A 438 -41.35 3.69 22.37
CA ILE A 438 -41.90 4.78 23.19
C ILE A 438 -40.80 5.57 23.90
N GLY A 439 -40.80 6.88 23.69
CA GLY A 439 -39.81 7.80 24.24
N ASP A 440 -37.55 7.13 26.56
CA ASP A 440 -36.34 7.80 26.08
C ASP A 440 -35.29 6.77 25.73
N VAL A 441 -34.45 7.02 24.69
CA VAL A 441 -33.46 6.03 24.24
C VAL A 441 -32.24 6.65 23.51
N VAL A 442 -31.08 5.96 23.62
CA VAL A 442 -29.96 6.08 22.69
C VAL A 442 -29.67 4.67 22.12
N VAL A 443 -29.92 4.45 20.83
CA VAL A 443 -29.57 3.16 20.25
C VAL A 443 -28.17 3.26 19.60
N VAL A 444 -27.26 2.37 20.02
CA VAL A 444 -25.91 2.32 19.48
C VAL A 444 -25.91 1.15 18.51
N ALA A 445 -25.97 1.47 17.21
CA ALA A 445 -26.14 0.44 16.18
C ALA A 445 -25.07 0.46 15.12
N THR A 446 -24.88 -0.71 14.47
CA THR A 446 -24.24 -0.89 13.15
C THR A 446 -25.29 -0.60 12.03
N ASP A 447 -24.91 -0.74 10.74
CA ASP A 447 -25.82 -0.58 9.59
C ASP A 447 -27.01 -1.58 9.54
N ALA A 448 -26.95 -2.66 10.33
CA ALA A 448 -28.01 -3.67 10.51
C ALA A 448 -29.35 -3.05 10.96
N LEU A 449 -29.28 -1.85 11.59
CA LEU A 449 -30.41 -1.00 12.00
C LEU A 449 -31.36 -0.74 10.82
N MET A 450 -30.80 -0.35 9.66
CA MET A 450 -31.60 0.10 8.53
C MET A 450 -32.33 -1.03 7.80
N THR A 451 -31.93 -2.30 8.03
CA THR A 451 -32.70 -3.44 7.53
C THR A 451 -33.57 -4.09 8.62
N GLY A 452 -33.27 -3.82 9.89
CA GLY A 452 -33.96 -4.42 11.01
C GLY A 452 -35.08 -3.58 11.61
N TYR A 453 -35.00 -2.24 11.43
CA TYR A 453 -35.80 -1.26 12.16
C TYR A 453 -36.15 -0.08 11.27
N THR A 454 -37.40 0.39 11.36
CA THR A 454 -37.95 1.38 10.44
C THR A 454 -38.06 2.81 11.04
N GLY A 455 -38.05 2.92 12.36
CA GLY A 455 -38.21 4.19 13.07
C GLY A 455 -37.20 5.28 12.78
N ASP A 456 -37.67 6.54 12.95
CA ASP A 456 -36.92 7.80 12.82
C ASP A 456 -36.43 8.25 14.22
N PHE A 457 -35.59 9.30 14.28
CA PHE A 457 -34.89 9.73 15.51
C PHE A 457 -34.74 11.26 15.57
N ASP A 458 -34.46 11.81 16.77
CA ASP A 458 -34.35 13.26 16.98
C ASP A 458 -33.00 13.73 16.48
N SER A 459 -31.98 12.89 16.68
CA SER A 459 -30.64 13.10 16.16
C SER A 459 -29.98 11.78 15.79
N VAL A 460 -29.08 11.85 14.77
CA VAL A 460 -28.16 10.81 14.32
C VAL A 460 -26.72 11.28 14.54
N ILE A 461 -25.91 10.42 15.17
CA ILE A 461 -24.46 10.61 15.31
C ILE A 461 -23.79 9.53 14.43
N ASP A 462 -22.87 9.96 13.54
CA ASP A 462 -22.22 9.11 12.54
C ASP A 462 -20.68 9.09 12.70
N CYS A 463 -20.12 7.87 12.89
CA CYS A 463 -18.70 7.55 12.87
C CYS A 463 -18.04 7.73 11.50
N ASN A 464 -18.85 7.78 10.43
CA ASN A 464 -18.49 8.00 9.03
C ASN A 464 -17.61 6.94 8.43
N THR A 465 -17.53 5.78 9.09
CA THR A 465 -16.81 4.61 8.61
C THR A 465 -17.74 3.40 8.74
N CYS A 466 -17.38 2.33 8.04
CA CYS A 466 -18.09 1.06 8.08
C CYS A 466 -17.11 -0.07 7.70
N VAL A 467 -17.56 -1.33 7.91
CA VAL A 467 -16.79 -2.52 7.59
C VAL A 467 -17.20 -3.04 6.21
N THR A 468 -16.21 -3.32 5.34
CA THR A 468 -16.43 -3.84 4.00
C THR A 468 -15.51 -5.03 3.69
N GLN A 469 -15.89 -5.81 2.67
CA GLN A 469 -15.01 -6.89 2.22
C GLN A 469 -14.45 -6.64 0.85
N THR A 470 -13.20 -7.03 0.68
CA THR A 470 -12.44 -6.80 -0.54
C THR A 470 -11.79 -8.11 -0.93
N VAL A 471 -11.73 -8.39 -2.20
CA VAL A 471 -10.95 -9.53 -2.64
C VAL A 471 -9.55 -9.05 -2.94
N ASP A 472 -8.58 -9.86 -2.60
CA ASP A 472 -7.22 -9.67 -3.07
C ASP A 472 -6.80 -10.95 -3.82
N PHE A 473 -6.39 -10.82 -5.07
CA PHE A 473 -5.87 -11.97 -5.85
C PHE A 473 -4.40 -12.22 -5.44
N SER A 474 -4.20 -12.90 -4.29
CA SER A 474 -2.89 -12.87 -3.64
C SER A 474 -1.99 -14.05 -3.97
N LEU A 475 -2.53 -15.09 -4.64
CA LEU A 475 -1.76 -16.20 -5.21
C LEU A 475 -0.98 -16.99 -4.15
N ASP A 476 -1.48 -16.92 -2.89
CA ASP A 476 -0.85 -17.48 -1.70
C ASP A 476 -1.72 -18.53 -0.88
N PRO A 477 -2.31 -19.60 -1.45
CA PRO A 477 -2.21 -20.10 -2.82
C PRO A 477 -3.12 -19.42 -3.84
N THR A 478 -4.22 -18.73 -3.40
CA THR A 478 -5.28 -18.42 -4.37
C THR A 478 -5.78 -16.98 -4.24
N PHE A 479 -6.88 -16.76 -3.50
CA PHE A 479 -7.40 -15.41 -3.21
C PHE A 479 -7.61 -15.21 -1.72
N THR A 480 -7.72 -13.95 -1.31
CA THR A 480 -8.05 -13.54 0.06
C THR A 480 -9.34 -12.72 0.01
N ILE A 481 -10.29 -12.99 0.92
CA ILE A 481 -11.35 -12.02 1.25
C ILE A 481 -10.84 -11.30 2.46
N GLU A 482 -10.55 -10.01 2.34
CA GLU A 482 -10.08 -9.20 3.46
C GLU A 482 -11.21 -8.36 3.98
N THR A 483 -11.38 -8.34 5.29
CA THR A 483 -12.32 -7.48 6.02
C THR A 483 -11.57 -6.20 6.45
N THR A 484 -12.15 -5.03 6.19
CA THR A 484 -11.45 -3.76 6.34
C THR A 484 -12.44 -2.65 6.75
N THR A 485 -11.93 -1.63 7.43
CA THR A 485 -12.73 -0.45 7.79
C THR A 485 -12.43 0.66 6.81
N VAL A 486 -13.47 1.14 6.12
CA VAL A 486 -13.33 2.11 5.04
C VAL A 486 -14.06 3.39 5.39
N PRO A 487 -13.61 4.58 4.91
CA PRO A 487 -14.50 5.75 4.92
C PRO A 487 -15.86 5.45 4.29
N GLN A 488 -16.95 6.00 4.84
CA GLN A 488 -18.27 5.80 4.24
C GLN A 488 -18.36 6.46 2.85
N ASP A 489 -19.30 5.99 2.02
CA ASP A 489 -19.59 6.59 0.72
C ASP A 489 -20.89 7.39 0.77
N ALA A 490 -21.22 8.12 -0.33
CA ALA A 490 -22.38 9.01 -0.41
C ALA A 490 -23.70 8.33 0.00
N VAL A 491 -23.92 7.08 -0.47
CA VAL A 491 -25.08 6.23 -0.17
C VAL A 491 -25.22 6.00 1.35
N SER A 492 -24.15 5.49 1.99
CA SER A 492 -24.02 5.32 3.45
C SER A 492 -24.39 6.61 4.22
N ARG A 493 -23.84 7.78 3.79
CA ARG A 493 -24.07 9.03 4.49
C ARG A 493 -25.55 9.39 4.48
N SER A 494 -26.16 9.42 3.28
CA SER A 494 -27.58 9.73 3.06
C SER A 494 -28.54 8.82 3.81
N GLN A 495 -28.36 7.49 3.72
CA GLN A 495 -29.20 6.53 4.42
C GLN A 495 -29.12 6.67 5.97
N ARG A 496 -27.87 6.83 6.51
CA ARG A 496 -27.63 7.04 7.95
C ARG A 496 -28.19 8.36 8.45
N ARG A 497 -27.95 9.50 7.71
CA ARG A 497 -28.49 10.82 8.01
C ARG A 497 -30.02 10.78 8.00
N GLY A 498 -30.58 10.09 6.99
CA GLY A 498 -32.02 9.94 6.74
C GLY A 498 -32.88 9.33 7.84
N ARG A 499 -32.28 8.69 8.86
CA ARG A 499 -32.97 8.20 10.05
C ARG A 499 -33.31 9.35 11.09
N THR A 500 -33.12 10.62 10.66
CA THR A 500 -33.55 11.83 11.37
C THR A 500 -34.08 12.83 10.37
N GLY A 501 -34.92 13.75 10.87
CA GLY A 501 -35.51 14.83 10.11
C GLY A 501 -36.53 14.39 9.09
N ARG A 502 -37.27 13.31 9.37
CA ARG A 502 -38.34 12.81 8.49
C ARG A 502 -39.70 13.50 8.81
N GLY A 503 -40.01 14.55 8.06
CA GLY A 503 -41.23 15.34 8.21
C GLY A 503 -41.14 16.46 9.24
N ARG A 504 -40.15 16.37 10.15
CA ARG A 504 -39.92 17.26 11.28
C ARG A 504 -38.43 17.62 11.36
N ARG A 505 -38.04 18.56 12.26
CA ARG A 505 -36.63 18.92 12.46
C ARG A 505 -35.82 17.76 13.04
N GLY A 506 -34.57 17.62 12.60
CA GLY A 506 -33.60 16.65 13.11
C GLY A 506 -32.20 17.23 13.27
N ILE A 507 -31.27 16.43 13.85
CA ILE A 507 -29.85 16.82 14.01
C ILE A 507 -28.92 15.69 13.55
N TYR A 508 -27.94 16.01 12.68
CA TYR A 508 -26.92 15.06 12.20
C TYR A 508 -25.52 15.48 12.66
N ARG A 509 -24.89 14.66 13.50
CA ARG A 509 -23.52 14.90 13.97
C ARG A 509 -22.58 13.88 13.33
N PHE A 510 -21.43 14.36 12.86
CA PHE A 510 -20.45 13.54 12.15
C PHE A 510 -19.03 13.73 12.70
N VAL A 511 -18.17 12.70 12.55
CA VAL A 511 -16.73 12.71 12.83
C VAL A 511 -15.97 13.41 11.68
N THR A 512 -16.20 12.95 10.45
CA THR A 512 -15.51 13.41 9.24
C THR A 512 -16.55 13.96 8.25
N PRO A 513 -16.30 15.14 7.64
CA PRO A 513 -17.10 15.56 6.49
C PRO A 513 -16.65 14.77 5.25
N GLY A 514 -17.46 14.79 4.22
CA GLY A 514 -17.06 14.14 2.99
C GLY A 514 -17.25 12.64 2.97
N GLU A 515 -17.11 12.08 1.76
CA GLU A 515 -17.58 10.76 1.43
C GLU A 515 -16.81 10.26 0.22
N ARG A 516 -16.62 8.94 0.13
CA ARG A 516 -16.13 8.31 -1.08
C ARG A 516 -17.27 8.30 -2.13
N PRO A 517 -16.94 8.18 -3.44
CA PRO A 517 -17.98 8.01 -4.47
C PRO A 517 -18.86 6.77 -4.31
N SER A 518 -20.09 6.89 -4.82
CA SER A 518 -21.16 5.94 -4.71
C SER A 518 -21.35 5.17 -6.03
N GLY A 519 -21.98 4.00 -5.93
CA GLY A 519 -22.40 3.22 -7.10
C GLY A 519 -21.32 2.32 -7.69
N MET A 520 -20.29 2.02 -6.91
CA MET A 520 -19.27 1.00 -7.22
C MET A 520 -19.27 -0.03 -6.11
N PHE A 521 -19.11 -1.33 -6.48
CA PHE A 521 -18.91 -2.38 -5.46
C PHE A 521 -17.77 -3.32 -5.87
N ASP A 522 -17.32 -4.10 -4.92
CA ASP A 522 -16.14 -4.92 -5.08
C ASP A 522 -16.46 -6.31 -5.67
N SER A 523 -15.51 -6.87 -6.44
CA SER A 523 -15.53 -8.27 -6.88
C SER A 523 -15.93 -9.30 -5.84
N SER A 524 -15.59 -9.11 -4.54
CA SER A 524 -15.98 -10.04 -3.48
C SER A 524 -17.50 -10.20 -3.36
N VAL A 525 -18.29 -9.12 -3.69
CA VAL A 525 -19.77 -9.19 -3.74
C VAL A 525 -20.19 -10.17 -4.83
N LEU A 526 -19.40 -10.30 -5.92
CA LEU A 526 -19.76 -11.27 -6.96
C LEU A 526 -19.56 -12.71 -6.42
N CYS A 527 -18.42 -12.97 -5.75
CA CYS A 527 -18.15 -14.16 -4.94
C CYS A 527 -19.34 -14.54 -4.03
N GLU A 528 -19.93 -13.54 -3.35
CA GLU A 528 -21.02 -13.69 -2.39
C GLU A 528 -22.33 -14.11 -3.03
N CYS A 529 -22.56 -13.66 -4.26
CA CYS A 529 -23.71 -14.00 -5.10
C CYS A 529 -23.68 -15.49 -5.49
N TYR A 530 -22.51 -15.97 -5.93
CA TYR A 530 -22.31 -17.37 -6.33
C TYR A 530 -22.42 -18.27 -5.08
N ASP A 531 -21.83 -17.80 -3.97
CA ASP A 531 -21.92 -18.40 -2.63
C ASP A 531 -23.40 -18.55 -2.23
N ALA A 532 -24.18 -17.43 -2.22
CA ALA A 532 -25.63 -17.40 -1.89
C ALA A 532 -26.48 -18.21 -2.86
N GLY A 533 -26.13 -18.19 -4.16
CA GLY A 533 -26.76 -19.04 -5.16
C GLY A 533 -26.65 -20.51 -4.78
N CYS A 534 -25.44 -20.93 -4.45
CA CYS A 534 -25.11 -22.27 -4.01
C CYS A 534 -25.72 -22.61 -2.69
N ALA A 535 -25.59 -21.72 -1.67
CA ALA A 535 -26.04 -22.02 -0.31
C ALA A 535 -27.54 -21.97 -0.15
N TRP A 536 -28.24 -20.97 -0.76
CA TRP A 536 -29.64 -20.63 -0.44
C TRP A 536 -30.65 -20.87 -1.52
N TYR A 537 -30.27 -20.70 -2.77
CA TYR A 537 -31.23 -20.54 -3.86
C TYR A 537 -31.14 -21.64 -4.90
N GLU A 538 -30.29 -22.66 -4.67
CA GLU A 538 -30.16 -23.86 -5.53
C GLU A 538 -29.82 -23.49 -6.98
N LEU A 539 -28.96 -22.49 -7.17
CA LEU A 539 -28.54 -22.08 -8.50
C LEU A 539 -27.18 -22.67 -8.75
N THR A 540 -27.02 -23.37 -9.91
CA THR A 540 -25.70 -23.77 -10.39
C THR A 540 -24.91 -22.47 -10.64
N PRO A 541 -23.55 -22.51 -10.65
CA PRO A 541 -22.81 -21.27 -10.99
C PRO A 541 -23.18 -20.68 -12.36
N ALA A 542 -23.35 -21.52 -13.40
CA ALA A 542 -23.88 -21.12 -14.73
C ALA A 542 -25.18 -20.29 -14.67
N GLU A 543 -26.18 -20.76 -13.87
CA GLU A 543 -27.45 -20.08 -13.63
C GLU A 543 -27.25 -18.71 -13.00
N THR A 544 -26.43 -18.61 -11.94
CA THR A 544 -26.03 -17.36 -11.29
C THR A 544 -25.37 -16.37 -12.27
N SER A 545 -24.49 -16.87 -13.14
CA SER A 545 -23.87 -16.08 -14.20
C SER A 545 -24.87 -15.36 -15.10
N VAL A 546 -25.92 -16.06 -15.59
CA VAL A 546 -27.00 -15.51 -16.41
C VAL A 546 -27.64 -14.31 -15.67
N ARG A 547 -28.07 -14.54 -14.41
CA ARG A 547 -28.71 -13.53 -13.55
C ARG A 547 -27.85 -12.27 -13.38
N LEU A 548 -26.55 -12.45 -13.01
CA LEU A 548 -25.58 -11.38 -12.81
C LEU A 548 -25.19 -10.67 -14.08
N ARG A 549 -25.02 -11.42 -15.20
CA ARG A 549 -24.83 -10.82 -16.53
C ARG A 549 -25.92 -9.77 -16.82
N ALA A 550 -27.21 -10.12 -16.60
CA ALA A 550 -28.33 -9.20 -16.76
C ALA A 550 -28.10 -7.94 -15.92
N TYR A 551 -27.76 -8.12 -14.62
CA TYR A 551 -27.49 -7.01 -13.73
C TYR A 551 -26.35 -6.11 -14.27
N LEU A 552 -25.16 -6.69 -14.66
CA LEU A 552 -24.02 -5.90 -15.14
C LEU A 552 -24.27 -5.23 -16.49
N ASN A 553 -25.10 -5.83 -17.34
CA ASN A 553 -25.43 -5.26 -18.64
C ASN A 553 -26.48 -4.14 -18.56
N THR A 554 -27.33 -4.11 -17.51
CA THR A 554 -28.30 -3.03 -17.37
C THR A 554 -27.60 -1.78 -16.86
N PRO A 555 -27.57 -0.68 -17.65
CA PRO A 555 -27.01 0.58 -17.14
C PRO A 555 -27.86 1.23 -16.06
N GLY A 556 -27.26 2.18 -15.33
CA GLY A 556 -27.88 2.92 -14.23
C GLY A 556 -27.81 2.24 -12.89
N LEU A 557 -27.28 1.01 -12.82
CA LEU A 557 -27.18 0.24 -11.58
C LEU A 557 -25.76 0.35 -11.01
N PRO A 558 -25.55 0.07 -9.69
CA PRO A 558 -24.16 0.05 -9.17
C PRO A 558 -23.21 -0.83 -10.05
N VAL A 559 -21.92 -0.47 -10.15
CA VAL A 559 -21.02 -1.15 -11.10
C VAL A 559 -19.92 -1.95 -10.42
N CYS A 560 -19.37 -2.89 -11.16
CA CYS A 560 -18.37 -3.82 -10.66
C CYS A 560 -17.52 -4.31 -11.82
N GLN A 561 -16.26 -4.62 -11.57
CA GLN A 561 -15.42 -5.34 -12.52
C GLN A 561 -16.06 -6.67 -12.82
N ASP A 562 -16.14 -7.02 -14.09
CA ASP A 562 -16.75 -8.22 -14.57
C ASP A 562 -15.81 -9.39 -14.33
N HIS A 563 -15.94 -10.05 -13.17
CA HIS A 563 -15.14 -11.22 -12.83
C HIS A 563 -16.02 -12.47 -12.80
N LEU A 564 -17.12 -12.43 -13.55
CA LEU A 564 -18.16 -13.48 -13.65
C LEU A 564 -17.58 -14.82 -14.07
N GLU A 565 -16.81 -14.86 -15.16
CA GLU A 565 -16.22 -16.10 -15.64
C GLU A 565 -15.31 -16.75 -14.64
N PHE A 566 -14.49 -15.95 -13.95
CA PHE A 566 -13.57 -16.38 -12.89
C PHE A 566 -14.32 -17.03 -11.74
N TRP A 567 -15.27 -16.29 -11.13
CA TRP A 567 -16.04 -16.74 -9.98
C TRP A 567 -16.89 -17.96 -10.29
N GLU A 568 -17.40 -18.07 -11.53
CA GLU A 568 -18.20 -19.22 -11.95
C GLU A 568 -17.32 -20.45 -11.99
N SER A 569 -16.10 -20.33 -12.57
CA SER A 569 -15.09 -21.39 -12.60
C SER A 569 -14.70 -21.91 -11.21
N VAL A 570 -14.55 -21.00 -10.21
CA VAL A 570 -14.18 -21.33 -8.82
C VAL A 570 -15.29 -22.22 -8.23
N PHE A 571 -16.56 -21.76 -8.27
CA PHE A 571 -17.66 -22.44 -7.63
C PHE A 571 -18.07 -23.70 -8.35
N THR A 572 -17.87 -23.77 -9.69
CA THR A 572 -18.05 -24.99 -10.49
C THR A 572 -17.23 -26.19 -9.93
N GLY A 573 -16.07 -25.95 -9.34
CA GLY A 573 -15.25 -27.03 -8.79
C GLY A 573 -15.52 -27.43 -7.34
N LEU A 574 -16.28 -26.61 -6.59
CA LEU A 574 -16.63 -26.80 -5.18
C LEU A 574 -17.89 -27.67 -5.06
N THR A 575 -17.75 -28.95 -5.37
CA THR A 575 -18.81 -29.96 -5.45
C THR A 575 -18.71 -30.94 -4.25
N HIS A 576 -19.83 -31.57 -3.87
CA HIS A 576 -19.94 -32.53 -2.76
C HIS A 576 -19.53 -31.91 -1.40
N ILE A 577 -20.00 -30.71 -1.16
CA ILE A 577 -19.98 -30.04 0.16
C ILE A 577 -20.72 -30.92 1.18
N ASP A 578 -20.32 -30.87 2.45
CA ASP A 578 -21.04 -31.53 3.53
C ASP A 578 -22.31 -30.70 3.80
N ALA A 579 -23.47 -31.35 3.72
CA ALA A 579 -24.78 -30.72 3.86
C ALA A 579 -24.95 -30.14 5.27
N HIS A 580 -24.44 -30.88 6.28
CA HIS A 580 -24.46 -30.51 7.69
C HIS A 580 -23.69 -29.24 7.98
N PHE A 581 -22.42 -29.15 7.55
CA PHE A 581 -21.63 -27.93 7.78
C PHE A 581 -22.26 -26.73 7.11
N LEU A 582 -22.76 -26.91 5.85
CA LEU A 582 -23.45 -25.89 5.08
C LEU A 582 -24.66 -25.39 5.82
N SER A 583 -25.44 -26.29 6.43
CA SER A 583 -26.64 -25.87 7.16
C SER A 583 -26.26 -25.04 8.40
N GLN A 584 -25.12 -25.39 9.03
CA GLN A 584 -24.58 -24.68 10.19
C GLN A 584 -24.06 -23.29 9.83
N THR A 585 -23.24 -23.15 8.78
CA THR A 585 -22.80 -21.82 8.35
C THR A 585 -23.96 -20.90 7.92
N LYS A 586 -25.01 -21.49 7.32
CA LYS A 586 -26.22 -20.77 6.94
C LYS A 586 -26.92 -20.21 8.17
N GLN A 587 -27.26 -21.10 9.11
CA GLN A 587 -27.93 -20.72 10.35
C GLN A 587 -27.17 -19.62 11.15
N ALA A 588 -25.85 -19.76 11.33
CA ALA A 588 -25.00 -18.79 12.03
C ALA A 588 -24.95 -17.37 11.39
N GLY A 589 -25.33 -17.26 10.11
CA GLY A 589 -25.64 -15.99 9.47
C GLY A 589 -24.48 -15.18 8.98
N ASP A 590 -23.28 -15.76 9.09
CA ASP A 590 -22.07 -15.07 8.69
C ASP A 590 -21.83 -15.20 7.19
N ASN A 591 -20.97 -14.32 6.67
CA ASN A 591 -20.63 -14.17 5.27
C ASN A 591 -19.93 -15.39 4.74
N PHE A 592 -20.13 -15.66 3.45
CA PHE A 592 -19.57 -16.75 2.68
C PHE A 592 -19.91 -18.11 3.29
N PRO A 593 -21.20 -18.38 3.64
CA PRO A 593 -21.54 -19.67 4.26
C PRO A 593 -21.14 -20.88 3.41
N TYR A 594 -21.17 -20.75 2.07
CA TYR A 594 -20.71 -21.82 1.19
C TYR A 594 -19.20 -22.03 1.28
N LEU A 595 -18.39 -20.95 1.16
CA LEU A 595 -16.92 -21.04 1.27
C LEU A 595 -16.43 -21.53 2.63
N VAL A 596 -17.03 -21.05 3.72
CA VAL A 596 -16.72 -21.50 5.07
C VAL A 596 -17.01 -23.00 5.15
N ALA A 597 -18.29 -23.41 4.84
CA ALA A 597 -18.65 -24.82 4.94
C ALA A 597 -17.85 -25.73 3.99
N TYR A 598 -17.40 -25.19 2.82
CA TYR A 598 -16.62 -26.00 1.87
C TYR A 598 -15.20 -26.25 2.38
N GLN A 599 -14.54 -25.21 2.91
CA GLN A 599 -13.22 -25.35 3.53
C GLN A 599 -13.25 -26.34 4.71
N ALA A 600 -14.31 -26.26 5.54
CA ALA A 600 -14.51 -27.15 6.70
C ALA A 600 -14.68 -28.58 6.27
N THR A 601 -15.36 -28.79 5.10
CA THR A 601 -15.68 -30.10 4.52
C THR A 601 -14.38 -30.79 4.17
N VAL A 602 -13.49 -30.06 3.48
CA VAL A 602 -12.15 -30.48 3.05
C VAL A 602 -11.29 -30.82 4.28
N CYS A 603 -11.37 -30.01 5.37
CA CYS A 603 -10.66 -30.23 6.66
C CYS A 603 -11.12 -31.50 7.32
N ALA A 604 -12.43 -31.59 7.60
CA ALA A 604 -13.03 -32.75 8.24
C ALA A 604 -12.62 -34.03 7.51
N ARG A 605 -12.87 -34.12 6.19
CA ARG A 605 -12.55 -35.31 5.37
C ARG A 605 -11.05 -35.65 5.24
N ALA A 606 -10.14 -34.66 5.49
CA ALA A 606 -8.68 -34.92 5.58
C ALA A 606 -8.27 -35.22 7.01
N GLN A 607 -9.22 -35.10 7.97
CA GLN A 607 -8.97 -35.09 9.43
C GLN A 607 -7.99 -33.97 9.85
N ALA A 608 -7.94 -32.87 9.09
CA ALA A 608 -7.07 -31.72 9.29
C ALA A 608 -7.75 -30.63 10.12
N PRO A 609 -7.00 -29.82 10.90
CA PRO A 609 -7.64 -28.66 11.59
C PRO A 609 -8.06 -27.55 10.64
N PRO A 610 -9.01 -26.68 11.05
CA PRO A 610 -9.33 -25.48 10.24
C PRO A 610 -8.14 -24.50 10.16
N PRO A 611 -8.17 -23.52 9.21
CA PRO A 611 -7.09 -22.50 9.18
C PRO A 611 -6.76 -21.85 10.54
N SER A 612 -7.76 -21.76 11.45
CA SER A 612 -7.61 -21.24 12.81
C SER A 612 -8.83 -21.65 13.67
N TRP A 613 -8.80 -21.35 14.98
CA TRP A 613 -9.92 -21.60 15.86
C TRP A 613 -10.74 -20.32 16.16
N ASP A 614 -10.84 -19.45 15.16
CA ASP A 614 -11.76 -18.32 15.16
C ASP A 614 -13.22 -18.82 15.05
N GLN A 615 -14.18 -17.97 15.45
CA GLN A 615 -15.62 -18.26 15.45
C GLN A 615 -16.15 -18.74 14.07
N MET A 616 -15.51 -18.29 12.97
CA MET A 616 -15.78 -18.76 11.62
C MET A 616 -15.81 -20.31 11.55
N TRP A 617 -14.83 -20.98 12.20
CA TRP A 617 -14.59 -22.43 12.10
C TRP A 617 -15.28 -23.26 13.22
N LYS A 618 -16.30 -22.69 13.92
CA LYS A 618 -16.90 -23.32 15.11
C LYS A 618 -17.66 -24.66 14.87
N CYS A 619 -18.06 -24.96 13.61
CA CYS A 619 -18.65 -26.25 13.18
C CYS A 619 -17.68 -27.43 13.34
N LEU A 620 -16.37 -27.13 13.42
CA LEU A 620 -15.30 -28.11 13.64
C LEU A 620 -14.93 -28.29 15.14
N ILE A 621 -15.41 -27.42 16.07
CA ILE A 621 -15.00 -27.46 17.49
C ILE A 621 -15.13 -28.88 18.07
N ARG A 622 -16.29 -29.47 17.85
CA ARG A 622 -16.74 -30.82 18.18
C ARG A 622 -15.65 -31.87 17.83
N LEU A 623 -14.93 -31.62 16.74
CA LEU A 623 -14.00 -32.50 16.06
C LEU A 623 -12.53 -32.23 16.43
N LYS A 624 -12.24 -31.07 17.05
CA LYS A 624 -10.92 -30.61 17.54
C LYS A 624 -10.02 -31.75 18.10
N PRO A 625 -10.53 -32.70 18.96
CA PRO A 625 -9.67 -33.80 19.44
C PRO A 625 -9.10 -34.70 18.36
N THR A 626 -9.88 -34.88 17.28
CA THR A 626 -9.56 -35.80 16.19
C THR A 626 -8.80 -35.10 15.03
N LEU A 627 -8.66 -33.75 15.07
CA LEU A 627 -8.06 -32.97 13.97
C LEU A 627 -6.58 -32.67 14.18
N HIS A 628 -5.74 -33.05 13.20
CA HIS A 628 -4.28 -33.04 13.28
C HIS A 628 -3.65 -32.77 11.91
N GLY A 629 -2.49 -32.13 11.91
CA GLY A 629 -1.71 -31.87 10.71
C GLY A 629 -1.93 -30.52 10.06
N PRO A 630 -1.29 -30.29 8.88
CA PRO A 630 -1.48 -29.00 8.19
C PRO A 630 -2.88 -28.87 7.61
N THR A 631 -3.50 -27.64 7.58
CA THR A 631 -4.82 -27.49 6.96
C THR A 631 -4.68 -27.53 5.44
N PRO A 632 -5.57 -28.21 4.70
CA PRO A 632 -5.51 -28.13 3.22
C PRO A 632 -6.21 -26.87 2.78
N LEU A 633 -5.43 -25.79 2.61
CA LEU A 633 -5.93 -24.42 2.44
C LEU A 633 -6.39 -24.12 1.01
N LEU A 634 -7.65 -23.67 0.89
CA LEU A 634 -8.33 -23.49 -0.39
C LEU A 634 -8.25 -22.03 -0.88
N TYR A 635 -8.23 -21.08 0.07
CA TYR A 635 -8.34 -19.62 -0.07
C TYR A 635 -8.25 -19.05 1.33
N ARG A 636 -8.11 -17.73 1.48
CA ARG A 636 -7.96 -17.13 2.82
C ARG A 636 -9.20 -16.29 3.11
N LEU A 637 -9.85 -16.53 4.25
CA LEU A 637 -11.05 -15.80 4.67
C LEU A 637 -10.79 -15.00 5.98
N GLY A 638 -9.55 -15.06 6.42
CA GLY A 638 -9.06 -14.42 7.64
C GLY A 638 -7.65 -14.84 7.92
N ALA A 639 -7.18 -14.59 9.17
CA ALA A 639 -5.85 -15.06 9.58
C ALA A 639 -5.76 -16.59 9.43
N VAL A 640 -4.56 -17.09 9.17
CA VAL A 640 -4.30 -18.51 9.07
C VAL A 640 -3.16 -18.74 10.04
N GLN A 641 -3.44 -19.48 11.10
CA GLN A 641 -2.49 -19.74 12.18
C GLN A 641 -1.86 -21.13 12.01
N ASN A 642 -2.67 -22.11 11.58
CA ASN A 642 -2.13 -23.45 11.42
C ASN A 642 -1.17 -23.51 10.21
N GLU A 643 -0.20 -24.44 10.26
CA GLU A 643 0.54 -24.86 9.08
C GLU A 643 -0.43 -25.23 7.91
N VAL A 644 -0.03 -24.99 6.67
CA VAL A 644 -0.86 -25.31 5.51
C VAL A 644 -0.21 -26.35 4.56
N THR A 645 -1.07 -27.08 3.85
CA THR A 645 -0.68 -27.91 2.71
C THR A 645 -1.40 -27.41 1.47
N LEU A 646 -0.75 -27.45 0.32
CA LEU A 646 -1.30 -26.94 -0.93
C LEU A 646 -1.47 -28.08 -1.93
N THR A 647 -1.49 -29.33 -1.46
CA THR A 647 -1.54 -30.52 -2.32
C THR A 647 -2.95 -31.00 -2.60
N HIS A 648 -4.00 -30.35 -1.99
CA HIS A 648 -5.39 -30.79 -2.14
C HIS A 648 -5.86 -30.59 -3.58
N PRO A 649 -6.51 -31.61 -4.19
CA PRO A 649 -7.06 -31.39 -5.54
C PRO A 649 -7.85 -30.10 -5.71
N ILE A 650 -8.57 -29.62 -4.66
CA ILE A 650 -9.38 -28.39 -4.76
C ILE A 650 -8.49 -27.12 -4.71
N THR A 651 -7.43 -27.13 -3.90
CA THR A 651 -6.44 -26.05 -3.94
C THR A 651 -5.89 -25.95 -5.40
N LYS A 652 -5.43 -27.06 -5.96
CA LYS A 652 -4.88 -27.13 -7.30
C LYS A 652 -5.83 -26.56 -8.35
N TYR A 653 -7.13 -26.93 -8.26
CA TYR A 653 -8.20 -26.53 -9.13
C TYR A 653 -8.43 -25.04 -9.09
N ILE A 654 -8.49 -24.44 -7.87
CA ILE A 654 -8.64 -23.01 -7.66
C ILE A 654 -7.37 -22.27 -8.10
N MET A 655 -6.13 -22.79 -7.80
CA MET A 655 -4.88 -22.21 -8.36
C MET A 655 -5.00 -22.13 -9.90
N ALA A 656 -5.47 -23.23 -10.56
CA ALA A 656 -5.69 -23.24 -12.01
C ALA A 656 -6.68 -22.15 -12.49
N CYS A 657 -7.74 -21.84 -11.67
CA CYS A 657 -8.69 -20.76 -11.97
C CYS A 657 -8.05 -19.37 -11.98
N MET A 658 -7.00 -19.13 -11.17
CA MET A 658 -6.22 -17.86 -11.14
C MET A 658 -5.57 -17.45 -12.49
N SER A 659 -5.50 -18.32 -13.49
CA SER A 659 -5.00 -18.04 -14.86
C SER A 659 -5.96 -17.20 -15.69
N ALA A 660 -7.21 -17.08 -15.22
CA ALA A 660 -8.25 -16.25 -15.83
C ALA A 660 -7.76 -14.80 -16.05
N ASP A 661 -8.15 -14.22 -17.20
CA ASP A 661 -7.97 -12.79 -17.49
C ASP A 661 -8.82 -12.06 -16.49
N LEU A 662 -8.19 -11.33 -15.58
CA LEU A 662 -8.87 -10.54 -14.56
C LEU A 662 -8.67 -9.06 -14.87
N GLU A 663 -9.77 -8.33 -15.01
CA GLU A 663 -9.69 -6.88 -15.31
C GLU A 663 -9.65 -6.11 -14.00
N VAL A 664 -8.56 -5.38 -13.80
CA VAL A 664 -8.32 -4.60 -12.58
C VAL A 664 -8.09 -3.11 -12.88
N VAL A 665 -8.65 -2.22 -12.05
CA VAL A 665 -8.62 -0.79 -12.36
C VAL A 665 -7.23 -0.21 -12.11
N THR A 666 -6.96 0.98 -12.69
CA THR A 666 -5.64 1.61 -12.65
C THR A 666 -5.76 3.09 -12.16
N GLY B 22 10.94 18.72 6.78
CA GLY B 22 9.82 18.05 7.44
C GLY B 22 10.08 17.75 8.91
N SER B 23 9.15 18.17 9.78
CA SER B 23 9.17 17.78 11.20
C SER B 23 8.22 16.63 11.46
N VAL B 24 8.43 15.91 12.58
CA VAL B 24 7.40 15.02 13.12
C VAL B 24 6.30 15.91 13.73
N VAL B 25 5.02 15.50 13.64
CA VAL B 25 3.87 16.29 14.12
C VAL B 25 2.99 15.45 15.04
N ILE B 26 2.65 15.97 16.27
CA ILE B 26 1.59 15.37 17.08
C ILE B 26 0.26 15.57 16.37
N VAL B 27 -0.44 14.48 16.03
CA VAL B 27 -1.69 14.53 15.26
C VAL B 27 -2.88 14.06 16.10
N GLY B 28 -2.58 13.52 17.27
CA GLY B 28 -3.59 13.08 18.23
C GLY B 28 -2.94 12.52 19.49
N ARG B 29 -3.75 11.86 20.34
CA ARG B 29 -3.28 11.30 21.61
C ARG B 29 -4.00 10.05 22.06
N ILE B 30 -3.31 9.12 22.74
CA ILE B 30 -3.96 8.00 23.44
C ILE B 30 -3.95 8.33 24.90
N ILE B 31 -5.14 8.46 25.50
CA ILE B 31 -5.32 8.75 26.92
C ILE B 31 -5.40 7.43 27.69
N LEU B 32 -4.58 7.27 28.75
CA LEU B 32 -4.56 6.07 29.58
C LEU B 32 -5.28 6.31 30.93
N SER B 33 -5.64 5.22 31.64
CA SER B 33 -6.47 5.27 32.86
C SER B 33 -5.67 5.50 34.13
N SER B 37 -7.13 -0.98 36.57
CA SER B 37 -7.37 -1.63 35.29
C SER B 37 -7.06 -0.72 34.05
N ILE B 38 -6.01 -1.08 33.27
CA ILE B 38 -5.57 -0.30 32.08
C ILE B 38 -6.63 -0.34 30.96
N THR B 39 -7.25 0.84 30.71
CA THR B 39 -8.16 1.11 29.58
C THR B 39 -7.63 2.34 28.82
N ALA B 40 -7.92 2.43 27.51
CA ALA B 40 -7.43 3.56 26.70
C ALA B 40 -8.48 4.11 25.72
N TYR B 41 -8.31 5.37 25.29
CA TYR B 41 -9.05 5.95 24.17
C TYR B 41 -8.23 6.99 23.43
N SER B 42 -8.58 7.25 22.16
CA SER B 42 -7.87 8.13 21.25
C SER B 42 -8.61 9.43 21.06
N GLN B 43 -7.87 10.54 20.94
CA GLN B 43 -8.43 11.83 20.54
C GLN B 43 -7.55 12.42 19.45
N GLN B 44 -8.10 12.60 18.23
CA GLN B 44 -7.41 13.24 17.12
C GLN B 44 -7.46 14.74 17.35
N THR B 45 -6.38 15.46 16.98
CA THR B 45 -6.26 16.91 17.23
C THR B 45 -5.93 17.65 15.95
N ARG B 46 -5.44 16.91 14.94
CA ARG B 46 -4.99 17.44 13.65
C ARG B 46 -5.47 16.62 12.45
N GLY B 47 -5.96 17.36 11.45
CA GLY B 47 -6.25 16.82 10.12
C GLY B 47 -5.05 16.88 9.20
N LEU B 48 -5.29 16.74 7.88
CA LEU B 48 -4.23 16.66 6.88
C LEU B 48 -3.53 18.00 6.67
N LEU B 49 -4.29 19.07 6.35
CA LEU B 49 -3.76 20.42 6.08
C LEU B 49 -2.81 20.87 7.19
N GLY B 50 -3.31 20.84 8.44
CA GLY B 50 -2.59 21.16 9.66
C GLY B 50 -1.30 20.40 9.86
N CYS B 51 -1.37 19.05 9.85
CA CYS B 51 -0.21 18.16 9.82
C CYS B 51 0.89 18.61 8.85
N ILE B 52 0.50 18.94 7.60
CA ILE B 52 1.47 19.25 6.53
C ILE B 52 2.04 20.68 6.66
N ILE B 53 1.24 21.65 7.13
CA ILE B 53 1.71 23.01 7.45
C ILE B 53 2.67 22.96 8.66
N THR B 54 2.28 22.21 9.71
CA THR B 54 3.04 22.07 10.95
C THR B 54 4.38 21.36 10.70
N SER B 55 4.41 20.36 9.79
CA SER B 55 5.62 19.66 9.37
C SER B 55 6.62 20.59 8.67
N LEU B 56 6.07 21.52 7.87
CA LEU B 56 6.84 22.47 7.07
C LEU B 56 7.37 23.62 7.91
N THR B 57 6.56 24.18 8.81
CA THR B 57 7.02 25.30 9.63
C THR B 57 7.86 24.80 10.79
N GLY B 58 7.46 23.67 11.38
CA GLY B 58 8.03 23.13 12.59
C GLY B 58 7.46 23.76 13.84
N ARG B 59 6.50 24.70 13.67
CA ARG B 59 5.84 25.44 14.74
C ARG B 59 4.44 24.87 14.98
N ASP B 60 4.19 24.41 16.23
CA ASP B 60 2.98 23.74 16.69
C ASP B 60 2.59 24.39 18.01
N LYS B 61 1.61 25.28 17.95
CA LYS B 61 1.09 25.97 19.14
C LYS B 61 0.08 25.11 19.93
N ASN B 62 -0.44 24.02 19.32
CA ASN B 62 -1.32 23.04 19.98
C ASN B 62 -0.77 22.56 21.31
N GLN B 63 -1.63 22.45 22.33
CA GLN B 63 -1.24 22.03 23.67
C GLN B 63 -1.00 20.53 23.72
N VAL B 64 0.12 20.12 24.36
CA VAL B 64 0.46 18.70 24.52
C VAL B 64 -0.16 18.16 25.81
N GLU B 65 -0.98 17.10 25.70
CA GLU B 65 -1.62 16.44 26.85
C GLU B 65 -1.39 14.92 26.79
N GLY B 66 -1.28 14.30 27.97
CA GLY B 66 -1.12 12.85 28.08
C GLY B 66 0.30 12.34 27.87
N GLU B 67 0.49 11.01 28.05
CA GLU B 67 1.79 10.34 27.99
C GLU B 67 2.07 9.65 26.66
N VAL B 68 1.01 9.38 25.87
CA VAL B 68 1.06 8.73 24.54
C VAL B 68 0.56 9.68 23.44
N GLN B 69 1.45 9.99 22.50
CA GLN B 69 1.19 10.88 21.38
C GLN B 69 1.03 10.03 20.13
N VAL B 70 0.05 10.42 19.30
CA VAL B 70 -0.07 9.88 17.96
C VAL B 70 0.69 10.90 17.11
N VAL B 71 1.74 10.43 16.42
CA VAL B 71 2.68 11.27 15.70
C VAL B 71 2.67 10.95 14.19
N SER B 72 3.20 11.87 13.35
CA SER B 72 3.15 11.71 11.89
C SER B 72 4.24 12.45 11.15
N THR B 73 4.90 11.75 10.21
CA THR B 73 5.63 12.35 9.09
C THR B 73 4.67 12.49 7.91
N ALA B 74 5.16 12.90 6.73
CA ALA B 74 4.30 12.92 5.54
C ALA B 74 4.06 11.48 5.05
N THR B 75 5.07 10.61 5.22
CA THR B 75 5.04 9.21 4.81
C THR B 75 4.29 8.29 5.78
N GLN B 76 4.38 8.52 7.09
CA GLN B 76 4.02 7.49 8.07
C GLN B 76 3.43 8.04 9.36
N SER B 77 2.51 7.26 9.97
CA SER B 77 1.95 7.54 11.27
C SER B 77 2.32 6.46 12.25
N PHE B 78 2.64 6.89 13.50
CA PHE B 78 3.09 6.03 14.58
C PHE B 78 2.82 6.69 15.94
N LEU B 79 3.39 6.12 17.01
CA LEU B 79 3.18 6.59 18.39
C LEU B 79 4.47 7.14 19.00
N ALA B 80 4.33 8.05 19.98
CA ALA B 80 5.47 8.50 20.80
C ALA B 80 5.11 8.43 22.29
N THR B 81 5.99 7.86 23.12
CA THR B 81 5.71 7.71 24.55
C THR B 81 6.66 8.56 25.40
N CYS B 82 6.08 9.41 26.29
CA CYS B 82 6.84 10.19 27.29
C CYS B 82 7.14 9.34 28.53
N VAL B 83 8.43 9.16 28.80
CA VAL B 83 8.95 8.53 30.02
C VAL B 83 10.13 9.39 30.43
N ASN B 84 10.16 9.83 31.73
CA ASN B 84 11.27 10.55 32.38
C ASN B 84 11.53 11.92 31.73
N GLY B 85 10.44 12.59 31.40
CA GLY B 85 10.48 13.89 30.75
C GLY B 85 11.06 13.89 29.35
N VAL B 86 11.12 12.71 28.69
CA VAL B 86 11.56 12.60 27.30
C VAL B 86 10.49 11.92 26.50
N CYS B 87 10.14 12.52 25.36
CA CYS B 87 9.27 11.94 24.35
C CYS B 87 10.02 10.96 23.46
N TRP B 88 9.79 9.66 23.67
CA TRP B 88 10.49 8.63 22.90
C TRP B 88 9.65 8.08 21.75
N THR B 89 10.29 7.76 20.64
CA THR B 89 9.75 6.94 19.53
C THR B 89 10.86 6.17 18.82
N VAL B 90 10.53 5.50 17.73
CA VAL B 90 11.45 4.63 16.99
C VAL B 90 12.27 5.43 15.95
N TYR B 91 13.55 5.09 15.81
CA TYR B 91 14.36 5.66 14.74
C TYR B 91 13.80 5.28 13.32
N HIS B 92 13.24 4.05 13.17
CA HIS B 92 12.74 3.61 11.85
C HIS B 92 11.48 4.40 11.38
N GLY B 93 10.84 5.11 12.31
CA GLY B 93 9.72 6.01 12.03
C GLY B 93 10.13 7.46 11.90
N ALA B 94 10.84 7.98 12.92
CA ALA B 94 11.17 9.40 13.07
C ALA B 94 12.48 9.82 12.40
N GLY B 95 13.34 8.86 12.07
CA GLY B 95 14.69 9.20 11.64
C GLY B 95 15.40 10.12 12.62
N SER B 96 16.08 11.17 12.09
CA SER B 96 16.77 12.17 12.89
C SER B 96 16.01 13.51 12.88
N LYS B 97 14.68 13.42 12.63
CA LYS B 97 13.78 14.56 12.41
C LYS B 97 13.56 15.34 13.65
N THR B 98 13.20 16.60 13.48
CA THR B 98 12.81 17.46 14.59
C THR B 98 11.35 17.18 14.94
N LEU B 99 10.93 17.51 16.17
CA LEU B 99 9.55 17.51 16.56
C LEU B 99 9.11 18.96 16.43
N ALA B 100 7.98 19.19 15.74
CA ALA B 100 7.34 20.50 15.75
C ALA B 100 6.88 20.84 17.17
N GLY B 101 7.28 22.01 17.64
CA GLY B 101 6.96 22.48 18.98
C GLY B 101 6.59 23.94 19.07
N PRO B 102 6.14 24.39 20.28
CA PRO B 102 5.63 25.77 20.44
C PRO B 102 6.48 26.88 19.84
N LYS B 103 7.75 26.98 20.24
CA LYS B 103 8.65 28.04 19.78
C LYS B 103 9.53 27.56 18.61
N GLY B 104 9.07 26.51 17.93
CA GLY B 104 9.70 26.03 16.71
C GLY B 104 10.13 24.57 16.75
N PRO B 105 10.78 24.06 15.68
CA PRO B 105 11.33 22.68 15.74
C PRO B 105 12.28 22.40 16.91
N ILE B 106 12.00 21.28 17.61
CA ILE B 106 12.81 20.72 18.69
C ILE B 106 13.76 19.71 18.06
N THR B 107 15.09 19.91 18.16
CA THR B 107 15.97 18.86 17.68
C THR B 107 16.02 17.73 18.74
N GLN B 108 16.28 16.49 18.28
CA GLN B 108 16.35 15.31 19.13
C GLN B 108 17.45 15.42 20.17
N MET B 109 17.09 15.13 21.42
CA MET B 109 18.00 15.06 22.56
C MET B 109 18.79 13.75 22.56
N TYR B 110 18.19 12.65 22.04
CA TYR B 110 18.79 11.30 21.98
C TYR B 110 18.53 10.62 20.66
N THR B 111 19.57 10.02 20.09
CA THR B 111 19.51 9.31 18.82
C THR B 111 20.32 8.01 18.91
N ASN B 112 19.63 6.87 19.07
CA ASN B 112 20.28 5.56 19.20
C ASN B 112 19.72 4.60 18.18
N VAL B 113 20.40 4.55 17.01
CA VAL B 113 20.07 3.74 15.81
C VAL B 113 20.24 2.23 16.12
N ASP B 114 21.20 1.87 16.97
CA ASP B 114 21.42 0.47 17.41
C ASP B 114 20.23 -0.08 18.22
N GLN B 115 19.66 0.78 19.10
CA GLN B 115 18.49 0.48 19.91
C GLN B 115 17.16 0.80 19.21
N ASP B 116 17.22 1.50 18.04
CA ASP B 116 16.05 1.96 17.29
C ASP B 116 15.23 2.94 18.16
N LEU B 117 15.90 3.92 18.76
CA LEU B 117 15.34 4.83 19.75
C LEU B 117 15.70 6.27 19.42
N VAL B 118 14.70 7.13 19.40
CA VAL B 118 14.95 8.56 19.45
C VAL B 118 14.20 9.22 20.64
N GLY B 119 14.56 10.45 20.98
CA GLY B 119 13.91 11.19 22.04
C GLY B 119 14.05 12.69 21.92
N TRP B 120 12.99 13.42 22.27
CA TRP B 120 12.99 14.90 22.34
C TRP B 120 12.60 15.26 23.74
N GLN B 121 13.23 16.32 24.32
CA GLN B 121 12.81 16.86 25.63
C GLN B 121 11.29 17.05 25.58
N ALA B 122 10.56 16.39 26.51
CA ALA B 122 9.10 16.33 26.47
C ALA B 122 8.45 17.71 26.48
N PRO B 123 7.67 18.07 25.42
CA PRO B 123 7.05 19.40 25.38
C PRO B 123 6.26 19.77 26.63
N PRO B 124 6.08 21.08 26.93
CA PRO B 124 5.21 21.47 28.05
C PRO B 124 3.81 20.87 28.01
N GLY B 125 3.35 20.42 29.17
CA GLY B 125 2.03 19.83 29.34
C GLY B 125 2.08 18.32 29.46
N ALA B 126 2.91 17.68 28.62
CA ALA B 126 3.06 16.21 28.57
C ALA B 126 3.42 15.64 29.93
N ARG B 127 2.63 14.65 30.37
CA ARG B 127 2.92 13.78 31.51
C ARG B 127 3.87 12.66 31.09
N SER B 128 4.58 12.05 32.05
CA SER B 128 5.49 10.93 31.80
C SER B 128 4.96 9.66 32.47
N LEU B 129 5.25 8.50 31.88
CA LEU B 129 4.98 7.23 32.55
C LEU B 129 6.18 6.95 33.45
N THR B 130 5.96 6.41 34.65
CA THR B 130 7.12 6.10 35.50
C THR B 130 7.69 4.74 35.06
N PRO B 131 9.04 4.54 35.01
CA PRO B 131 9.55 3.21 34.66
C PRO B 131 9.03 2.10 35.58
N CYS B 132 8.86 0.89 35.02
CA CYS B 132 8.52 -0.27 35.83
C CYS B 132 9.78 -0.87 36.42
N THR B 133 9.69 -1.22 37.69
CA THR B 133 10.79 -1.77 38.47
C THR B 133 10.39 -3.15 38.96
N CYS B 134 9.25 -3.24 39.69
CA CYS B 134 8.67 -4.48 40.24
C CYS B 134 8.28 -5.46 39.12
N GLY B 135 9.28 -6.24 38.70
CA GLY B 135 9.30 -7.06 37.49
C GLY B 135 8.08 -7.92 37.24
N SER B 136 7.07 -7.32 36.59
CA SER B 136 5.86 -8.03 36.19
C SER B 136 6.05 -8.72 34.86
N SER B 137 5.39 -9.88 34.70
CA SER B 137 5.41 -10.70 33.48
C SER B 137 4.13 -10.53 32.66
N ASP B 138 3.04 -10.03 33.29
CA ASP B 138 1.81 -9.61 32.62
C ASP B 138 2.00 -8.20 32.10
N LEU B 139 2.09 -8.07 30.78
CA LEU B 139 2.28 -6.79 30.08
C LEU B 139 1.02 -6.47 29.26
N TYR B 140 0.83 -5.18 28.96
CA TYR B 140 -0.25 -4.71 28.11
C TYR B 140 0.29 -3.75 27.08
N LEU B 141 0.10 -4.08 25.82
CA LEU B 141 0.50 -3.19 24.74
C LEU B 141 -0.65 -2.26 24.41
N VAL B 142 -0.39 -0.94 24.42
CA VAL B 142 -1.33 0.07 23.94
C VAL B 142 -1.07 0.29 22.43
N THR B 143 -2.12 0.19 21.58
CA THR B 143 -2.01 0.39 20.13
C THR B 143 -2.54 1.78 19.70
N ARG B 144 -2.37 2.12 18.40
CA ARG B 144 -2.86 3.39 17.87
C ARG B 144 -4.38 3.47 17.85
N HIS B 145 -5.06 2.30 17.89
CA HIS B 145 -6.53 2.18 17.87
C HIS B 145 -7.08 2.30 19.28
N ALA B 146 -6.18 2.42 20.28
CA ALA B 146 -6.45 2.56 21.71
C ALA B 146 -6.89 1.23 22.36
N ASP B 147 -6.52 0.10 21.71
CA ASP B 147 -6.65 -1.25 22.25
C ASP B 147 -5.49 -1.58 23.19
N VAL B 148 -5.76 -2.42 24.19
CA VAL B 148 -4.85 -2.76 25.28
C VAL B 148 -4.71 -4.29 25.26
N ILE B 149 -3.57 -4.76 24.74
CA ILE B 149 -3.35 -6.13 24.28
C ILE B 149 -2.54 -6.86 25.36
N PRO B 150 -3.07 -7.95 25.99
CA PRO B 150 -2.21 -8.79 26.86
C PRO B 150 -0.94 -9.33 26.19
N VAL B 151 0.22 -9.27 26.88
CA VAL B 151 1.54 -9.65 26.36
C VAL B 151 2.35 -10.35 27.47
N ARG B 152 2.76 -11.61 27.30
CA ARG B 152 3.52 -12.29 28.34
C ARG B 152 5.01 -12.09 28.13
N ARG B 153 5.72 -11.49 29.10
CA ARG B 153 7.14 -11.19 29.01
C ARG B 153 7.96 -12.49 28.86
N ARG B 154 8.96 -12.48 27.99
CA ARG B 154 9.79 -13.65 27.73
C ARG B 154 11.27 -13.33 27.99
N GLY B 155 11.92 -12.64 27.04
CA GLY B 155 13.26 -12.12 27.24
C GLY B 155 13.29 -10.72 27.83
N ASP B 156 14.43 -10.03 27.66
CA ASP B 156 14.59 -8.64 28.07
C ASP B 156 13.80 -7.70 27.16
N SER B 157 13.75 -8.02 25.87
CA SER B 157 13.14 -7.17 24.86
C SER B 157 11.97 -7.85 24.12
N ARG B 158 11.40 -8.93 24.68
CA ARG B 158 10.41 -9.77 23.97
C ARG B 158 9.23 -10.12 24.83
N GLY B 159 8.06 -10.16 24.20
CA GLY B 159 6.83 -10.58 24.85
C GLY B 159 5.89 -11.27 23.87
N SER B 160 5.23 -12.34 24.32
CA SER B 160 4.34 -13.11 23.45
C SER B 160 2.92 -12.65 23.57
N LEU B 161 2.29 -12.35 22.40
CA LEU B 161 0.89 -11.98 22.25
C LEU B 161 0.02 -13.17 22.68
N LEU B 162 -0.85 -12.96 23.71
CA LEU B 162 -1.71 -13.99 24.30
C LEU B 162 -2.74 -14.52 23.32
N SER B 163 -3.24 -13.64 22.44
CA SER B 163 -4.05 -13.98 21.27
C SER B 163 -3.30 -13.52 20.01
N PRO B 164 -2.69 -14.44 19.24
CA PRO B 164 -2.02 -14.02 18.00
C PRO B 164 -2.96 -13.29 17.05
N ARG B 165 -2.43 -12.23 16.43
CA ARG B 165 -3.18 -11.29 15.62
C ARG B 165 -2.43 -11.05 14.31
N PRO B 166 -3.16 -10.77 13.19
CA PRO B 166 -2.48 -10.50 11.93
C PRO B 166 -1.57 -9.29 12.07
N VAL B 167 -0.38 -9.36 11.51
CA VAL B 167 0.59 -8.28 11.62
C VAL B 167 0.00 -6.86 11.30
N SER B 168 -0.89 -6.73 10.31
CA SER B 168 -1.46 -5.45 9.84
C SER B 168 -2.13 -4.64 10.97
N TYR B 169 -2.66 -5.34 11.97
CA TYR B 169 -3.32 -4.75 13.11
C TYR B 169 -2.33 -3.91 13.94
N LEU B 170 -1.07 -4.35 14.01
CA LEU B 170 -0.03 -3.73 14.82
C LEU B 170 0.71 -2.60 14.10
N LYS B 171 0.33 -2.33 12.85
CA LYS B 171 0.97 -1.29 12.07
C LYS B 171 0.52 0.11 12.47
N GLY B 172 1.50 0.99 12.68
CA GLY B 172 1.29 2.35 13.20
C GLY B 172 1.34 2.43 14.71
N SER B 173 1.66 1.32 15.39
CA SER B 173 1.67 1.20 16.85
C SER B 173 3.08 1.24 17.45
N SER B 174 4.10 1.27 16.57
CA SER B 174 5.50 1.55 16.87
C SER B 174 5.62 2.82 17.71
N GLY B 175 6.39 2.73 18.79
CA GLY B 175 6.57 3.82 19.74
C GLY B 175 5.56 3.83 20.86
N GLY B 176 4.55 2.97 20.79
CA GLY B 176 3.55 2.83 21.85
C GLY B 176 4.06 2.08 23.06
N PRO B 177 3.48 2.31 24.27
CA PRO B 177 4.02 1.64 25.47
C PRO B 177 3.63 0.18 25.65
N LEU B 178 4.51 -0.62 26.30
CA LEU B 178 4.19 -1.89 26.96
C LEU B 178 4.11 -1.53 28.44
N LEU B 179 2.99 -1.83 29.10
CA LEU B 179 2.76 -1.48 30.51
C LEU B 179 2.66 -2.69 31.39
N CYS B 180 3.27 -2.64 32.58
CA CYS B 180 2.99 -3.61 33.63
C CYS B 180 1.60 -3.30 34.30
N PRO B 181 0.96 -4.21 35.09
CA PRO B 181 -0.41 -3.93 35.57
C PRO B 181 -0.63 -2.62 36.33
N SER B 182 0.40 -2.10 37.01
CA SER B 182 0.31 -0.82 37.71
C SER B 182 0.24 0.39 36.75
N GLY B 183 0.44 0.14 35.46
CA GLY B 183 0.42 1.15 34.40
C GLY B 183 1.72 1.90 34.22
N HIS B 184 2.83 1.33 34.76
CA HIS B 184 4.21 1.80 34.60
C HIS B 184 4.86 1.25 33.32
N ALA B 185 5.76 2.00 32.72
CA ALA B 185 6.43 1.69 31.46
C ALA B 185 7.50 0.58 31.60
N VAL B 186 7.28 -0.58 30.94
CA VAL B 186 8.28 -1.63 30.77
C VAL B 186 9.24 -1.29 29.58
N GLY B 187 8.67 -0.72 28.51
CA GLY B 187 9.37 -0.23 27.33
C GLY B 187 8.43 0.24 26.23
N ILE B 188 8.96 0.48 25.01
CA ILE B 188 8.14 0.92 23.88
C ILE B 188 8.23 -0.04 22.73
N PHE B 189 7.07 -0.33 22.09
CA PHE B 189 6.92 -1.28 20.99
C PHE B 189 7.72 -0.85 19.76
N ARG B 190 8.53 -1.76 19.21
CA ARG B 190 9.23 -1.40 17.99
C ARG B 190 9.06 -2.40 16.80
N ALA B 191 8.70 -3.68 17.05
CA ALA B 191 8.62 -4.70 15.98
C ALA B 191 7.74 -5.91 16.32
N ALA B 192 7.09 -6.49 15.28
CA ALA B 192 6.27 -7.70 15.41
C ALA B 192 7.10 -8.92 14.98
N VAL B 193 7.00 -10.02 15.73
CA VAL B 193 7.67 -11.30 15.46
C VAL B 193 6.65 -12.22 14.77
N CYS B 194 6.84 -12.44 13.45
CA CYS B 194 5.88 -13.06 12.51
C CYS B 194 6.12 -14.50 12.22
N THR B 195 5.00 -15.26 12.21
CA THR B 195 4.91 -16.58 11.61
C THR B 195 3.89 -16.51 10.49
N ARG B 196 4.36 -16.64 9.24
CA ARG B 196 3.55 -16.62 8.01
C ARG B 196 2.48 -15.52 8.00
N GLY B 197 2.89 -14.29 8.33
CA GLY B 197 2.03 -13.12 8.40
C GLY B 197 1.20 -12.89 9.66
N VAL B 198 1.39 -13.71 10.70
CA VAL B 198 0.64 -13.63 11.96
C VAL B 198 1.60 -13.28 13.10
N ALA B 199 1.29 -12.23 13.87
CA ALA B 199 2.15 -11.79 14.95
C ALA B 199 1.90 -12.65 16.20
N LYS B 200 2.93 -13.38 16.64
CA LYS B 200 2.88 -14.27 17.80
C LYS B 200 3.56 -13.66 19.02
N ALA B 201 4.57 -12.84 18.76
CA ALA B 201 5.28 -12.09 19.78
C ALA B 201 5.49 -10.65 19.30
N VAL B 202 5.96 -9.78 20.23
CA VAL B 202 6.36 -8.39 20.05
C VAL B 202 7.80 -8.17 20.56
N ASP B 203 8.54 -7.31 19.85
CA ASP B 203 9.87 -6.85 20.20
C ASP B 203 9.74 -5.39 20.62
N PHE B 204 10.25 -5.07 21.82
CA PHE B 204 10.18 -3.73 22.35
C PHE B 204 11.55 -3.20 22.76
N VAL B 205 11.70 -1.87 22.77
CA VAL B 205 12.87 -1.22 23.34
C VAL B 205 12.62 -1.17 24.86
N PRO B 206 13.49 -1.75 25.73
CA PRO B 206 13.20 -1.73 27.19
C PRO B 206 13.56 -0.41 27.86
N VAL B 207 12.83 -0.10 28.95
CA VAL B 207 13.02 1.14 29.73
C VAL B 207 14.49 1.32 30.17
N GLU B 208 15.20 0.22 30.44
CA GLU B 208 16.62 0.18 30.77
C GLU B 208 17.51 0.71 29.66
N SER B 209 17.16 0.44 28.37
CA SER B 209 17.86 0.98 27.20
C SER B 209 17.71 2.49 27.12
N MET B 210 16.51 3.00 27.44
CA MET B 210 16.23 4.44 27.54
C MET B 210 17.09 5.06 28.61
N GLU B 211 17.18 4.41 29.80
CA GLU B 211 18.02 4.92 30.87
C GLU B 211 19.46 5.03 30.43
N THR B 212 20.05 3.95 29.91
CA THR B 212 21.39 3.95 29.32
C THR B 212 21.63 5.14 28.34
N THR B 213 20.68 5.36 27.42
CA THR B 213 20.72 6.44 26.43
C THR B 213 20.67 7.83 27.12
N MET B 214 19.83 8.00 28.14
CA MET B 214 19.76 9.22 28.96
C MET B 214 21.05 9.52 29.73
N ARG B 215 21.92 8.51 29.92
CA ARG B 215 23.17 8.62 30.66
C ARG B 215 24.38 8.78 29.73
N SER B 216 24.20 8.54 28.43
CA SER B 216 25.28 8.63 27.44
C SER B 216 25.52 10.09 27.00
N PRO B 217 26.78 10.53 26.74
CA PRO B 217 26.99 11.92 26.29
C PRO B 217 26.43 12.22 24.90
N VAL B 218 25.66 13.34 24.79
CA VAL B 218 24.91 13.79 23.62
C VAL B 218 25.78 13.94 22.36
N PHE B 219 26.87 14.72 22.47
CA PHE B 219 27.87 14.82 21.41
C PHE B 219 29.20 14.19 21.86
N THR B 220 29.64 13.15 21.14
CA THR B 220 30.92 12.46 21.35
C THR B 220 31.84 12.73 20.16
N ASP B 221 33.06 13.21 20.42
CA ASP B 221 34.01 13.60 19.38
C ASP B 221 34.80 12.40 18.83
N ASN B 222 34.42 11.95 17.62
CA ASN B 222 35.09 10.85 16.91
C ASN B 222 35.87 11.37 15.69
N SER B 223 36.26 12.66 15.68
CA SER B 223 36.95 13.31 14.55
C SER B 223 38.44 12.95 14.45
N SER B 224 39.07 12.64 15.58
CA SER B 224 40.48 12.31 15.61
C SER B 224 40.70 10.77 15.64
N PRO B 225 41.73 10.24 14.94
CA PRO B 225 41.99 8.80 15.02
C PRO B 225 42.48 8.36 16.40
N PRO B 226 42.07 7.17 16.89
CA PRO B 226 42.58 6.70 18.19
C PRO B 226 44.06 6.32 18.19
N ALA B 227 44.73 6.38 19.37
CA ALA B 227 46.07 5.79 19.52
C ALA B 227 45.89 4.29 19.72
N VAL B 228 46.75 3.49 19.08
CA VAL B 228 46.67 2.03 19.03
C VAL B 228 46.68 1.43 20.42
N PRO B 229 45.56 0.80 20.84
CA PRO B 229 45.48 0.28 22.21
C PRO B 229 46.33 -0.97 22.43
N GLN B 230 46.58 -1.31 23.71
CA GLN B 230 47.38 -2.46 24.11
C GLN B 230 46.64 -3.77 23.81
N SER B 231 45.32 -3.81 24.12
CA SER B 231 44.41 -4.90 23.76
C SER B 231 43.50 -4.45 22.62
N PHE B 232 43.06 -5.40 21.76
CA PHE B 232 42.21 -5.20 20.58
C PHE B 232 41.02 -4.25 20.83
N GLN B 233 40.69 -3.42 19.82
CA GLN B 233 39.61 -2.44 19.92
C GLN B 233 38.93 -2.12 18.60
N VAL B 234 37.65 -1.76 18.68
CA VAL B 234 36.90 -1.23 17.54
C VAL B 234 36.65 0.23 17.86
N ALA B 235 37.13 1.11 16.98
CA ALA B 235 36.95 2.54 17.15
C ALA B 235 36.17 3.08 15.96
N HIS B 236 35.52 4.25 16.16
CA HIS B 236 34.79 4.92 15.11
C HIS B 236 35.45 6.23 14.70
N LEU B 237 35.56 6.47 13.39
CA LEU B 237 36.17 7.69 12.91
C LEU B 237 35.20 8.47 12.03
N HIS B 238 34.66 9.54 12.60
CA HIS B 238 33.69 10.42 11.96
C HIS B 238 34.37 11.72 11.58
N ALA B 239 34.82 11.79 10.32
CA ALA B 239 35.60 12.90 9.78
C ALA B 239 35.31 13.01 8.27
N PRO B 240 35.33 14.21 7.63
CA PRO B 240 34.89 14.30 6.22
C PRO B 240 35.75 13.54 5.20
N THR B 241 35.23 13.43 3.96
CA THR B 241 35.97 12.88 2.83
C THR B 241 37.17 13.78 2.50
N GLY B 242 38.36 13.17 2.45
CA GLY B 242 39.61 13.85 2.12
C GLY B 242 40.13 14.74 3.21
N SER B 243 39.76 14.44 4.48
CA SER B 243 40.28 15.07 5.69
C SER B 243 41.56 14.34 6.14
N GLY B 244 41.89 13.24 5.45
CA GLY B 244 43.03 12.41 5.77
C GLY B 244 42.66 11.00 6.17
N LYS B 245 41.35 10.75 6.45
CA LYS B 245 40.73 9.49 6.90
C LYS B 245 41.46 8.26 6.35
N SER B 246 41.80 8.32 5.05
CA SER B 246 42.37 7.20 4.31
C SER B 246 43.76 7.47 3.73
N THR B 247 44.35 8.66 3.99
CA THR B 247 45.69 8.96 3.48
C THR B 247 46.62 9.38 4.62
N LYS B 248 46.37 10.56 5.22
CA LYS B 248 47.12 11.07 6.38
C LYS B 248 47.14 10.08 7.54
N VAL B 249 45.98 9.47 7.89
CA VAL B 249 45.94 8.67 9.12
C VAL B 249 46.63 7.28 8.91
N PRO B 250 46.42 6.46 7.82
CA PRO B 250 47.34 5.32 7.59
C PRO B 250 48.83 5.69 7.56
N ALA B 251 49.20 6.80 6.88
CA ALA B 251 50.59 7.30 6.88
C ALA B 251 51.16 7.55 8.30
N ALA B 252 50.37 8.18 9.17
CA ALA B 252 50.81 8.54 10.53
C ALA B 252 50.96 7.30 11.41
N TYR B 253 50.14 6.29 11.19
CA TYR B 253 50.18 5.03 11.93
C TYR B 253 51.41 4.23 11.53
N ALA B 254 51.70 4.15 10.21
CA ALA B 254 52.88 3.50 9.64
C ALA B 254 54.17 4.12 10.20
N ALA B 255 54.19 5.50 10.31
CA ALA B 255 55.29 6.26 10.92
C ALA B 255 55.59 5.83 12.36
N GLN B 256 54.58 5.32 13.09
CA GLN B 256 54.73 4.75 14.44
C GLN B 256 55.18 3.26 14.39
N GLY B 257 55.36 2.71 13.18
CA GLY B 257 55.86 1.34 13.00
C GLY B 257 54.79 0.26 12.83
N TYR B 258 53.57 0.68 12.54
CA TYR B 258 52.46 -0.26 12.36
C TYR B 258 52.26 -0.68 10.89
N LYS B 259 51.75 -1.91 10.71
CA LYS B 259 51.22 -2.37 9.43
C LYS B 259 49.70 -2.10 9.36
N VAL B 260 49.29 -1.31 8.37
CA VAL B 260 47.92 -0.83 8.16
C VAL B 260 47.33 -1.47 6.91
N LEU B 261 46.07 -2.00 7.02
CA LEU B 261 45.22 -2.33 5.88
C LEU B 261 44.06 -1.31 5.80
N VAL B 262 43.86 -0.73 4.61
CA VAL B 262 42.76 0.21 4.35
C VAL B 262 41.84 -0.42 3.33
N LEU B 263 40.56 -0.56 3.71
CA LEU B 263 39.52 -1.14 2.86
C LEU B 263 38.58 -0.09 2.38
N ASN B 264 38.30 -0.11 1.08
CA ASN B 264 37.45 0.86 0.41
C ASN B 264 36.50 0.11 -0.53
N PRO B 265 35.22 0.56 -0.70
CA PRO B 265 34.31 -0.12 -1.64
C PRO B 265 34.64 0.02 -3.13
N SER B 266 35.39 1.06 -3.52
CA SER B 266 35.64 1.50 -4.89
C SER B 266 37.03 1.06 -5.40
N VAL B 267 37.09 0.42 -6.59
CA VAL B 267 38.32 -0.03 -7.28
C VAL B 267 39.15 1.20 -7.63
N ALA B 268 38.48 2.21 -8.21
CA ALA B 268 39.04 3.48 -8.65
C ALA B 268 39.66 4.27 -7.51
N ALA B 269 39.00 4.27 -6.33
CA ALA B 269 39.57 4.94 -5.15
C ALA B 269 40.75 4.20 -4.57
N THR B 270 40.67 2.85 -4.45
CA THR B 270 41.81 2.02 -4.00
C THR B 270 43.08 2.22 -4.88
N LEU B 271 42.94 2.12 -6.22
CA LEU B 271 43.98 2.33 -7.22
C LEU B 271 44.58 3.74 -7.18
N GLY B 272 43.74 4.73 -6.84
CA GLY B 272 44.09 6.14 -6.75
C GLY B 272 44.76 6.54 -5.45
N PHE B 273 44.53 5.78 -4.36
CA PHE B 273 45.26 5.95 -3.11
C PHE B 273 46.72 5.61 -3.29
N GLY B 274 47.03 4.67 -4.18
CA GLY B 274 48.39 4.23 -4.49
C GLY B 274 49.33 5.29 -5.01
N ALA B 275 48.86 6.12 -5.97
CA ALA B 275 49.69 7.22 -6.50
C ALA B 275 49.72 8.41 -5.56
N TYR B 276 48.62 8.65 -4.81
CA TYR B 276 48.58 9.73 -3.83
C TYR B 276 49.52 9.48 -2.68
N MET B 277 49.72 8.24 -2.26
CA MET B 277 50.61 7.96 -1.15
C MET B 277 52.10 8.05 -1.53
N SER B 278 52.44 7.65 -2.78
CA SER B 278 53.78 7.77 -3.36
C SER B 278 54.23 9.22 -3.51
N LYS B 279 53.29 10.14 -3.75
CA LYS B 279 53.58 11.57 -3.93
C LYS B 279 53.54 12.33 -2.62
N ALA B 280 52.47 12.16 -1.83
CA ALA B 280 52.20 12.93 -0.62
C ALA B 280 52.89 12.43 0.64
N HIS B 281 53.18 11.12 0.73
CA HIS B 281 53.68 10.57 1.99
C HIS B 281 54.89 9.64 1.84
N GLY B 282 55.34 9.42 0.62
CA GLY B 282 56.57 8.67 0.37
C GLY B 282 56.49 7.20 0.74
N ILE B 283 55.29 6.62 0.60
CA ILE B 283 55.04 5.19 0.75
C ILE B 283 54.50 4.72 -0.60
N ASP B 284 55.12 3.67 -1.17
CA ASP B 284 54.56 2.94 -2.30
C ASP B 284 53.80 1.77 -1.70
N PRO B 285 52.46 1.91 -1.52
CA PRO B 285 51.71 0.86 -0.84
C PRO B 285 51.44 -0.33 -1.74
N ASN B 286 51.05 -1.46 -1.10
CA ASN B 286 50.46 -2.58 -1.80
C ASN B 286 49.08 -2.18 -2.19
N ILE B 287 48.69 -2.53 -3.43
CA ILE B 287 47.37 -2.26 -3.99
C ILE B 287 46.74 -3.63 -4.30
N ARG B 288 45.45 -3.84 -3.87
CA ARG B 288 44.75 -5.09 -4.06
C ARG B 288 43.31 -4.89 -4.55
N THR B 289 43.11 -5.04 -5.88
CA THR B 289 41.81 -5.00 -6.55
C THR B 289 41.74 -6.24 -7.46
N GLY B 290 40.54 -6.62 -7.87
CA GLY B 290 40.38 -7.69 -8.86
C GLY B 290 41.21 -7.44 -10.11
N VAL B 291 41.09 -6.23 -10.67
CA VAL B 291 41.67 -5.85 -11.95
C VAL B 291 43.22 -5.69 -11.91
N ARG B 292 43.80 -5.40 -10.73
CA ARG B 292 45.21 -4.99 -10.60
C ARG B 292 45.72 -5.16 -9.16
N THR B 293 46.80 -5.95 -8.98
CA THR B 293 47.50 -6.05 -7.70
C THR B 293 48.94 -5.64 -7.88
N ILE B 294 49.47 -4.90 -6.89
CA ILE B 294 50.87 -4.48 -6.78
C ILE B 294 51.35 -4.84 -5.37
N THR B 295 52.35 -5.72 -5.24
CA THR B 295 52.92 -6.05 -3.93
C THR B 295 54.32 -5.47 -3.88
N THR B 296 54.50 -4.44 -3.06
CA THR B 296 55.76 -3.68 -2.95
C THR B 296 56.58 -4.11 -1.73
N GLY B 297 55.90 -4.70 -0.75
CA GLY B 297 56.46 -5.03 0.56
C GLY B 297 56.25 -3.98 1.65
N ALA B 298 55.58 -2.85 1.29
CA ALA B 298 55.28 -1.70 2.15
C ALA B 298 54.45 -2.04 3.41
N PRO B 299 54.57 -1.25 4.51
CA PRO B 299 53.71 -1.48 5.69
C PRO B 299 52.26 -0.98 5.55
N VAL B 300 51.90 -0.37 4.39
CA VAL B 300 50.52 0.03 4.09
C VAL B 300 50.00 -0.68 2.83
N THR B 301 48.86 -1.41 2.97
CA THR B 301 48.10 -2.05 1.93
C THR B 301 46.73 -1.32 1.78
N TYR B 302 46.38 -0.93 0.54
CA TYR B 302 45.02 -0.59 0.15
C TYR B 302 44.42 -1.74 -0.64
N SER B 303 43.23 -2.15 -0.26
CA SER B 303 42.47 -3.22 -0.92
C SER B 303 41.01 -2.81 -0.93
N THR B 304 40.23 -3.35 -1.87
CA THR B 304 38.77 -3.23 -1.81
C THR B 304 38.23 -4.34 -0.91
N TYR B 305 37.00 -4.16 -0.36
CA TYR B 305 36.38 -5.23 0.43
C TYR B 305 36.26 -6.54 -0.33
N GLY B 306 35.91 -6.45 -1.63
CA GLY B 306 35.74 -7.59 -2.52
C GLY B 306 37.02 -8.40 -2.66
N LYS B 307 38.15 -7.73 -3.04
CA LYS B 307 39.44 -8.37 -3.24
C LYS B 307 39.93 -8.99 -1.92
N PHE B 308 39.62 -8.32 -0.77
CA PHE B 308 39.92 -8.79 0.57
C PHE B 308 39.17 -10.10 0.87
N LEU B 309 37.83 -10.10 0.61
CA LEU B 309 36.98 -11.29 0.73
C LEU B 309 37.43 -12.45 -0.22
N ALA B 310 37.87 -12.09 -1.45
CA ALA B 310 38.41 -13.02 -2.47
C ALA B 310 39.66 -13.69 -1.98
N ASP B 311 40.53 -12.94 -1.30
CA ASP B 311 41.82 -13.38 -0.76
C ASP B 311 41.63 -14.20 0.51
N GLY B 312 40.38 -14.30 0.98
CA GLY B 312 39.99 -15.05 2.15
C GLY B 312 40.18 -14.30 3.46
N GLY B 313 39.79 -13.02 3.50
CA GLY B 313 39.80 -12.21 4.71
C GLY B 313 41.17 -11.94 5.32
N CYS B 314 41.23 -11.95 6.67
CA CYS B 314 42.36 -11.55 7.49
C CYS B 314 43.53 -12.55 7.43
N SER B 315 44.71 -12.07 6.95
CA SER B 315 45.96 -12.83 6.92
C SER B 315 46.63 -12.77 8.31
N GLY B 316 46.69 -13.94 8.95
CA GLY B 316 47.20 -14.09 10.30
C GLY B 316 48.55 -13.44 10.54
N GLY B 317 48.50 -12.28 11.19
CA GLY B 317 49.68 -11.55 11.62
C GLY B 317 50.02 -10.36 10.75
N ALA B 318 49.44 -10.30 9.53
CA ALA B 318 49.81 -9.30 8.53
C ALA B 318 49.56 -7.84 8.96
N TYR B 319 48.54 -7.57 9.78
CA TYR B 319 48.17 -6.18 10.08
C TYR B 319 47.86 -5.89 11.55
N ASP B 320 48.42 -4.78 12.05
CA ASP B 320 48.16 -4.20 13.37
C ASP B 320 46.84 -3.40 13.37
N ILE B 321 46.62 -2.61 12.30
CA ILE B 321 45.42 -1.80 12.11
C ILE B 321 44.72 -2.16 10.80
N ILE B 322 43.38 -2.32 10.89
CA ILE B 322 42.46 -2.35 9.76
C ILE B 322 41.54 -1.11 9.84
N ILE B 323 41.51 -0.32 8.76
CA ILE B 323 40.65 0.83 8.59
C ILE B 323 39.64 0.48 7.51
N CYS B 324 38.40 0.32 7.94
CA CYS B 324 37.28 0.05 7.09
C CYS B 324 36.72 1.42 6.70
N ASP B 325 37.13 1.91 5.54
CA ASP B 325 36.70 3.20 5.05
C ASP B 325 35.35 3.10 4.39
N GLU B 326 34.56 4.21 4.44
CA GLU B 326 33.22 4.35 3.88
C GLU B 326 32.30 3.30 4.50
N CYS B 327 32.34 3.15 5.83
CA CYS B 327 31.63 2.07 6.52
C CYS B 327 30.10 2.30 6.69
N HIS B 328 29.60 3.41 6.16
CA HIS B 328 28.16 3.73 6.06
C HIS B 328 27.55 2.99 4.83
N SER B 329 28.44 2.47 3.94
CA SER B 329 28.13 1.81 2.71
C SER B 329 27.40 0.51 3.01
N THR B 330 26.26 0.29 2.32
CA THR B 330 25.35 -0.84 2.59
C THR B 330 25.16 -1.76 1.41
N ASP B 331 26.13 -1.77 0.47
CA ASP B 331 26.21 -2.82 -0.53
C ASP B 331 26.67 -4.11 0.18
N SER B 332 26.35 -5.27 -0.40
CA SER B 332 26.56 -6.56 0.28
C SER B 332 28.05 -6.88 0.48
N THR B 333 28.91 -6.50 -0.48
CA THR B 333 30.37 -6.71 -0.43
C THR B 333 31.00 -6.02 0.77
N THR B 334 30.58 -4.75 1.04
CA THR B 334 31.04 -3.94 2.17
C THR B 334 30.66 -4.56 3.52
N ILE B 335 29.36 -4.86 3.74
CA ILE B 335 28.80 -5.46 4.95
C ILE B 335 29.48 -6.79 5.25
N LEU B 336 29.56 -7.67 4.25
CA LEU B 336 30.25 -8.97 4.36
C LEU B 336 31.75 -8.76 4.62
N GLY B 337 32.35 -7.83 3.90
CA GLY B 337 33.75 -7.43 4.10
C GLY B 337 34.08 -6.92 5.48
N ILE B 338 33.22 -6.03 6.03
CA ILE B 338 33.33 -5.47 7.39
C ILE B 338 33.07 -6.54 8.45
N GLY B 339 32.00 -7.30 8.30
CA GLY B 339 31.72 -8.41 9.20
C GLY B 339 32.81 -9.46 9.27
N THR B 340 33.57 -9.67 8.16
CA THR B 340 34.77 -10.51 8.12
C THR B 340 35.90 -9.89 8.95
N VAL B 341 36.13 -8.58 8.80
CA VAL B 341 37.07 -7.85 9.65
C VAL B 341 36.74 -8.09 11.14
N LEU B 342 35.51 -7.78 11.56
CA LEU B 342 35.03 -7.86 12.95
C LEU B 342 35.06 -9.27 13.57
N ASP B 343 35.14 -10.29 12.73
CA ASP B 343 35.14 -11.65 13.21
C ASP B 343 36.55 -12.28 13.23
N GLN B 344 37.47 -11.72 12.44
CA GLN B 344 38.79 -12.32 12.19
C GLN B 344 39.97 -11.47 12.67
N ALA B 345 39.80 -10.12 12.68
CA ALA B 345 40.87 -9.17 13.04
C ALA B 345 41.66 -9.51 14.33
N GLU B 346 40.97 -9.69 15.49
CA GLU B 346 41.60 -9.98 16.78
C GLU B 346 42.35 -11.32 16.76
N THR B 347 41.79 -12.37 16.12
CA THR B 347 42.49 -13.66 16.09
C THR B 347 43.71 -13.60 15.17
N ALA B 348 43.66 -12.75 14.15
CA ALA B 348 44.73 -12.52 13.19
C ALA B 348 45.84 -11.60 13.74
N GLY B 349 45.71 -11.21 15.02
CA GLY B 349 46.70 -10.40 15.72
C GLY B 349 46.58 -8.88 15.57
N ALA B 350 45.45 -8.37 15.01
CA ALA B 350 45.18 -6.92 14.96
C ALA B 350 44.92 -6.38 16.35
N ARG B 351 45.29 -5.12 16.58
CA ARG B 351 45.11 -4.38 17.81
C ARG B 351 44.02 -3.30 17.65
N LEU B 352 43.66 -2.92 16.41
CA LEU B 352 42.74 -1.81 16.16
C LEU B 352 41.99 -1.98 14.86
N VAL B 353 40.63 -1.95 14.94
CA VAL B 353 39.76 -1.80 13.78
C VAL B 353 39.18 -0.40 13.88
N VAL B 354 39.36 0.40 12.82
CA VAL B 354 38.77 1.74 12.70
C VAL B 354 37.64 1.64 11.70
N LEU B 355 36.40 1.81 12.17
CA LEU B 355 35.29 1.96 11.27
C LEU B 355 35.21 3.46 10.89
N ALA B 356 35.44 3.77 9.61
CA ALA B 356 35.57 5.16 9.18
C ALA B 356 34.57 5.58 8.16
N THR B 357 33.96 6.73 8.39
CA THR B 357 32.90 7.34 7.56
C THR B 357 32.76 8.84 7.86
N ALA B 358 32.28 9.61 6.88
CA ALA B 358 31.85 11.01 7.03
C ALA B 358 30.33 11.10 7.39
N THR B 359 29.55 10.05 7.04
CA THR B 359 28.10 9.98 7.20
C THR B 359 27.75 8.79 8.11
N PRO B 360 28.05 8.83 9.44
CA PRO B 360 27.63 7.69 10.31
C PRO B 360 26.10 7.53 10.38
N PRO B 361 25.54 6.39 10.85
CA PRO B 361 24.07 6.28 10.96
C PRO B 361 23.45 7.32 11.92
N GLY B 362 22.42 7.97 11.45
CA GLY B 362 21.79 9.05 12.19
C GLY B 362 22.17 10.41 11.64
N SER B 363 23.22 10.46 10.78
CA SER B 363 23.71 11.69 10.15
C SER B 363 22.64 12.29 9.25
N VAL B 364 22.70 13.62 9.09
CA VAL B 364 21.81 14.46 8.31
C VAL B 364 22.67 15.35 7.37
N THR B 365 22.15 15.73 6.18
CA THR B 365 22.90 16.61 5.29
C THR B 365 22.71 18.04 5.76
N VAL B 366 23.85 18.72 6.02
CA VAL B 366 23.95 20.07 6.53
C VAL B 366 24.68 20.97 5.50
N PRO B 367 24.52 22.33 5.55
CA PRO B 367 25.28 23.20 4.61
C PRO B 367 26.78 22.97 4.62
N HIS B 368 27.39 23.12 3.45
CA HIS B 368 28.82 22.94 3.21
C HIS B 368 29.36 24.31 2.76
N PRO B 369 30.48 24.80 3.33
CA PRO B 369 30.94 26.16 2.97
C PRO B 369 31.24 26.41 1.48
N ASN B 370 31.72 25.37 0.76
CA ASN B 370 32.06 25.38 -0.66
C ASN B 370 30.89 25.12 -1.61
N ILE B 371 29.73 24.71 -1.09
CA ILE B 371 28.65 24.25 -1.97
C ILE B 371 27.44 25.16 -1.87
N GLU B 372 27.13 25.86 -2.97
CA GLU B 372 25.93 26.68 -3.14
C GLU B 372 24.80 25.76 -3.61
N GLU B 373 23.72 25.70 -2.83
CA GLU B 373 22.60 24.80 -3.11
C GLU B 373 21.43 25.55 -3.71
N VAL B 374 20.96 25.13 -4.92
CA VAL B 374 19.90 25.83 -5.69
C VAL B 374 18.81 24.86 -6.19
N ALA B 375 17.54 25.03 -5.76
CA ALA B 375 16.45 24.17 -6.25
C ALA B 375 16.18 24.39 -7.72
N LEU B 376 15.99 23.31 -8.46
CA LEU B 376 15.47 23.39 -9.83
C LEU B 376 14.07 24.02 -9.86
N SER B 377 13.77 24.78 -10.91
CA SER B 377 12.46 25.38 -11.11
C SER B 377 11.80 24.66 -12.29
N ASN B 378 10.68 25.20 -12.79
CA ASN B 378 10.04 24.66 -13.97
C ASN B 378 10.49 25.35 -15.28
N THR B 379 11.25 26.43 -15.13
CA THR B 379 11.80 27.19 -16.26
C THR B 379 13.20 26.63 -16.61
N GLY B 380 13.34 26.25 -17.88
CA GLY B 380 14.54 25.70 -18.49
C GLY B 380 14.21 24.91 -19.73
N GLU B 381 15.19 24.72 -20.59
CA GLU B 381 15.08 24.01 -21.87
C GLU B 381 15.01 22.48 -21.70
N ILE B 382 15.58 21.94 -20.60
CA ILE B 382 15.80 20.50 -20.47
C ILE B 382 14.90 19.90 -19.40
N PRO B 383 13.84 19.17 -19.78
CA PRO B 383 13.02 18.47 -18.77
C PRO B 383 13.85 17.49 -17.93
N PHE B 384 13.67 17.57 -16.61
CA PHE B 384 14.35 16.70 -15.68
C PHE B 384 13.48 16.43 -14.47
N TYR B 385 12.88 15.23 -14.42
CA TYR B 385 12.11 14.70 -13.26
C TYR B 385 10.96 15.65 -12.83
N GLY B 386 10.30 16.24 -13.83
CA GLY B 386 9.18 17.13 -13.60
C GLY B 386 9.58 18.59 -13.46
N LYS B 387 10.86 18.84 -13.17
CA LYS B 387 11.45 20.17 -13.13
C LYS B 387 12.25 20.39 -14.42
N ALA B 388 12.99 21.51 -14.51
CA ALA B 388 13.70 21.88 -15.73
C ALA B 388 15.15 22.32 -15.47
N ILE B 389 16.03 22.10 -16.44
CA ILE B 389 17.45 22.50 -16.38
C ILE B 389 17.65 23.60 -17.43
N PRO B 390 18.11 24.80 -17.06
CA PRO B 390 18.48 25.76 -18.11
C PRO B 390 19.77 25.30 -18.83
N ILE B 391 19.80 25.45 -20.17
CA ILE B 391 20.96 25.20 -21.02
C ILE B 391 22.21 25.95 -20.50
N GLU B 392 22.02 27.14 -19.93
CA GLU B 392 23.08 28.03 -19.44
C GLU B 392 23.82 27.45 -18.24
N ALA B 393 23.09 26.74 -17.36
CA ALA B 393 23.66 26.10 -16.18
C ALA B 393 24.65 24.97 -16.54
N ILE B 394 24.53 24.35 -17.73
CA ILE B 394 25.38 23.20 -18.10
C ILE B 394 26.16 23.38 -19.44
N ARG B 395 25.92 24.46 -20.20
CA ARG B 395 26.66 24.78 -21.42
C ARG B 395 28.02 25.34 -20.98
N GLY B 396 29.09 24.58 -21.16
CA GLY B 396 30.40 24.99 -20.64
C GLY B 396 30.64 24.49 -19.24
N GLY B 397 31.88 24.12 -18.97
CA GLY B 397 32.23 23.48 -17.71
C GLY B 397 31.97 21.99 -17.68
N ARG B 398 32.30 21.36 -16.53
CA ARG B 398 32.18 19.93 -16.28
C ARG B 398 31.12 19.73 -15.25
N HIS B 399 30.00 19.02 -15.62
CA HIS B 399 28.80 18.84 -14.79
C HIS B 399 28.42 17.40 -14.69
N LEU B 400 27.93 17.00 -13.52
CA LEU B 400 27.46 15.65 -13.25
C LEU B 400 25.95 15.69 -12.99
N ILE B 401 25.18 14.93 -13.77
CA ILE B 401 23.75 14.74 -13.53
C ILE B 401 23.49 13.32 -13.01
N PHE B 402 22.94 13.18 -11.77
CA PHE B 402 22.49 11.88 -11.27
C PHE B 402 21.08 11.52 -11.72
N CYS B 403 20.96 10.43 -12.45
CA CYS B 403 19.67 9.77 -12.76
C CYS B 403 19.51 8.45 -12.02
N HIS B 404 18.25 8.01 -11.83
CA HIS B 404 17.90 6.82 -11.04
C HIS B 404 18.13 5.50 -11.82
N SER B 405 18.00 5.52 -13.18
CA SER B 405 18.05 4.34 -14.07
C SER B 405 19.00 4.58 -15.27
N LYS B 406 19.48 3.50 -15.91
CA LYS B 406 20.31 3.63 -17.11
C LYS B 406 19.52 4.18 -18.34
N LYS B 407 18.24 3.83 -18.44
CA LYS B 407 17.31 4.31 -19.46
C LYS B 407 17.17 5.83 -19.41
N LYS B 408 16.98 6.40 -18.20
CA LYS B 408 16.97 7.87 -18.02
C LYS B 408 18.31 8.54 -18.40
N CYS B 409 19.46 7.89 -18.07
CA CYS B 409 20.82 8.33 -18.44
C CYS B 409 21.02 8.38 -19.95
N ASP B 410 20.48 7.39 -20.70
CA ASP B 410 20.63 7.36 -22.16
C ASP B 410 19.76 8.42 -22.83
N GLU B 411 18.51 8.60 -22.34
CA GLU B 411 17.59 9.58 -22.89
C GLU B 411 18.09 10.98 -22.68
N LEU B 412 18.50 11.32 -21.43
CA LEU B 412 19.04 12.64 -21.11
C LEU B 412 20.32 12.98 -21.88
N ALA B 413 21.28 12.05 -21.96
CA ALA B 413 22.53 12.24 -22.72
C ALA B 413 22.29 12.41 -24.25
N ALA B 414 21.26 11.72 -24.80
CA ALA B 414 20.89 11.84 -26.22
C ALA B 414 20.25 13.19 -26.49
N LYS B 415 19.44 13.70 -25.53
CA LYS B 415 18.84 15.03 -25.65
C LYS B 415 19.97 16.05 -25.70
N LEU B 416 20.80 16.06 -24.65
CA LEU B 416 21.95 16.97 -24.51
C LEU B 416 22.88 16.93 -25.70
N SER B 417 23.10 15.75 -26.30
CA SER B 417 23.93 15.59 -27.50
C SER B 417 23.37 16.31 -28.76
N GLY B 418 22.06 16.16 -28.99
CA GLY B 418 21.32 16.86 -30.04
C GLY B 418 21.33 18.37 -29.86
N LEU B 419 21.18 18.83 -28.60
CA LEU B 419 21.25 20.22 -28.17
C LEU B 419 22.66 20.84 -28.33
N GLY B 420 23.59 20.06 -28.90
CA GLY B 420 24.98 20.44 -29.14
C GLY B 420 25.93 20.39 -27.96
N ILE B 421 25.41 20.04 -26.78
CA ILE B 421 26.22 19.89 -25.58
C ILE B 421 26.98 18.54 -25.64
N ASN B 422 28.30 18.57 -25.36
CA ASN B 422 29.14 17.38 -25.24
C ASN B 422 28.69 16.61 -24.00
N ALA B 423 27.99 15.47 -24.24
CA ALA B 423 27.36 14.69 -23.17
C ALA B 423 27.59 13.21 -23.32
N VAL B 424 27.60 12.53 -22.16
CA VAL B 424 28.10 11.17 -22.00
C VAL B 424 27.30 10.52 -20.88
N ALA B 425 26.88 9.26 -21.07
CA ALA B 425 26.18 8.47 -20.02
C ALA B 425 27.11 7.46 -19.43
N TYR B 426 27.07 7.32 -18.08
CA TYR B 426 27.80 6.29 -17.36
C TYR B 426 26.89 5.53 -16.40
N TYR B 427 26.90 4.20 -16.51
CA TYR B 427 26.18 3.31 -15.57
C TYR B 427 26.90 1.97 -15.54
N ARG B 428 26.42 0.99 -14.71
CA ARG B 428 27.01 -0.37 -14.62
C ARG B 428 26.97 -1.06 -15.99
N GLY B 429 28.09 -1.64 -16.38
CA GLY B 429 28.22 -2.27 -17.68
C GLY B 429 29.10 -1.50 -18.62
N LEU B 430 29.19 -0.18 -18.41
CA LEU B 430 30.00 0.72 -19.24
C LEU B 430 31.41 0.85 -18.70
N ASP B 431 32.39 0.97 -19.60
CA ASP B 431 33.73 1.28 -19.14
C ASP B 431 33.89 2.77 -18.85
N VAL B 432 34.67 3.08 -17.82
CA VAL B 432 34.79 4.46 -17.34
C VAL B 432 35.48 5.40 -18.37
N SER B 433 36.12 4.81 -19.42
CA SER B 433 36.78 5.55 -20.51
C SER B 433 35.79 6.44 -21.33
N VAL B 434 34.50 6.25 -21.09
CA VAL B 434 33.41 7.07 -21.65
C VAL B 434 33.48 8.52 -21.14
N ILE B 435 33.93 8.69 -19.87
CA ILE B 435 34.14 9.98 -19.23
C ILE B 435 35.46 10.61 -19.68
N PRO B 436 35.40 11.82 -20.31
CA PRO B 436 36.65 12.59 -20.52
C PRO B 436 37.18 13.16 -19.22
N THR B 437 38.49 13.06 -19.06
CA THR B 437 39.25 13.45 -17.90
C THR B 437 39.46 14.97 -17.87
N ILE B 438 39.48 15.62 -19.04
CA ILE B 438 39.48 17.09 -19.17
C ILE B 438 38.51 17.61 -20.24
N GLY B 439 38.30 18.93 -20.21
CA GLY B 439 37.45 19.65 -21.14
C GLY B 439 35.99 19.52 -20.77
N ASP B 440 35.15 20.35 -21.39
CA ASP B 440 33.71 20.36 -21.10
C ASP B 440 33.08 18.99 -21.28
N VAL B 441 32.23 18.60 -20.36
CA VAL B 441 31.38 17.43 -20.49
C VAL B 441 30.19 17.61 -19.53
N VAL B 442 29.03 17.06 -19.89
CA VAL B 442 28.00 16.69 -18.94
C VAL B 442 27.99 15.16 -18.84
N VAL B 443 28.35 14.65 -17.64
CA VAL B 443 28.26 13.22 -17.32
C VAL B 443 26.87 12.99 -16.71
N VAL B 444 26.11 12.08 -17.29
CA VAL B 444 24.77 11.65 -16.88
C VAL B 444 24.97 10.23 -16.34
N ALA B 445 24.86 10.09 -15.04
CA ALA B 445 25.26 8.85 -14.39
C ALA B 445 24.29 8.37 -13.34
N THR B 446 24.29 7.05 -13.12
CA THR B 446 23.70 6.40 -11.94
C THR B 446 24.77 6.38 -10.82
N ASP B 447 24.42 5.81 -9.64
CA ASP B 447 25.32 5.66 -8.50
C ASP B 447 26.48 4.74 -8.77
N ALA B 448 26.50 4.05 -9.91
CA ALA B 448 27.67 3.25 -10.34
C ALA B 448 28.93 4.14 -10.44
N LEU B 449 28.75 5.45 -10.81
CA LEU B 449 29.77 6.53 -10.83
C LEU B 449 30.59 6.62 -9.56
N MET B 450 29.99 6.33 -8.39
CA MET B 450 30.66 6.33 -7.07
C MET B 450 31.79 5.34 -6.95
N THR B 451 31.75 4.21 -7.68
CA THR B 451 32.80 3.19 -7.58
C THR B 451 33.67 3.05 -8.87
N GLY B 452 33.29 3.72 -9.95
CA GLY B 452 34.00 3.62 -11.22
C GLY B 452 34.93 4.79 -11.52
N TYR B 453 34.62 5.96 -10.93
CA TYR B 453 35.24 7.23 -11.28
C TYR B 453 35.41 8.07 -10.03
N THR B 454 36.57 8.69 -9.88
CA THR B 454 36.95 9.40 -8.66
C THR B 454 36.79 10.96 -8.71
N GLY B 455 36.76 11.55 -9.91
CA GLY B 455 36.78 13.00 -10.08
C GLY B 455 35.60 13.78 -9.51
N ASP B 456 35.77 15.10 -9.49
CA ASP B 456 34.85 16.13 -9.02
C ASP B 456 34.37 17.04 -10.19
N PHE B 457 33.37 17.90 -9.93
CA PHE B 457 32.64 18.56 -11.02
C PHE B 457 32.30 19.97 -10.61
N ASP B 458 32.21 20.91 -11.55
CA ASP B 458 31.71 22.25 -11.26
C ASP B 458 30.32 22.27 -10.61
N SER B 459 29.36 21.47 -11.16
CA SER B 459 28.05 21.29 -10.53
C SER B 459 27.59 19.88 -10.55
N VAL B 460 26.72 19.54 -9.59
CA VAL B 460 25.98 18.29 -9.51
C VAL B 460 24.52 18.63 -9.54
N ILE B 461 23.79 18.02 -10.49
CA ILE B 461 22.34 18.01 -10.54
C ILE B 461 21.83 16.63 -10.18
N ASP B 462 20.92 16.58 -9.20
CA ASP B 462 20.49 15.34 -8.53
C ASP B 462 18.97 15.21 -8.65
N CYS B 463 18.52 14.11 -9.28
CA CYS B 463 17.14 13.59 -9.32
C CYS B 463 16.53 13.27 -7.94
N ASN B 464 17.39 13.10 -6.89
CA ASN B 464 17.02 12.82 -5.50
C ASN B 464 16.26 11.50 -5.30
N THR B 465 16.33 10.58 -6.28
CA THR B 465 15.74 9.24 -6.23
C THR B 465 16.74 8.17 -6.63
N CYS B 466 16.49 6.93 -6.18
CA CYS B 466 17.34 5.81 -6.51
C CYS B 466 16.55 4.52 -6.60
N VAL B 467 17.10 3.54 -7.32
CA VAL B 467 16.53 2.21 -7.43
C VAL B 467 17.02 1.41 -6.25
N THR B 468 16.09 0.77 -5.53
CA THR B 468 16.42 -0.09 -4.40
C THR B 468 15.76 -1.48 -4.54
N GLN B 469 16.30 -2.47 -3.84
CA GLN B 469 15.69 -3.82 -3.79
C GLN B 469 15.08 -4.05 -2.42
N THR B 470 13.86 -4.59 -2.35
CA THR B 470 13.26 -4.96 -1.05
C THR B 470 12.80 -6.41 -1.08
N VAL B 471 12.90 -7.13 0.02
CA VAL B 471 12.21 -8.43 0.19
C VAL B 471 10.77 -8.20 0.69
N ASP B 472 9.85 -8.99 0.14
CA ASP B 472 8.46 -9.12 0.56
C ASP B 472 8.26 -10.62 0.82
N PHE B 473 7.81 -11.00 2.03
CA PHE B 473 7.50 -12.40 2.37
C PHE B 473 6.03 -12.70 2.00
N SER B 474 5.81 -12.73 0.70
CA SER B 474 4.54 -12.76 0.03
C SER B 474 3.85 -14.13 0.02
N LEU B 475 4.57 -15.21 0.40
CA LEU B 475 4.04 -16.56 0.55
C LEU B 475 3.35 -17.03 -0.73
N ASP B 476 3.91 -16.63 -1.87
CA ASP B 476 3.26 -16.86 -3.14
C ASP B 476 4.22 -17.52 -4.17
N PRO B 477 4.92 -18.65 -3.86
CA PRO B 477 4.87 -19.52 -2.66
C PRO B 477 5.72 -19.14 -1.44
N THR B 478 6.77 -18.29 -1.63
CA THR B 478 7.85 -18.12 -0.65
C THR B 478 8.05 -16.63 -0.42
N PHE B 479 9.03 -16.02 -1.10
CA PHE B 479 9.32 -14.60 -0.98
C PHE B 479 9.46 -13.95 -2.36
N THR B 480 9.51 -12.63 -2.39
CA THR B 480 9.71 -11.82 -3.59
C THR B 480 10.87 -10.84 -3.32
N ILE B 481 11.80 -10.71 -4.28
CA ILE B 481 12.71 -9.53 -4.36
C ILE B 481 12.09 -8.49 -5.31
N GLU B 482 11.68 -7.33 -4.78
CA GLU B 482 11.05 -6.22 -5.51
C GLU B 482 12.11 -5.17 -5.84
N THR B 483 12.03 -4.57 -7.05
CA THR B 483 12.81 -3.41 -7.50
C THR B 483 11.89 -2.18 -7.53
N THR B 484 12.16 -1.18 -6.68
CA THR B 484 11.40 0.09 -6.56
C THR B 484 12.30 1.34 -6.69
N THR B 485 11.73 2.43 -7.20
CA THR B 485 12.34 3.75 -7.16
C THR B 485 11.92 4.39 -5.85
N VAL B 486 12.89 4.70 -4.99
CA VAL B 486 12.62 5.35 -3.70
C VAL B 486 13.34 6.70 -3.57
N PRO B 487 12.80 7.65 -2.76
CA PRO B 487 13.57 8.87 -2.47
C PRO B 487 14.91 8.54 -1.83
N GLN B 488 15.93 9.39 -2.05
CA GLN B 488 17.28 9.19 -1.50
C GLN B 488 17.29 9.33 0.04
N ASP B 489 18.28 8.72 0.70
CA ASP B 489 18.51 8.99 2.13
C ASP B 489 19.62 10.06 2.30
N ALA B 490 20.02 10.37 3.55
CA ALA B 490 20.98 11.42 3.86
C ALA B 490 22.39 11.08 3.37
N VAL B 491 22.72 9.80 3.38
CA VAL B 491 23.98 9.27 2.86
C VAL B 491 24.04 9.51 1.33
N SER B 492 23.05 9.02 0.58
CA SER B 492 22.94 9.31 -0.85
C SER B 492 23.08 10.79 -1.19
N ARG B 493 22.37 11.70 -0.47
CA ARG B 493 22.38 13.13 -0.76
C ARG B 493 23.75 13.72 -0.60
N SER B 494 24.44 13.37 0.50
CA SER B 494 25.74 13.90 0.85
C SER B 494 26.83 13.37 -0.07
N GLN B 495 26.78 12.07 -0.42
CA GLN B 495 27.73 11.45 -1.37
C GLN B 495 27.54 11.96 -2.80
N ARG B 496 26.29 12.25 -3.21
CA ARG B 496 26.04 12.83 -4.54
C ARG B 496 26.58 14.29 -4.64
N ARG B 497 26.26 15.14 -3.63
CA ARG B 497 26.61 16.56 -3.54
C ARG B 497 28.12 16.72 -3.37
N GLY B 498 28.71 15.80 -2.63
CA GLY B 498 30.16 15.69 -2.44
C GLY B 498 30.94 15.44 -3.71
N ARG B 499 30.29 15.37 -4.90
CA ARG B 499 31.03 15.35 -6.18
C ARG B 499 31.38 16.77 -6.68
N THR B 500 31.04 17.81 -5.90
CA THR B 500 31.29 19.21 -6.16
C THR B 500 31.70 19.84 -4.83
N GLY B 501 32.37 20.99 -4.88
CA GLY B 501 32.82 21.70 -3.69
C GLY B 501 34.06 21.12 -3.03
N ARG B 502 34.82 20.33 -3.78
CA ARG B 502 36.03 19.61 -3.36
C ARG B 502 37.23 20.52 -3.65
N GLY B 503 37.61 21.33 -2.66
CA GLY B 503 38.67 22.33 -2.75
C GLY B 503 38.43 23.46 -3.76
N ARG B 504 37.23 23.49 -4.34
CA ARG B 504 36.73 24.42 -5.35
C ARG B 504 35.32 24.90 -4.90
N ARG B 505 34.84 26.05 -5.41
CA ARG B 505 33.42 26.40 -5.20
C ARG B 505 32.55 25.51 -6.11
N GLY B 506 31.47 24.95 -5.57
CA GLY B 506 30.57 24.13 -6.35
C GLY B 506 29.12 24.53 -6.20
N ILE B 507 28.29 24.16 -7.19
CA ILE B 507 26.82 24.31 -7.16
C ILE B 507 26.15 22.95 -7.06
N TYR B 508 25.10 22.85 -6.27
CA TYR B 508 24.28 21.63 -6.18
C TYR B 508 22.81 21.94 -6.44
N ARG B 509 22.28 21.39 -7.54
CA ARG B 509 20.88 21.58 -7.93
C ARG B 509 20.12 20.33 -7.68
N PHE B 510 18.90 20.48 -7.14
CA PHE B 510 18.08 19.35 -6.73
C PHE B 510 16.63 19.49 -7.17
N VAL B 511 16.01 18.36 -7.51
CA VAL B 511 14.57 18.25 -7.76
C VAL B 511 13.77 18.44 -6.45
N THR B 512 14.08 17.63 -5.44
CA THR B 512 13.33 17.57 -4.19
C THR B 512 14.22 18.01 -3.01
N PRO B 513 13.68 18.67 -1.96
CA PRO B 513 14.55 19.12 -0.86
C PRO B 513 14.85 18.08 0.23
N GLY B 514 13.99 17.07 0.39
CA GLY B 514 14.09 16.13 1.49
C GLY B 514 15.10 15.00 1.32
N GLU B 515 15.14 14.12 2.35
CA GLU B 515 16.01 12.94 2.45
C GLU B 515 15.44 11.96 3.48
N ARG B 516 15.48 10.65 3.18
CA ARG B 516 15.06 9.62 4.14
C ARG B 516 16.11 9.51 5.26
N PRO B 517 15.76 8.98 6.45
CA PRO B 517 16.80 8.61 7.42
C PRO B 517 17.89 7.68 6.87
N SER B 518 19.12 7.91 7.34
CA SER B 518 20.30 7.16 6.98
C SER B 518 20.60 6.02 7.99
N GLY B 519 21.39 5.04 7.56
CA GLY B 519 21.94 4.01 8.44
C GLY B 519 21.06 2.79 8.62
N MET B 520 20.07 2.60 7.72
CA MET B 520 19.21 1.41 7.69
C MET B 520 19.33 0.71 6.35
N PHE B 521 19.38 -0.60 6.34
CA PHE B 521 19.30 -1.30 5.05
C PHE B 521 18.28 -2.46 5.08
N ASP B 522 17.84 -2.90 3.89
CA ASP B 522 16.82 -3.93 3.74
C ASP B 522 17.36 -5.36 3.91
N SER B 523 16.49 -6.30 4.29
CA SER B 523 16.82 -7.70 4.45
C SER B 523 17.26 -8.37 3.13
N SER B 524 16.83 -7.84 1.96
CA SER B 524 17.31 -8.34 0.68
C SER B 524 18.85 -8.23 0.57
N VAL B 525 19.47 -7.19 1.23
CA VAL B 525 20.92 -7.06 1.38
C VAL B 525 21.52 -8.27 2.10
N LEU B 526 20.83 -8.80 3.12
CA LEU B 526 21.30 -9.99 3.82
C LEU B 526 21.35 -11.15 2.84
N CYS B 527 20.25 -11.37 2.11
CA CYS B 527 20.10 -12.35 1.05
C CYS B 527 21.24 -12.24 0.01
N GLU B 528 21.68 -11.01 -0.26
CA GLU B 528 22.68 -10.67 -1.26
C GLU B 528 24.05 -11.07 -0.79
N CYS B 529 24.33 -10.90 0.51
CA CYS B 529 25.53 -11.42 1.20
C CYS B 529 25.65 -12.94 1.09
N TYR B 530 24.57 -13.68 1.43
CA TYR B 530 24.51 -15.14 1.26
C TYR B 530 24.71 -15.53 -0.18
N ASP B 531 24.03 -14.82 -1.12
CA ASP B 531 24.18 -15.06 -2.55
C ASP B 531 25.64 -14.93 -2.96
N ALA B 532 26.29 -13.79 -2.63
CA ALA B 532 27.69 -13.49 -2.98
C ALA B 532 28.70 -14.41 -2.30
N GLY B 533 28.45 -14.75 -1.03
CA GLY B 533 29.17 -15.78 -0.31
C GLY B 533 29.21 -17.08 -1.09
N CYS B 534 28.04 -17.53 -1.58
CA CYS B 534 27.87 -18.76 -2.34
C CYS B 534 28.43 -18.62 -3.78
N ALA B 535 28.17 -17.49 -4.46
CA ALA B 535 28.57 -17.31 -5.86
C ALA B 535 30.07 -16.98 -6.07
N TRP B 536 30.66 -16.09 -5.22
CA TRP B 536 31.99 -15.50 -5.42
C TRP B 536 33.08 -15.93 -4.46
N TYR B 537 32.74 -16.17 -3.17
CA TYR B 537 33.71 -16.25 -2.07
C TYR B 537 33.84 -17.65 -1.49
N GLU B 538 33.15 -18.63 -2.09
CA GLU B 538 33.21 -20.02 -1.64
C GLU B 538 33.03 -20.10 -0.12
N LEU B 539 31.98 -19.42 0.36
CA LEU B 539 31.57 -19.34 1.74
C LEU B 539 30.34 -20.18 1.90
N THR B 540 30.30 -21.06 2.91
CA THR B 540 29.05 -21.73 3.28
C THR B 540 28.02 -20.71 3.83
N PRO B 541 26.71 -21.00 3.77
CA PRO B 541 25.75 -20.12 4.48
C PRO B 541 26.00 -20.01 5.98
N ALA B 542 26.43 -21.08 6.64
CA ALA B 542 26.88 -21.04 8.06
C ALA B 542 28.04 -20.05 8.30
N GLU B 543 29.09 -20.11 7.45
CA GLU B 543 30.19 -19.15 7.51
C GLU B 543 29.74 -17.71 7.26
N THR B 544 28.86 -17.47 6.25
CA THR B 544 28.24 -16.15 6.03
C THR B 544 27.51 -15.63 7.28
N SER B 545 26.89 -16.53 8.07
CA SER B 545 26.14 -16.08 9.25
C SER B 545 27.03 -15.49 10.33
N VAL B 546 28.18 -16.17 10.57
CA VAL B 546 29.26 -15.84 11.51
C VAL B 546 29.78 -14.41 11.26
N ARG B 547 30.11 -14.12 10.00
CA ARG B 547 30.61 -12.83 9.52
C ARG B 547 29.57 -11.73 9.67
N LEU B 548 28.31 -12.04 9.35
CA LEU B 548 27.20 -11.10 9.39
C LEU B 548 26.72 -10.78 10.82
N ARG B 549 26.77 -11.77 11.70
CA ARG B 549 26.52 -11.69 13.13
C ARG B 549 27.49 -10.71 13.75
N ALA B 550 28.80 -10.86 13.46
CA ALA B 550 29.86 -9.93 13.83
C ALA B 550 29.50 -8.49 13.45
N TYR B 551 29.06 -8.27 12.20
CA TYR B 551 28.63 -6.95 11.71
C TYR B 551 27.44 -6.41 12.52
N LEU B 552 26.42 -7.25 12.72
CA LEU B 552 25.17 -6.89 13.38
C LEU B 552 25.36 -6.58 14.87
N ASN B 553 26.20 -7.38 15.57
CA ASN B 553 26.57 -7.22 16.98
C ASN B 553 27.54 -6.06 17.27
N THR B 554 28.00 -5.35 16.23
CA THR B 554 28.91 -4.22 16.41
C THR B 554 28.10 -2.93 16.32
N PRO B 555 28.07 -2.08 17.38
CA PRO B 555 27.26 -0.86 17.33
C PRO B 555 27.94 0.24 16.52
N GLY B 556 27.14 1.20 16.08
CA GLY B 556 27.63 2.31 15.28
C GLY B 556 27.67 2.07 13.79
N LEU B 557 27.36 0.84 13.37
CA LEU B 557 27.24 0.46 11.95
C LEU B 557 25.79 0.62 11.48
N PRO B 558 25.51 0.64 10.14
CA PRO B 558 24.10 0.55 9.70
C PRO B 558 23.36 -0.65 10.27
N VAL B 559 22.02 -0.52 10.39
CA VAL B 559 21.16 -1.52 11.03
C VAL B 559 20.21 -2.23 10.06
N CYS B 560 19.87 -3.47 10.38
CA CYS B 560 19.00 -4.36 9.62
C CYS B 560 18.17 -5.23 10.57
N GLN B 561 16.97 -5.66 10.13
CA GLN B 561 16.23 -6.71 10.84
C GLN B 561 17.06 -7.99 10.85
N ASP B 562 17.08 -8.70 11.97
CA ASP B 562 17.90 -9.90 12.09
C ASP B 562 17.17 -11.11 11.50
N HIS B 563 17.54 -11.42 10.23
CA HIS B 563 16.93 -12.44 9.40
C HIS B 563 17.99 -13.41 8.92
N LEU B 564 19.07 -13.50 9.69
CA LEU B 564 20.26 -14.31 9.39
C LEU B 564 19.87 -15.79 9.37
N GLU B 565 19.17 -16.29 10.44
CA GLU B 565 18.68 -17.68 10.56
C GLU B 565 17.79 -18.12 9.37
N PHE B 566 16.76 -17.31 8.98
CA PHE B 566 15.92 -17.53 7.78
C PHE B 566 16.74 -17.62 6.51
N TRP B 567 17.50 -16.56 6.16
CA TRP B 567 18.33 -16.52 4.95
C TRP B 567 19.36 -17.67 4.89
N GLU B 568 19.95 -18.02 6.02
CA GLU B 568 20.86 -19.17 6.12
C GLU B 568 20.13 -20.43 5.74
N SER B 569 18.90 -20.61 6.30
CA SER B 569 18.09 -21.79 6.06
C SER B 569 17.73 -21.97 4.57
N VAL B 570 17.44 -20.88 3.83
CA VAL B 570 17.03 -21.10 2.44
C VAL B 570 18.26 -21.46 1.58
N PHE B 571 19.44 -20.76 1.77
CA PHE B 571 20.64 -21.05 0.98
C PHE B 571 21.21 -22.44 1.27
N THR B 572 21.14 -22.90 2.55
CA THR B 572 21.46 -24.28 2.96
C THR B 572 20.79 -25.36 2.06
N GLY B 573 19.51 -25.17 1.72
CA GLY B 573 18.78 -26.06 0.81
C GLY B 573 19.19 -26.03 -0.66
N LEU B 574 19.94 -24.97 -1.08
CA LEU B 574 20.31 -24.72 -2.48
C LEU B 574 21.58 -25.49 -2.88
N THR B 575 21.52 -26.83 -2.76
CA THR B 575 22.66 -27.74 -2.99
C THR B 575 22.78 -28.15 -4.45
N HIS B 576 24.01 -28.38 -4.94
CA HIS B 576 24.29 -28.91 -6.30
C HIS B 576 23.82 -27.99 -7.44
N ILE B 577 24.22 -26.72 -7.41
CA ILE B 577 23.99 -25.78 -8.52
C ILE B 577 24.68 -26.29 -9.79
N ASP B 578 24.18 -25.91 -10.96
CA ASP B 578 24.89 -26.15 -12.21
C ASP B 578 25.92 -25.04 -12.34
N ALA B 579 27.22 -25.42 -12.32
CA ALA B 579 28.38 -24.55 -12.38
C ALA B 579 28.42 -23.69 -13.65
N HIS B 580 27.89 -24.22 -14.79
CA HIS B 580 27.82 -23.49 -16.05
C HIS B 580 26.79 -22.39 -16.05
N PHE B 581 25.61 -22.61 -15.44
CA PHE B 581 24.63 -21.54 -15.21
C PHE B 581 25.17 -20.47 -14.26
N LEU B 582 25.87 -20.89 -13.18
CA LEU B 582 26.40 -20.00 -12.13
C LEU B 582 27.47 -19.09 -12.72
N SER B 583 28.46 -19.70 -13.43
CA SER B 583 29.47 -19.02 -14.25
C SER B 583 28.79 -17.98 -15.14
N GLN B 584 27.77 -18.40 -15.87
CA GLN B 584 27.02 -17.53 -16.78
C GLN B 584 26.33 -16.34 -16.10
N THR B 585 25.66 -16.56 -14.93
CA THR B 585 24.98 -15.46 -14.22
C THR B 585 25.98 -14.55 -13.55
N LYS B 586 27.16 -15.10 -13.23
CA LYS B 586 28.30 -14.37 -12.67
C LYS B 586 28.92 -13.44 -13.73
N GLN B 587 29.32 -14.01 -14.89
CA GLN B 587 29.75 -13.29 -16.09
C GLN B 587 28.82 -12.16 -16.50
N ALA B 588 27.49 -12.37 -16.46
CA ALA B 588 26.49 -11.38 -16.88
C ALA B 588 26.39 -10.20 -15.91
N GLY B 589 26.86 -10.39 -14.67
CA GLY B 589 27.06 -9.31 -13.71
C GLY B 589 25.87 -8.86 -12.90
N ASP B 590 24.64 -9.23 -13.32
CA ASP B 590 23.40 -8.85 -12.67
C ASP B 590 23.25 -9.38 -11.21
N ASN B 591 22.25 -8.87 -10.47
CA ASN B 591 22.09 -9.20 -9.05
C ASN B 591 21.52 -10.59 -8.87
N PHE B 592 21.79 -11.17 -7.70
CA PHE B 592 21.40 -12.50 -7.26
C PHE B 592 21.85 -13.59 -8.21
N PRO B 593 23.14 -13.61 -8.66
CA PRO B 593 23.55 -14.62 -9.65
C PRO B 593 23.33 -16.05 -9.12
N TYR B 594 23.55 -16.30 -7.80
CA TYR B 594 23.31 -17.62 -7.20
C TYR B 594 21.83 -18.03 -7.23
N LEU B 595 20.92 -17.16 -6.78
CA LEU B 595 19.44 -17.39 -6.84
C LEU B 595 18.95 -17.61 -8.25
N VAL B 596 19.44 -16.81 -9.20
CA VAL B 596 19.05 -16.91 -10.60
C VAL B 596 19.48 -18.26 -11.16
N ALA B 597 20.77 -18.61 -11.04
CA ALA B 597 21.31 -19.85 -11.52
C ALA B 597 20.71 -21.07 -10.80
N TYR B 598 20.37 -20.93 -9.50
CA TYR B 598 19.73 -22.04 -8.81
C TYR B 598 18.32 -22.30 -9.30
N GLN B 599 17.54 -21.23 -9.62
CA GLN B 599 16.25 -21.39 -10.32
C GLN B 599 16.43 -22.10 -11.68
N ALA B 600 17.37 -21.63 -12.49
CA ALA B 600 17.67 -22.20 -13.81
C ALA B 600 18.05 -23.70 -13.73
N THR B 601 18.91 -24.07 -12.73
CA THR B 601 19.28 -25.45 -12.45
C THR B 601 18.03 -26.32 -12.19
N VAL B 602 17.14 -25.87 -11.25
CA VAL B 602 15.90 -26.58 -10.92
C VAL B 602 15.04 -26.79 -12.17
N CYS B 603 14.85 -25.73 -12.99
CA CYS B 603 14.16 -25.77 -14.28
C CYS B 603 14.77 -26.77 -15.28
N ALA B 604 16.09 -26.64 -15.56
CA ALA B 604 16.80 -27.53 -16.49
C ALA B 604 16.60 -29.00 -16.09
N ARG B 605 16.86 -29.32 -14.80
CA ARG B 605 16.71 -30.66 -14.23
C ARG B 605 15.26 -31.15 -14.13
N ALA B 606 14.31 -30.23 -13.95
CA ALA B 606 12.88 -30.58 -13.94
C ALA B 606 12.32 -30.67 -15.41
N GLN B 607 13.20 -30.43 -16.41
CA GLN B 607 12.91 -30.37 -17.84
C GLN B 607 11.76 -29.38 -18.11
N ALA B 608 11.74 -28.25 -17.32
CA ALA B 608 10.65 -27.27 -17.21
C ALA B 608 11.09 -25.83 -17.61
N PRO B 609 10.22 -24.98 -18.20
CA PRO B 609 10.66 -23.63 -18.56
C PRO B 609 10.89 -22.65 -17.38
N PRO B 610 11.66 -21.56 -17.63
CA PRO B 610 11.90 -20.54 -16.57
C PRO B 610 10.65 -19.72 -16.23
N PRO B 611 10.66 -18.86 -15.16
CA PRO B 611 9.47 -18.03 -14.87
C PRO B 611 8.96 -17.20 -16.07
N SER B 612 9.89 -16.80 -16.96
CA SER B 612 9.62 -16.04 -18.18
C SER B 612 10.85 -16.12 -19.10
N TRP B 613 10.80 -15.54 -20.30
CA TRP B 613 12.01 -15.41 -21.10
C TRP B 613 12.61 -13.96 -21.05
N ASP B 614 12.75 -13.39 -19.83
CA ASP B 614 13.53 -12.15 -19.62
C ASP B 614 15.03 -12.47 -19.76
N GLN B 615 15.88 -11.45 -19.98
CA GLN B 615 17.32 -11.59 -20.10
C GLN B 615 17.96 -12.30 -18.89
N MET B 616 17.19 -12.40 -17.80
CA MET B 616 17.59 -13.08 -16.58
C MET B 616 17.74 -14.59 -16.84
N TRP B 617 16.84 -15.16 -17.66
CA TRP B 617 16.76 -16.59 -17.88
C TRP B 617 17.47 -17.02 -19.21
N LYS B 618 18.34 -16.11 -19.75
CA LYS B 618 19.27 -16.26 -20.89
C LYS B 618 19.89 -17.66 -20.96
N CYS B 619 20.53 -18.12 -19.84
CA CYS B 619 21.22 -19.41 -19.67
C CYS B 619 20.35 -20.64 -20.04
N LEU B 620 19.03 -20.46 -20.19
CA LEU B 620 18.08 -21.53 -20.50
C LEU B 620 17.67 -21.57 -22.00
N ILE B 621 18.06 -20.55 -22.82
CA ILE B 621 17.70 -20.42 -24.26
C ILE B 621 18.06 -21.68 -25.09
N ARG B 622 19.23 -22.30 -24.86
CA ARG B 622 19.61 -23.55 -25.54
C ARG B 622 18.70 -24.74 -25.20
N LEU B 623 17.89 -24.64 -24.11
CA LEU B 623 16.94 -25.65 -23.67
C LEU B 623 15.48 -25.24 -23.97
N LYS B 624 15.26 -24.04 -24.59
CA LYS B 624 13.94 -23.49 -24.92
C LYS B 624 13.03 -24.48 -25.69
N PRO B 625 13.49 -25.20 -26.76
CA PRO B 625 12.58 -26.17 -27.42
C PRO B 625 12.25 -27.46 -26.62
N THR B 626 12.99 -27.79 -25.54
CA THR B 626 12.80 -29.08 -24.81
C THR B 626 11.99 -28.89 -23.49
N LEU B 627 11.99 -27.68 -22.94
CA LEU B 627 11.36 -27.31 -21.67
C LEU B 627 9.90 -26.98 -21.93
N HIS B 628 9.00 -27.80 -21.41
CA HIS B 628 7.56 -27.58 -21.43
C HIS B 628 6.98 -27.80 -20.02
N GLY B 629 5.76 -27.30 -19.83
CA GLY B 629 4.99 -27.50 -18.61
C GLY B 629 5.15 -26.42 -17.57
N PRO B 630 4.59 -26.64 -16.35
CA PRO B 630 4.72 -25.59 -15.29
C PRO B 630 6.13 -25.42 -14.71
N THR B 631 6.45 -24.15 -14.38
CA THR B 631 7.68 -23.71 -13.74
C THR B 631 7.76 -24.23 -12.28
N PRO B 632 8.82 -25.01 -11.93
CA PRO B 632 9.06 -25.31 -10.50
C PRO B 632 9.57 -24.04 -9.80
N LEU B 633 8.62 -23.16 -9.43
CA LEU B 633 8.97 -21.81 -8.93
C LEU B 633 9.40 -21.91 -7.49
N LEU B 634 10.59 -21.31 -7.23
CA LEU B 634 11.29 -21.32 -5.95
C LEU B 634 11.02 -20.07 -5.13
N TYR B 635 10.90 -18.91 -5.81
CA TYR B 635 10.85 -17.54 -5.29
C TYR B 635 10.66 -16.63 -6.49
N ARG B 636 10.34 -15.36 -6.23
CA ARG B 636 10.04 -14.40 -7.31
C ARG B 636 11.13 -13.34 -7.36
N LEU B 637 11.86 -13.32 -8.48
CA LEU B 637 12.99 -12.41 -8.73
C LEU B 637 12.62 -11.40 -9.83
N GLY B 638 11.36 -11.46 -10.25
CA GLY B 638 10.74 -10.60 -11.25
C GLY B 638 9.39 -11.18 -11.62
N ALA B 639 8.85 -10.78 -12.78
CA ALA B 639 7.55 -11.25 -13.23
C ALA B 639 7.57 -12.71 -13.63
N VAL B 640 6.49 -13.40 -13.31
CA VAL B 640 6.30 -14.80 -13.59
C VAL B 640 5.20 -14.85 -14.64
N GLN B 641 5.59 -15.17 -15.87
CA GLN B 641 4.62 -15.29 -16.95
C GLN B 641 4.07 -16.70 -17.04
N ASN B 642 4.92 -17.73 -16.91
CA ASN B 642 4.51 -19.13 -17.07
C ASN B 642 3.60 -19.62 -15.96
N GLU B 643 2.86 -20.72 -16.20
CA GLU B 643 2.12 -21.46 -15.17
C GLU B 643 3.11 -22.00 -14.14
N VAL B 644 2.73 -22.04 -12.86
CA VAL B 644 3.65 -22.48 -11.84
C VAL B 644 3.20 -23.82 -11.21
N THR B 645 4.19 -24.70 -10.90
CA THR B 645 3.97 -25.85 -10.03
C THR B 645 4.63 -25.63 -8.66
N LEU B 646 3.93 -25.95 -7.56
CA LEU B 646 4.48 -25.90 -6.19
C LEU B 646 4.99 -27.31 -5.71
N THR B 647 5.15 -28.29 -6.65
CA THR B 647 5.46 -29.69 -6.30
C THR B 647 6.96 -30.00 -6.11
N HIS B 648 7.89 -29.11 -6.53
CA HIS B 648 9.34 -29.40 -6.41
C HIS B 648 9.82 -29.48 -4.94
N PRO B 649 10.62 -30.52 -4.55
CA PRO B 649 11.22 -30.54 -3.18
C PRO B 649 11.93 -29.26 -2.75
N ILE B 650 12.55 -28.51 -3.68
CA ILE B 650 13.27 -27.28 -3.28
C ILE B 650 12.24 -26.21 -2.85
N THR B 651 11.16 -26.05 -3.64
CA THR B 651 9.99 -25.20 -3.34
C THR B 651 9.38 -25.58 -1.99
N LYS B 652 9.13 -26.89 -1.76
CA LYS B 652 8.58 -27.40 -0.51
C LYS B 652 9.48 -27.03 0.68
N TYR B 653 10.82 -27.14 0.47
CA TYR B 653 11.84 -26.74 1.43
C TYR B 653 11.82 -25.23 1.73
N ILE B 654 11.80 -24.35 0.69
CA ILE B 654 11.77 -22.88 0.92
C ILE B 654 10.43 -22.48 1.56
N MET B 655 9.33 -23.19 1.24
CA MET B 655 8.03 -22.98 1.89
C MET B 655 8.03 -23.31 3.42
N ALA B 656 8.80 -24.37 3.82
CA ALA B 656 8.99 -24.74 5.22
C ALA B 656 9.82 -23.67 5.96
N CYS B 657 10.88 -23.14 5.29
CA CYS B 657 11.71 -22.00 5.73
C CYS B 657 10.88 -20.76 6.10
N MET B 658 9.67 -20.56 5.48
CA MET B 658 8.78 -19.39 5.70
C MET B 658 8.14 -19.42 7.08
N SER B 659 8.21 -20.59 7.79
CA SER B 659 7.65 -20.72 9.13
C SER B 659 8.56 -20.15 10.21
N ALA B 660 9.80 -19.79 9.85
CA ALA B 660 10.75 -19.11 10.74
C ALA B 660 10.12 -17.85 11.36
N ASP B 661 10.53 -17.52 12.60
CA ASP B 661 10.15 -16.23 13.19
C ASP B 661 10.86 -15.14 12.39
N LEU B 662 10.10 -14.18 11.90
CA LEU B 662 10.64 -13.04 11.18
C LEU B 662 10.20 -11.76 11.87
N GLU B 663 11.18 -10.99 12.33
CA GLU B 663 10.90 -9.74 12.99
C GLU B 663 10.68 -8.73 11.88
N VAL B 664 9.57 -8.03 11.90
CA VAL B 664 9.24 -7.03 10.89
C VAL B 664 8.84 -5.77 11.63
N VAL B 665 9.25 -4.61 11.14
CA VAL B 665 8.91 -3.37 11.83
C VAL B 665 7.46 -3.00 11.61
N THR B 666 6.81 -2.47 12.66
CA THR B 666 5.41 -2.05 12.67
C THR B 666 5.26 -0.52 12.89
C1 R2N C . -16.95 -8.69 12.35
N2 R2N C . -17.75 -7.70 11.63
C3 R2N C . -18.43 -6.62 12.22
C4 R2N C . -19.07 -5.94 11.21
C5 R2N C . -18.79 -6.57 9.99
C6 R2N C . -19.15 -6.34 8.65
C7 R2N C . -18.68 -7.17 7.64
BR8 R2N C . -19.16 -6.83 5.85
C9 R2N C . -17.86 -8.27 7.94
C10 R2N C . -17.50 -8.52 9.25
C11 R2N C . -17.96 -7.68 10.27
C12 R2N C . -18.42 -6.34 13.68
O13 R2N C . -17.32 -6.37 14.28
O14 R2N C . -19.52 -6.10 14.22
H1 R2N C . -16.07 -8.32 12.55
H1A R2N C . -17.40 -8.94 13.17
H1B R2N C . -16.83 -9.49 11.78
H4 R2N C . -19.60 -5.17 11.32
H6 R2N C . -19.69 -5.60 8.43
H9 R2N C . -17.56 -8.82 7.25
H10 R2N C . -16.94 -9.25 9.45
C1 R2N D . 17.30 -2.01 -13.52
N2 R2N D . 18.13 -1.28 -12.56
C3 R2N D . 18.80 -0.08 -12.80
C4 R2N D . 19.47 0.27 -11.65
C5 R2N D . 19.22 -0.73 -10.67
C6 R2N D . 19.60 -0.92 -9.32
C7 R2N D . 19.15 -2.04 -8.62
BR8 R2N D . 19.66 -2.29 -6.80
C9 R2N D . 18.31 -2.97 -9.22
C10 R2N D . 17.92 -2.80 -10.54
C11 R2N D . 18.37 -1.68 -11.26
C12 R2N D . 18.76 0.61 -14.11
O13 R2N D . 19.86 0.97 -14.62
O14 R2N D . 17.65 0.79 -14.63
H10 R2N D . 17.36 -3.43 -10.95
H15 R2N D . 16.47 -1.52 -13.67
H16 R2N D . 17.79 -2.08 -14.37
H17 R2N D . 17.11 -2.89 -13.18
H18 R2N D . 20.01 1.03 -11.53
H19 R2N D . 20.16 -0.29 -8.89
H20 R2N D . 18.01 -3.73 -8.74
#